data_9UIE
#
_entry.id   9UIE
#
_cell.length_a   1.00
_cell.length_b   1.00
_cell.length_c   1.00
_cell.angle_alpha   90.00
_cell.angle_beta   90.00
_cell.angle_gamma   90.00
#
_symmetry.space_group_name_H-M   'P 1'
#
loop_
_entity.id
_entity.type
_entity.pdbx_description
1 polymer 'RNA (32-MER)'
2 polymer 'Protein SLFN14'
3 non-polymer 'ZINC ION'
#
loop_
_entity_poly.entity_id
_entity_poly.type
_entity_poly.pdbx_seq_one_letter_code
_entity_poly.pdbx_strand_id
1 'polyribonucleotide' GCAUCAGCUACCUAAAGUUCAGGUAGCUGAUG A
2 'polypeptide(L)'
;MESLKTDTEMPYPEVIVDVGRVIFGEENRKKMTNSCLKRSENSRIIRAICALLNSGGGVIKAEIDDKTYSYQCHGLGQDL
ETSFQKLLPSGSQKYLDYMQQGHNLLIFVKSWSPDVFSLPLRICSLRSNLYRRDVTSAINLSASSALELLREKGFRAQRG
RPRVKKLHPQQVLNRCIQEEEDMRILASEFFKKDKLMYKEKLNFTESTHVAFKRFTTKKVIPRIKEMLPHYVSAFANTQG
GYVLIGVDDKSKEVVGCKWEKVNPDLLKKEIENCIEKLPTFHFCCEKPKVNFTTKILNVYQKDVLDGYVCVIQVEPFCCV
VFAEAPDSWIMKDNSVTRLTAEQWVVMMLDTQSAPPSLVTDYNSSLISSASSARKSPGYPIKVHKFKEALQRHLFPVTQE
EVQFKPESLCKKLFSDHKELEGLMKTLIHPCSQGIVIFSRSWAGDVGFRKEQNVLCDALLIAVNSPVVLYTILIDPNWPG
GLEYARNTAHQLKQKLQTVGGYTGKVCIIPRLIHLSSTQSRPGEIPLRYPRSYRLADEEEMEDLLQALVVVSLSSRSLLS
DQMGCEFFNLLIMEQSQLLSESLQKTRELFIYCFPGVRKTALAIKIMEKIKDLFHCKPKEILYVCESDSLKDFVTQQTTC
QAVTRKTFMQGEFLKIKHIVMDETENFCSKYGNWYMKAKNITHPKAKGTGSENLHHGILWLFLDPFQIHHADVNGLPPPS
AQFPRKTITSGIHCALEIAKVMKEEMKRIKENPPSNMSPDTLALFSETAYEEATSAQALPGVCETKTNLTTEQIANYVAR
KCHSLFQSGYLPKDIAILCRRGEDRGRYRLALLKAMELIETHRPSEVVFSPATGVWGSHIVLDSIQQFSGLERTVVFGLS
PECDQSEEFHKLCFASRAIKHLYLLYEKRAAY
;
B,C
#
# COMPACT_ATOMS: atom_id res chain seq x y z
N SER B 3 -36.47 -4.23 7.61
CA SER B 3 -37.64 -3.64 6.98
C SER B 3 -37.65 -2.12 7.19
N LEU B 4 -37.85 -1.38 6.11
CA LEU B 4 -37.88 0.07 6.16
C LEU B 4 -39.16 0.55 6.84
N LYS B 5 -39.05 1.68 7.54
CA LYS B 5 -40.20 2.25 8.23
C LYS B 5 -41.28 2.65 7.23
N THR B 6 -42.53 2.33 7.55
CA THR B 6 -43.65 2.61 6.67
C THR B 6 -43.85 4.10 6.46
N ASP B 7 -43.99 4.51 5.21
CA ASP B 7 -44.14 5.93 4.88
C ASP B 7 -44.84 5.97 3.53
N THR B 8 -46.14 6.31 3.54
CA THR B 8 -46.95 6.22 2.33
C THR B 8 -46.76 7.41 1.39
N GLU B 9 -46.39 8.58 1.89
CA GLU B 9 -46.20 9.76 1.05
C GLU B 9 -44.71 9.95 0.79
N MET B 10 -44.34 10.00 -0.49
CA MET B 10 -42.96 9.99 -1.01
C MET B 10 -42.18 8.84 -0.40
N PRO B 11 -42.51 7.59 -0.75
CA PRO B 11 -41.88 6.40 -0.14
C PRO B 11 -40.54 6.05 -0.77
N TYR B 12 -39.52 6.81 -0.41
CA TYR B 12 -38.19 6.54 -0.94
C TYR B 12 -37.64 5.26 -0.34
N PRO B 13 -36.90 4.46 -1.12
CA PRO B 13 -36.27 3.24 -0.62
C PRO B 13 -34.99 3.52 0.17
N GLU B 14 -35.06 4.50 1.08
CA GLU B 14 -33.93 4.93 1.86
C GLU B 14 -34.38 5.13 3.30
N VAL B 15 -33.40 5.32 4.18
CA VAL B 15 -33.68 5.75 5.54
C VAL B 15 -34.01 7.24 5.48
N ILE B 16 -35.21 7.60 5.92
CA ILE B 16 -35.69 8.97 5.86
C ILE B 16 -35.68 9.54 7.28
N VAL B 17 -35.02 10.67 7.46
CA VAL B 17 -34.93 11.34 8.74
C VAL B 17 -35.77 12.61 8.66
N ASP B 18 -36.81 12.68 9.48
CA ASP B 18 -37.68 13.85 9.53
C ASP B 18 -37.15 14.81 10.59
N VAL B 19 -36.75 16.01 10.16
CA VAL B 19 -36.22 17.01 11.08
C VAL B 19 -37.25 18.08 11.42
N GLY B 20 -38.50 17.90 10.99
CA GLY B 20 -39.55 18.80 11.40
C GLY B 20 -39.55 20.12 10.65
N ARG B 21 -40.06 21.14 11.32
CA ARG B 21 -40.26 22.46 10.72
C ARG B 21 -38.94 23.23 10.73
N VAL B 22 -38.48 23.64 9.55
CA VAL B 22 -37.20 24.31 9.40
C VAL B 22 -37.39 25.53 8.51
N ILE B 23 -36.81 26.65 8.91
CA ILE B 23 -36.80 27.85 8.08
C ILE B 23 -35.74 27.69 7.00
N PHE B 24 -36.07 28.09 5.78
CA PHE B 24 -35.17 27.93 4.64
C PHE B 24 -35.14 29.20 3.82
N GLY B 25 -34.06 29.34 3.06
CA GLY B 25 -33.84 30.51 2.23
C GLY B 25 -32.82 31.44 2.84
N GLU B 26 -31.92 31.99 2.02
CA GLU B 26 -30.85 32.83 2.54
C GLU B 26 -31.40 34.05 3.24
N GLU B 27 -32.37 34.72 2.62
CA GLU B 27 -32.98 35.90 3.23
C GLU B 27 -33.73 35.55 4.51
N ASN B 28 -34.51 34.47 4.48
CA ASN B 28 -35.32 34.08 5.65
C ASN B 28 -34.46 33.71 6.86
N ARG B 29 -33.35 32.99 6.64
CA ARG B 29 -32.45 32.64 7.74
C ARG B 29 -31.81 33.87 8.35
N LYS B 30 -31.42 34.84 7.52
CA LYS B 30 -30.75 36.04 8.02
C LYS B 30 -31.65 36.87 8.93
N LYS B 31 -32.95 36.91 8.64
CA LYS B 31 -33.89 37.71 9.42
C LYS B 31 -34.44 36.97 10.63
N MET B 32 -33.85 35.84 11.01
CA MET B 32 -34.30 35.13 12.19
C MET B 32 -33.94 35.92 13.44
N THR B 33 -34.92 36.14 14.30
CA THR B 33 -34.70 36.90 15.53
C THR B 33 -34.35 36.01 16.70
N ASN B 34 -34.87 34.78 16.71
CA ASN B 34 -34.55 33.81 17.75
C ASN B 34 -33.30 33.07 17.31
N SER B 35 -32.13 33.52 17.79
CA SER B 35 -30.88 32.87 17.42
C SER B 35 -30.80 31.46 17.98
N CYS B 36 -31.40 31.22 19.15
CA CYS B 36 -31.40 29.88 19.73
C CYS B 36 -32.13 28.89 18.84
N LEU B 37 -33.29 29.30 18.30
CA LEU B 37 -34.04 28.44 17.40
C LEU B 37 -33.28 28.21 16.09
N LYS B 38 -32.59 29.25 15.61
CA LYS B 38 -31.76 29.11 14.41
C LYS B 38 -30.67 28.06 14.61
N ARG B 39 -29.97 28.13 15.74
CA ARG B 39 -28.93 27.15 16.02
C ARG B 39 -29.50 25.76 16.23
N SER B 40 -30.70 25.65 16.82
CA SER B 40 -31.33 24.36 17.00
C SER B 40 -31.65 23.70 15.65
N GLU B 41 -32.22 24.46 14.72
CA GLU B 41 -32.52 23.91 13.40
C GLU B 41 -31.25 23.52 12.66
N ASN B 42 -30.21 24.36 12.75
CA ASN B 42 -28.95 24.04 12.10
C ASN B 42 -28.34 22.75 12.66
N SER B 43 -28.37 22.59 13.98
CA SER B 43 -27.81 21.39 14.61
C SER B 43 -28.57 20.13 14.22
N ARG B 44 -29.90 20.19 14.17
CA ARG B 44 -30.69 19.04 13.78
C ARG B 44 -30.32 18.57 12.38
N ILE B 45 -30.26 19.48 11.41
CA ILE B 45 -29.96 19.12 10.04
C ILE B 45 -28.55 18.55 9.92
N ILE B 46 -27.58 19.22 10.55
CA ILE B 46 -26.18 18.80 10.40
C ILE B 46 -25.95 17.45 11.08
N ARG B 47 -26.63 17.20 12.20
CA ARG B 47 -26.48 15.91 12.85
C ARG B 47 -27.11 14.79 12.03
N ALA B 48 -28.26 15.06 11.42
CA ALA B 48 -28.88 14.10 10.53
C ALA B 48 -28.00 13.80 9.33
N ILE B 49 -27.36 14.83 8.76
CA ILE B 49 -26.46 14.61 7.63
C ILE B 49 -25.28 13.74 8.05
N CYS B 50 -24.69 14.04 9.20
CA CYS B 50 -23.55 13.24 9.67
C CYS B 50 -23.96 11.81 9.94
N ALA B 51 -25.13 11.59 10.53
CA ALA B 51 -25.61 10.24 10.77
C ALA B 51 -25.83 9.50 9.47
N LEU B 52 -26.41 10.16 8.47
CA LEU B 52 -26.65 9.50 7.19
C LEU B 52 -25.35 9.24 6.46
N LEU B 53 -24.40 10.16 6.54
CA LEU B 53 -23.11 9.93 5.91
C LEU B 53 -22.40 8.71 6.49
N ASN B 54 -22.64 8.42 7.76
CA ASN B 54 -21.98 7.32 8.44
C ASN B 54 -22.77 6.02 8.42
N SER B 55 -23.95 6.01 7.80
CA SER B 55 -24.83 4.86 7.87
C SER B 55 -25.42 4.49 6.52
N GLY B 56 -24.69 4.72 5.44
CA GLY B 56 -25.12 4.30 4.12
C GLY B 56 -25.97 5.28 3.34
N GLY B 57 -26.04 6.54 3.77
CA GLY B 57 -26.82 7.54 3.07
C GLY B 57 -28.30 7.49 3.39
N GLY B 58 -29.03 8.42 2.81
CA GLY B 58 -30.46 8.50 3.04
C GLY B 58 -31.00 9.85 2.61
N VAL B 59 -32.21 10.14 3.06
CA VAL B 59 -32.92 11.37 2.71
C VAL B 59 -33.32 12.08 4.00
N ILE B 60 -33.13 13.40 4.02
CA ILE B 60 -33.58 14.24 5.12
C ILE B 60 -34.80 15.02 4.65
N LYS B 61 -35.90 14.86 5.37
CA LYS B 61 -37.16 15.51 5.05
C LYS B 61 -37.43 16.62 6.05
N ALA B 62 -37.63 17.84 5.55
CA ALA B 62 -37.90 19.00 6.38
C ALA B 62 -39.17 19.68 5.91
N GLU B 63 -40.04 20.01 6.85
CA GLU B 63 -41.27 20.72 6.54
C GLU B 63 -40.97 22.21 6.40
N ILE B 64 -41.51 22.82 5.36
CA ILE B 64 -41.24 24.21 5.04
C ILE B 64 -42.41 25.05 5.54
N ASP B 65 -42.12 25.97 6.46
CA ASP B 65 -43.18 26.78 7.06
C ASP B 65 -43.69 27.87 6.12
N ASP B 66 -42.82 28.44 5.29
CA ASP B 66 -43.22 29.53 4.42
C ASP B 66 -43.90 28.95 3.19
N LYS B 67 -45.19 29.27 3.02
CA LYS B 67 -45.92 28.80 1.85
C LYS B 67 -45.47 29.50 0.58
N THR B 68 -44.85 30.66 0.68
CA THR B 68 -44.33 31.36 -0.48
C THR B 68 -42.88 31.03 -0.78
N TYR B 69 -42.26 30.16 0.01
CA TYR B 69 -40.87 29.82 -0.20
C TYR B 69 -40.69 29.05 -1.51
N SER B 70 -39.68 29.44 -2.28
CA SER B 70 -39.31 28.76 -3.51
C SER B 70 -37.80 28.53 -3.50
N TYR B 71 -37.39 27.30 -3.75
CA TYR B 71 -35.97 26.97 -3.70
C TYR B 71 -35.20 27.61 -4.86
N GLN B 72 -35.86 27.82 -6.00
CA GLN B 72 -35.20 28.46 -7.14
C GLN B 72 -34.78 29.88 -6.81
N CYS B 73 -35.64 30.62 -6.10
CA CYS B 73 -35.44 32.04 -5.90
C CYS B 73 -34.80 32.38 -4.55
N HIS B 74 -34.82 31.47 -3.58
CA HIS B 74 -34.39 31.80 -2.23
C HIS B 74 -33.15 31.06 -1.77
N GLY B 75 -32.91 29.83 -2.22
CA GLY B 75 -31.73 29.12 -1.77
C GLY B 75 -31.95 28.42 -0.43
N LEU B 76 -30.83 28.08 0.21
CA LEU B 76 -30.86 27.30 1.45
C LEU B 76 -30.66 28.17 2.69
N GLY B 77 -29.56 28.89 2.76
CA GLY B 77 -29.22 29.64 3.96
C GLY B 77 -27.73 29.62 4.24
N GLN B 78 -27.18 30.77 4.63
CA GLN B 78 -25.73 30.89 4.76
C GLN B 78 -25.19 29.98 5.86
N ASP B 79 -25.86 29.96 7.01
CA ASP B 79 -25.35 29.18 8.13
C ASP B 79 -25.40 27.68 7.84
N LEU B 80 -26.44 27.22 7.13
CA LEU B 80 -26.51 25.81 6.75
C LEU B 80 -25.38 25.44 5.82
N GLU B 81 -25.07 26.29 4.84
CA GLU B 81 -23.98 26.01 3.92
C GLU B 81 -22.63 26.02 4.63
N THR B 82 -22.44 26.94 5.58
CA THR B 82 -21.22 26.94 6.37
C THR B 82 -21.06 25.65 7.17
N SER B 83 -22.15 25.16 7.75
CA SER B 83 -22.11 23.88 8.45
C SER B 83 -21.79 22.73 7.51
N PHE B 84 -22.36 22.74 6.31
CA PHE B 84 -22.06 21.69 5.33
C PHE B 84 -20.59 21.68 4.95
N GLN B 85 -20.00 22.86 4.76
CA GLN B 85 -18.60 22.94 4.40
C GLN B 85 -17.69 22.50 5.54
N LYS B 86 -18.08 22.77 6.79
CA LYS B 86 -17.33 22.25 7.91
C LYS B 86 -17.38 20.72 7.95
N LEU B 87 -18.56 20.15 7.71
CA LEU B 87 -18.71 18.70 7.78
C LEU B 87 -18.03 18.00 6.63
N LEU B 88 -17.99 18.62 5.45
CA LEU B 88 -17.43 18.01 4.24
C LEU B 88 -16.40 18.95 3.63
N PRO B 89 -15.19 19.00 4.19
CA PRO B 89 -14.16 19.90 3.64
C PRO B 89 -13.72 19.54 2.23
N SER B 90 -13.95 18.31 1.79
CA SER B 90 -13.58 17.90 0.44
C SER B 90 -14.63 18.26 -0.60
N GLY B 91 -15.74 18.87 -0.19
CA GLY B 91 -16.77 19.26 -1.12
C GLY B 91 -18.10 18.61 -0.84
N SER B 92 -19.10 19.42 -0.50
CA SER B 92 -20.43 18.91 -0.22
C SER B 92 -21.22 18.57 -1.47
N GLN B 93 -20.74 18.97 -2.65
CA GLN B 93 -21.43 18.65 -3.89
C GLN B 93 -21.44 17.15 -4.14
N LYS B 94 -20.35 16.47 -3.79
CA LYS B 94 -20.24 15.03 -4.00
C LYS B 94 -21.17 14.21 -3.11
N TYR B 95 -21.78 14.82 -2.09
CA TYR B 95 -22.58 14.06 -1.13
C TYR B 95 -23.97 14.60 -0.87
N LEU B 96 -24.25 15.87 -1.15
CA LEU B 96 -25.53 16.47 -0.83
C LEU B 96 -26.21 17.00 -2.08
N ASP B 97 -27.51 16.75 -2.19
CA ASP B 97 -28.34 17.29 -3.24
C ASP B 97 -29.65 17.73 -2.63
N TYR B 98 -30.24 18.77 -3.20
CA TYR B 98 -31.41 19.41 -2.62
C TYR B 98 -32.54 19.46 -3.64
N MET B 99 -33.75 19.22 -3.16
CA MET B 99 -34.93 19.20 -4.02
C MET B 99 -36.14 19.58 -3.18
N GLN B 100 -36.98 20.46 -3.72
CA GLN B 100 -38.21 20.87 -3.05
C GLN B 100 -39.38 20.09 -3.63
N GLN B 101 -40.12 19.42 -2.74
CA GLN B 101 -41.29 18.62 -3.09
C GLN B 101 -42.50 19.21 -2.38
N GLY B 102 -43.13 20.19 -3.00
CA GLY B 102 -44.29 20.84 -2.38
C GLY B 102 -43.93 21.56 -1.10
N HIS B 103 -44.49 21.11 0.01
CA HIS B 103 -44.22 21.72 1.31
C HIS B 103 -43.00 21.11 1.99
N ASN B 104 -42.28 20.22 1.32
CA ASN B 104 -41.09 19.58 1.88
C ASN B 104 -39.84 20.02 1.13
N LEU B 105 -38.75 20.12 1.87
CA LEU B 105 -37.41 20.24 1.29
C LEU B 105 -36.63 18.98 1.64
N LEU B 106 -36.08 18.33 0.62
CA LEU B 106 -35.37 17.07 0.77
C LEU B 106 -33.89 17.28 0.52
N ILE B 107 -33.07 16.79 1.45
CA ILE B 107 -31.62 16.76 1.27
C ILE B 107 -31.24 15.30 1.07
N PHE B 108 -30.78 14.97 -0.13
CA PHE B 108 -30.36 13.62 -0.46
C PHE B 108 -28.89 13.47 -0.07
N VAL B 109 -28.62 12.55 0.85
CA VAL B 109 -27.29 12.35 1.41
C VAL B 109 -26.73 11.06 0.85
N LYS B 110 -25.60 11.18 0.17
CA LYS B 110 -24.86 10.02 -0.30
C LYS B 110 -23.97 9.50 0.83
N SER B 111 -23.80 8.19 0.88
CA SER B 111 -22.98 7.60 1.93
C SER B 111 -21.54 8.06 1.82
N TRP B 112 -20.92 8.29 2.97
CA TRP B 112 -19.50 8.65 3.01
C TRP B 112 -18.69 7.39 2.75
N SER B 113 -18.05 7.34 1.59
CA SER B 113 -17.22 6.21 1.20
C SER B 113 -16.06 6.74 0.40
N PRO B 114 -14.89 6.89 1.02
CA PRO B 114 -13.73 7.42 0.30
C PRO B 114 -13.23 6.41 -0.72
N ASP B 115 -12.57 6.93 -1.75
CA ASP B 115 -11.91 6.10 -2.75
C ASP B 115 -10.42 6.02 -2.43
N VAL B 116 -9.68 5.34 -3.32
CA VAL B 116 -8.26 5.13 -3.05
C VAL B 116 -7.47 6.44 -3.13
N PHE B 117 -7.91 7.37 -3.97
CA PHE B 117 -7.18 8.61 -4.24
C PHE B 117 -7.75 9.74 -3.39
N SER B 118 -7.74 9.55 -2.07
CA SER B 118 -8.31 10.53 -1.16
C SER B 118 -7.81 10.24 0.25
N LEU B 119 -8.27 11.05 1.20
CA LEU B 119 -7.92 10.83 2.60
C LEU B 119 -8.58 9.55 3.10
N PRO B 120 -7.91 8.80 3.98
CA PRO B 120 -8.45 7.54 4.49
C PRO B 120 -9.39 7.71 5.69
N LEU B 121 -10.31 8.66 5.57
CA LEU B 121 -11.29 8.90 6.62
C LEU B 121 -12.43 7.90 6.49
N ARG B 122 -12.74 7.20 7.58
CA ARG B 122 -13.75 6.16 7.53
C ARG B 122 -15.15 6.69 7.84
N ILE B 123 -15.26 7.67 8.73
CA ILE B 123 -16.54 8.27 9.09
C ILE B 123 -16.37 9.78 9.11
N CYS B 124 -17.49 10.47 9.23
CA CYS B 124 -17.54 11.92 9.23
C CYS B 124 -17.81 12.44 10.63
N SER B 125 -17.17 13.56 10.97
CA SER B 125 -17.34 14.16 12.28
C SER B 125 -17.47 15.67 12.14
N LEU B 126 -18.31 16.27 13.00
CA LEU B 126 -18.36 17.72 13.11
C LEU B 126 -17.12 18.24 13.83
N ARG B 127 -16.96 17.85 15.08
CA ARG B 127 -15.77 18.12 15.87
C ARG B 127 -15.30 16.81 16.47
N SER B 128 -14.01 16.52 16.35
CA SER B 128 -13.48 15.32 16.97
C SER B 128 -13.49 15.43 18.49
N ASN B 129 -13.42 16.65 19.02
CA ASN B 129 -13.30 16.94 20.44
C ASN B 129 -12.03 16.35 21.05
N LEU B 130 -11.04 16.07 20.20
CA LEU B 130 -9.68 15.80 20.64
C LEU B 130 -8.90 17.08 20.51
N TYR B 131 -8.33 17.56 21.60
CA TYR B 131 -7.65 18.83 21.62
C TYR B 131 -6.15 18.64 21.62
N ARG B 132 -5.45 19.55 20.94
CA ARG B 132 -4.00 19.57 20.89
C ARG B 132 -3.53 20.99 21.13
N ARG B 133 -2.48 21.14 21.92
CA ARG B 133 -1.97 22.46 22.27
C ARG B 133 -1.00 22.91 21.20
N ASP B 134 -1.33 24.01 20.52
CA ASP B 134 -0.45 24.63 19.53
C ASP B 134 -0.07 25.99 20.07
N VAL B 135 1.18 26.12 20.51
CA VAL B 135 1.67 27.31 21.20
C VAL B 135 0.74 27.61 22.37
N THR B 136 -0.04 28.69 22.27
CA THR B 136 -0.89 29.13 23.36
C THR B 136 -2.38 28.94 23.07
N SER B 137 -2.73 28.01 22.20
CA SER B 137 -4.11 27.74 21.86
C SER B 137 -4.42 26.25 22.03
N ALA B 138 -5.64 25.96 22.47
CA ALA B 138 -6.15 24.60 22.55
C ALA B 138 -7.01 24.37 21.31
N ILE B 139 -6.51 23.56 20.38
CA ILE B 139 -7.12 23.40 19.06
C ILE B 139 -7.95 22.12 19.05
N ASN B 140 -9.24 22.26 18.72
CA ASN B 140 -10.10 21.11 18.50
C ASN B 140 -9.77 20.52 17.15
N LEU B 141 -9.14 19.34 17.14
CA LEU B 141 -8.63 18.76 15.91
C LEU B 141 -9.76 18.42 14.94
N SER B 142 -9.49 18.57 13.65
CA SER B 142 -10.43 18.12 12.65
C SER B 142 -10.42 16.59 12.59
N ALA B 143 -11.26 16.04 11.70
CA ALA B 143 -11.33 14.59 11.59
C ALA B 143 -10.02 14.01 11.08
N SER B 144 -9.43 14.64 10.07
CA SER B 144 -8.15 14.16 9.53
C SER B 144 -7.02 14.34 10.53
N SER B 145 -7.02 15.47 11.25
CA SER B 145 -6.02 15.69 12.29
C SER B 145 -6.16 14.67 13.41
N ALA B 146 -7.41 14.36 13.80
CA ALA B 146 -7.66 13.35 14.81
C ALA B 146 -7.18 11.97 14.37
N LEU B 147 -7.38 11.63 13.10
CA LEU B 147 -6.90 10.36 12.58
C LEU B 147 -5.38 10.27 12.65
N GLU B 148 -4.69 11.35 12.31
CA GLU B 148 -3.23 11.36 12.45
C GLU B 148 -2.81 11.13 13.88
N LEU B 149 -3.48 11.81 14.83
CA LEU B 149 -3.14 11.65 16.24
C LEU B 149 -3.38 10.22 16.72
N LEU B 150 -4.51 9.63 16.32
CA LEU B 150 -4.82 8.27 16.73
C LEU B 150 -3.80 7.28 16.19
N ARG B 151 -3.40 7.43 14.93
CA ARG B 151 -2.42 6.52 14.36
C ARG B 151 -1.05 6.67 15.01
N GLU B 152 -0.64 7.91 15.32
CA GLU B 152 0.63 8.10 16.02
C GLU B 152 0.61 7.47 17.41
N LYS B 153 -0.48 7.66 18.15
CA LYS B 153 -0.57 7.07 19.48
C LYS B 153 -0.59 5.54 19.40
N GLY B 154 -1.31 5.00 18.42
CA GLY B 154 -1.34 3.56 18.25
C GLY B 154 0.02 2.99 17.90
N PHE B 155 0.76 3.65 17.01
CA PHE B 155 2.10 3.21 16.67
C PHE B 155 3.00 3.24 17.90
N ARG B 156 2.95 4.32 18.67
CA ARG B 156 3.82 4.45 19.82
C ARG B 156 3.50 3.41 20.89
N ALA B 157 2.22 3.08 21.08
CA ALA B 157 1.83 2.12 22.11
C ALA B 157 1.88 0.67 21.64
N GLN B 158 2.07 0.41 20.35
CA GLN B 158 2.20 -0.97 19.89
C GLN B 158 3.46 -1.62 20.47
N ARG B 159 4.51 -0.83 20.62
CA ARG B 159 5.75 -1.28 21.24
C ARG B 159 5.71 -0.85 22.70
N GLY B 160 6.24 -1.69 23.57
CA GLY B 160 6.13 -1.42 24.98
C GLY B 160 7.22 -0.49 25.46
N ARG B 161 6.93 0.18 26.58
CA ARG B 161 7.87 1.07 27.23
C ARG B 161 7.92 0.75 28.72
N PRO B 162 8.63 -0.32 29.09
CA PRO B 162 8.74 -0.69 30.50
C PRO B 162 9.75 0.21 31.20
N ARG B 163 9.67 0.20 32.53
CA ARG B 163 10.62 0.89 33.40
C ARG B 163 10.50 2.42 33.27
N VAL B 164 11.02 2.98 32.18
CA VAL B 164 10.95 4.42 31.91
C VAL B 164 11.56 5.16 33.08
N LYS B 165 12.84 4.88 33.33
CA LYS B 165 13.67 5.59 34.30
C LYS B 165 14.41 6.79 33.70
N LYS B 166 13.67 7.58 32.91
CA LYS B 166 14.26 8.69 32.17
C LYS B 166 13.93 10.04 32.80
N LEU B 167 13.54 10.04 34.07
CA LEU B 167 13.35 11.30 34.78
C LEU B 167 14.67 12.05 34.86
N HIS B 168 15.76 11.32 35.05
CA HIS B 168 17.14 11.81 35.08
C HIS B 168 17.32 12.95 36.08
N PRO B 169 17.33 12.63 37.42
CA PRO B 169 17.17 13.66 38.46
C PRO B 169 16.81 15.04 37.94
N GLN B 170 17.78 15.94 37.92
CA GLN B 170 17.54 17.27 37.39
C GLN B 170 18.83 17.78 36.76
N GLN B 171 18.67 18.68 35.79
CA GLN B 171 19.78 19.25 35.06
C GLN B 171 19.97 20.71 35.46
N VAL B 172 20.90 21.35 34.79
CA VAL B 172 21.25 22.73 35.07
C VAL B 172 20.43 23.61 34.13
N LEU B 173 19.77 24.62 34.68
CA LEU B 173 18.95 25.47 33.83
C LEU B 173 19.86 26.47 33.11
N ASN B 174 19.27 27.25 32.22
CA ASN B 174 20.03 28.22 31.44
C ASN B 174 19.33 29.57 31.47
N ARG B 175 20.12 30.64 31.48
CA ARG B 175 19.57 31.98 31.60
C ARG B 175 19.86 32.84 30.39
N CYS B 176 21.05 32.71 29.79
CA CYS B 176 21.40 33.58 28.66
C CYS B 176 20.53 33.30 27.45
N ILE B 177 19.90 32.13 27.40
CA ILE B 177 19.07 31.71 26.28
C ILE B 177 17.64 31.50 26.78
N GLN B 178 16.67 32.08 26.09
CA GLN B 178 15.27 31.95 26.45
C GLN B 178 14.60 31.04 25.44
N GLU B 179 13.88 30.02 25.93
CA GLU B 179 13.19 29.11 25.04
C GLU B 179 11.93 28.62 25.74
N GLU B 180 11.14 27.81 25.03
CA GLU B 180 9.84 27.40 25.55
C GLU B 180 9.96 26.50 26.77
N GLU B 181 11.04 25.73 26.86
CA GLU B 181 11.28 24.92 28.05
C GLU B 181 11.46 25.77 29.30
N ASP B 182 11.93 27.02 29.12
CA ASP B 182 12.06 27.92 30.26
C ASP B 182 10.71 28.22 30.90
N MET B 183 9.65 28.33 30.10
CA MET B 183 8.32 28.56 30.63
C MET B 183 7.85 27.40 31.49
N ARG B 184 8.08 26.17 31.02
CA ARG B 184 7.69 24.98 31.78
C ARG B 184 8.47 24.90 33.08
N ILE B 185 9.76 25.25 33.06
CA ILE B 185 10.55 25.24 34.29
C ILE B 185 10.00 26.26 35.29
N LEU B 186 9.70 27.46 34.81
CA LEU B 186 9.15 28.51 35.68
C LEU B 186 7.77 28.15 36.21
N ALA B 187 6.93 27.52 35.39
CA ALA B 187 5.63 27.08 35.88
C ALA B 187 5.77 26.01 36.95
N SER B 188 6.75 25.12 36.79
CA SER B 188 7.00 24.11 37.81
C SER B 188 7.52 24.73 39.09
N GLU B 189 8.37 25.76 38.98
CA GLU B 189 8.81 26.48 40.18
C GLU B 189 7.63 27.15 40.88
N PHE B 190 6.72 27.72 40.08
CA PHE B 190 5.51 28.32 40.62
C PHE B 190 4.60 27.28 41.28
N PHE B 191 4.53 26.08 40.69
CA PHE B 191 3.65 25.04 41.21
C PHE B 191 4.12 24.52 42.56
N LYS B 192 5.43 24.45 42.78
CA LYS B 192 5.93 23.94 44.05
C LYS B 192 5.82 24.95 45.18
N LYS B 193 5.46 26.20 44.89
CA LYS B 193 5.20 27.16 45.95
C LYS B 193 3.88 26.84 46.64
N ASP B 194 3.73 27.35 47.86
CA ASP B 194 2.54 27.09 48.66
C ASP B 194 1.69 28.33 48.93
N LYS B 195 2.26 29.53 48.82
CA LYS B 195 1.54 30.77 49.11
C LYS B 195 1.99 31.85 48.12
N LEU B 196 1.14 32.86 47.96
CA LEU B 196 1.45 33.97 47.08
C LEU B 196 1.11 35.29 47.74
N MET B 197 1.92 36.31 47.47
CA MET B 197 1.58 37.68 47.81
C MET B 197 0.58 38.22 46.80
N TYR B 198 -0.29 39.10 47.28
CA TYR B 198 -1.34 39.66 46.43
C TYR B 198 -0.73 40.51 45.32
N LYS B 199 -1.26 40.32 44.10
CA LYS B 199 -0.77 41.00 42.90
C LYS B 199 0.71 40.73 42.65
N GLU B 200 1.13 39.49 42.88
CA GLU B 200 2.50 39.11 42.62
C GLU B 200 2.74 38.98 41.12
N LYS B 201 3.85 39.56 40.65
CA LYS B 201 4.19 39.48 39.24
C LYS B 201 4.71 38.10 38.87
N LEU B 202 4.26 37.59 37.73
CA LEU B 202 4.74 36.32 37.20
C LEU B 202 5.73 36.61 36.10
N ASN B 203 6.88 35.94 36.13
CA ASN B 203 7.94 36.17 35.17
C ASN B 203 7.87 35.24 33.97
N PHE B 204 6.72 34.62 33.72
CA PHE B 204 6.55 33.77 32.56
C PHE B 204 5.16 33.96 31.99
N THR B 205 5.03 33.64 30.72
CA THR B 205 3.79 33.79 29.96
C THR B 205 3.31 32.42 29.53
N GLU B 206 2.18 32.38 28.81
CA GLU B 206 1.67 31.13 28.29
C GLU B 206 2.59 30.57 27.22
N SER B 207 2.56 29.26 27.07
CA SER B 207 3.38 28.54 26.11
C SER B 207 2.71 27.20 25.83
N THR B 208 3.46 26.29 25.22
CA THR B 208 2.93 24.95 24.96
C THR B 208 2.57 24.21 26.24
N HIS B 209 3.20 24.57 27.36
CA HIS B 209 3.00 23.88 28.63
C HIS B 209 2.40 24.75 29.71
N VAL B 210 1.99 25.98 29.38
CA VAL B 210 1.43 26.90 30.35
C VAL B 210 0.15 27.52 29.78
N ALA B 211 -0.92 27.48 30.57
CA ALA B 211 -2.17 28.14 30.23
C ALA B 211 -2.59 29.00 31.41
N PHE B 212 -3.04 30.21 31.12
CA PHE B 212 -3.46 31.17 32.13
C PHE B 212 -4.97 31.34 32.08
N LYS B 213 -5.62 31.14 33.22
CA LYS B 213 -7.07 31.30 33.35
C LYS B 213 -7.34 32.25 34.50
N ARG B 214 -8.53 32.86 34.47
CA ARG B 214 -8.98 33.74 35.53
C ARG B 214 -10.34 33.29 36.01
N PHE B 215 -10.61 33.56 37.29
CA PHE B 215 -11.90 33.27 37.88
C PHE B 215 -12.94 34.28 37.40
N THR B 216 -14.20 33.90 37.52
CA THR B 216 -15.30 34.71 37.04
C THR B 216 -16.03 35.39 38.20
N THR B 217 -16.78 36.44 37.87
CA THR B 217 -17.62 37.14 38.82
C THR B 217 -19.06 36.64 38.82
N LYS B 218 -19.26 35.38 38.50
CA LYS B 218 -20.58 34.74 38.45
C LYS B 218 -20.40 33.34 39.02
N LYS B 219 -21.34 32.45 38.75
CA LYS B 219 -21.18 31.05 39.13
C LYS B 219 -19.84 30.55 38.63
N VAL B 220 -18.98 30.19 39.57
CA VAL B 220 -17.57 29.97 39.26
C VAL B 220 -17.27 28.52 38.94
N ILE B 221 -17.70 27.59 39.78
CA ILE B 221 -17.40 26.18 39.55
C ILE B 221 -17.99 25.67 38.24
N PRO B 222 -19.27 25.94 37.91
CA PRO B 222 -19.77 25.48 36.60
C PRO B 222 -19.00 26.03 35.41
N ARG B 223 -18.58 27.30 35.44
CA ARG B 223 -17.82 27.83 34.30
C ARG B 223 -16.47 27.15 34.16
N ILE B 224 -15.80 26.86 35.28
CA ILE B 224 -14.56 26.10 35.24
C ILE B 224 -14.81 24.71 34.66
N LYS B 225 -15.94 24.10 35.02
CA LYS B 225 -16.25 22.77 34.50
C LYS B 225 -16.45 22.79 32.99
N GLU B 226 -17.00 23.87 32.45
CA GLU B 226 -17.13 23.98 31.00
C GLU B 226 -15.78 24.19 30.31
N MET B 227 -14.91 25.00 30.91
CA MET B 227 -13.67 25.41 30.25
C MET B 227 -12.51 24.44 30.43
N LEU B 228 -12.49 23.71 31.54
CA LEU B 228 -11.35 22.85 31.86
C LEU B 228 -11.13 21.71 30.88
N PRO B 229 -12.15 20.96 30.42
CA PRO B 229 -11.86 19.76 29.61
C PRO B 229 -11.01 20.04 28.38
N HIS B 230 -11.20 21.20 27.74
CA HIS B 230 -10.39 21.54 26.57
C HIS B 230 -8.92 21.59 26.91
N TYR B 231 -8.56 22.30 28.00
CA TYR B 231 -7.15 22.43 28.34
C TYR B 231 -6.56 21.14 28.86
N VAL B 232 -7.32 20.37 29.65
CA VAL B 232 -6.84 19.09 30.13
C VAL B 232 -6.59 18.14 28.98
N SER B 233 -7.53 18.08 28.03
CA SER B 233 -7.36 17.24 26.86
C SER B 233 -6.17 17.69 26.01
N ALA B 234 -6.03 19.01 25.81
CA ALA B 234 -4.93 19.51 25.00
C ALA B 234 -3.58 19.21 25.64
N PHE B 235 -3.45 19.40 26.95
CA PHE B 235 -2.19 19.14 27.63
C PHE B 235 -1.87 17.65 27.67
N ALA B 236 -2.85 16.82 28.04
CA ALA B 236 -2.61 15.39 28.12
C ALA B 236 -2.24 14.81 26.77
N ASN B 237 -2.83 15.34 25.70
CA ASN B 237 -2.58 14.80 24.38
C ASN B 237 -1.22 15.21 23.82
N THR B 238 -0.75 16.42 24.13
CA THR B 238 0.46 16.89 23.46
C THR B 238 1.74 16.65 24.25
N GLN B 239 1.94 17.38 25.35
CA GLN B 239 3.19 17.25 26.09
C GLN B 239 3.06 17.44 27.60
N GLY B 240 1.85 17.57 28.13
CA GLY B 240 1.66 17.96 29.52
C GLY B 240 1.80 19.46 29.70
N GLY B 241 1.33 19.95 30.84
CA GLY B 241 1.42 21.36 31.11
C GLY B 241 0.70 21.71 32.40
N TYR B 242 0.55 23.01 32.61
CA TYR B 242 -0.05 23.56 33.82
C TYR B 242 -1.19 24.50 33.44
N VAL B 243 -2.30 24.40 34.17
CA VAL B 243 -3.41 25.33 34.03
C VAL B 243 -3.42 26.21 35.28
N LEU B 244 -3.17 27.49 35.10
CA LEU B 244 -3.03 28.46 36.19
C LEU B 244 -4.28 29.31 36.26
N ILE B 245 -5.27 28.84 37.02
CA ILE B 245 -6.50 29.60 37.24
C ILE B 245 -6.25 30.61 38.36
N GLY B 246 -6.63 31.86 38.10
CA GLY B 246 -6.37 32.94 39.03
C GLY B 246 -5.30 33.91 38.60
N VAL B 247 -4.79 33.80 37.38
CA VAL B 247 -3.73 34.67 36.88
C VAL B 247 -4.28 35.54 35.76
N ASP B 248 -4.04 36.85 35.86
CA ASP B 248 -4.50 37.77 34.83
C ASP B 248 -3.55 37.70 33.65
N ASP B 249 -4.11 37.50 32.45
CA ASP B 249 -3.28 37.28 31.27
C ASP B 249 -2.46 38.50 30.93
N LYS B 250 -3.09 39.68 30.91
CA LYS B 250 -2.43 40.88 30.40
C LYS B 250 -1.43 41.43 31.42
N SER B 251 -1.89 41.75 32.61
CA SER B 251 -1.03 42.35 33.63
C SER B 251 -0.06 41.36 34.24
N LYS B 252 -0.31 40.06 34.08
CA LYS B 252 0.54 39.01 34.65
C LYS B 252 0.67 39.16 36.17
N GLU B 253 -0.45 39.47 36.82
CA GLU B 253 -0.50 39.62 38.27
C GLU B 253 -1.47 38.61 38.84
N VAL B 254 -1.14 38.12 40.04
CA VAL B 254 -1.95 37.11 40.69
C VAL B 254 -3.22 37.77 41.22
N VAL B 255 -4.38 37.21 40.85
CA VAL B 255 -5.67 37.73 41.25
C VAL B 255 -6.38 36.79 42.20
N GLY B 256 -6.67 35.57 41.76
CA GLY B 256 -7.30 34.57 42.60
C GLY B 256 -8.77 34.82 42.83
N CYS B 257 -9.44 33.77 43.31
CA CYS B 257 -10.86 33.83 43.65
C CYS B 257 -10.99 34.20 45.13
N LYS B 258 -11.96 35.07 45.42
CA LYS B 258 -12.19 35.47 46.80
C LYS B 258 -12.59 34.27 47.65
N TRP B 259 -12.14 34.27 48.91
CA TRP B 259 -12.37 33.11 49.77
C TRP B 259 -13.84 32.92 50.10
N GLU B 260 -14.63 34.00 50.05
CA GLU B 260 -16.05 33.86 50.35
C GLU B 260 -16.83 33.20 49.22
N LYS B 261 -16.37 33.40 47.98
CA LYS B 261 -17.14 32.94 46.82
C LYS B 261 -16.90 31.48 46.45
N VAL B 262 -15.88 30.83 47.02
CA VAL B 262 -15.59 29.45 46.69
C VAL B 262 -14.94 28.77 47.88
N ASN B 263 -15.11 27.46 47.97
CA ASN B 263 -14.50 26.65 49.01
C ASN B 263 -13.40 25.80 48.39
N PRO B 264 -12.13 25.96 48.78
CA PRO B 264 -11.04 25.27 48.08
C PRO B 264 -11.15 23.76 48.05
N ASP B 265 -11.63 23.14 49.13
CA ASP B 265 -11.80 21.68 49.12
C ASP B 265 -12.88 21.28 48.13
N LEU B 266 -13.99 22.01 48.11
CA LEU B 266 -15.06 21.72 47.15
C LEU B 266 -14.59 21.94 45.73
N LEU B 267 -13.82 23.01 45.51
CA LEU B 267 -13.27 23.28 44.18
C LEU B 267 -12.32 22.17 43.74
N LYS B 268 -11.48 21.69 44.66
CA LYS B 268 -10.59 20.58 44.34
C LYS B 268 -11.37 19.33 43.96
N LYS B 269 -12.42 19.01 44.72
CA LYS B 269 -13.21 17.83 44.43
C LYS B 269 -13.91 17.95 43.08
N GLU B 270 -14.44 19.13 42.76
CA GLU B 270 -15.10 19.32 41.48
C GLU B 270 -14.12 19.18 40.33
N ILE B 271 -12.91 19.72 40.47
CA ILE B 271 -11.91 19.60 39.42
C ILE B 271 -11.53 18.13 39.21
N GLU B 272 -11.31 17.40 40.30
CA GLU B 272 -11.00 15.98 40.19
C GLU B 272 -12.15 15.20 39.53
N ASN B 273 -13.39 15.53 39.90
CA ASN B 273 -14.54 14.85 39.33
C ASN B 273 -14.65 15.05 37.82
N CYS B 274 -14.47 16.30 37.36
CA CYS B 274 -14.62 16.59 35.93
C CYS B 274 -13.51 15.94 35.10
N ILE B 275 -12.27 15.93 35.61
CA ILE B 275 -11.18 15.30 34.88
C ILE B 275 -11.36 13.80 34.84
N GLU B 276 -11.86 13.22 35.94
CA GLU B 276 -12.00 11.77 36.00
C GLU B 276 -12.99 11.24 34.98
N LYS B 277 -14.01 12.03 34.64
CA LYS B 277 -15.05 11.60 33.72
C LYS B 277 -14.73 11.93 32.26
N LEU B 278 -13.56 12.49 32.00
CA LEU B 278 -13.19 12.81 30.62
C LEU B 278 -13.02 11.52 29.82
N PRO B 279 -13.63 11.41 28.65
CA PRO B 279 -13.51 10.17 27.87
C PRO B 279 -12.06 9.89 27.49
N THR B 280 -11.72 8.61 27.47
CA THR B 280 -10.36 8.18 27.21
C THR B 280 -10.38 6.92 26.35
N PHE B 281 -9.39 6.80 25.48
CA PHE B 281 -9.18 5.59 24.71
C PHE B 281 -7.73 5.15 24.90
N HIS B 282 -7.51 3.85 25.03
CA HIS B 282 -6.18 3.32 25.27
C HIS B 282 -5.80 2.32 24.18
N PHE B 283 -4.61 2.48 23.63
CA PHE B 283 -3.99 1.50 22.75
C PHE B 283 -3.07 0.55 23.51
N CYS B 284 -2.90 0.75 24.81
CA CYS B 284 -2.06 -0.09 25.66
C CYS B 284 -2.93 -1.01 26.50
N CYS B 285 -2.28 -1.82 27.35
CA CYS B 285 -3.00 -2.79 28.17
C CYS B 285 -3.14 -2.38 29.62
N GLU B 286 -2.24 -1.53 30.14
CA GLU B 286 -2.31 -1.16 31.54
C GLU B 286 -3.47 -0.23 31.83
N LYS B 287 -3.88 0.57 30.85
CA LYS B 287 -4.96 1.54 30.99
C LYS B 287 -4.73 2.50 32.17
N PRO B 288 -3.66 3.29 32.14
CA PRO B 288 -3.46 4.28 33.20
C PRO B 288 -4.52 5.38 33.14
N LYS B 289 -4.87 5.88 34.32
CA LYS B 289 -5.80 7.00 34.37
C LYS B 289 -5.06 8.29 34.04
N VAL B 290 -5.80 9.39 33.94
CA VAL B 290 -5.20 10.68 33.61
C VAL B 290 -4.38 11.12 34.82
N ASN B 291 -3.08 11.27 34.63
CA ASN B 291 -2.16 11.61 35.71
C ASN B 291 -2.16 13.12 35.91
N PHE B 292 -2.93 13.59 36.89
CA PHE B 292 -3.01 15.01 37.18
C PHE B 292 -2.94 15.22 38.68
N THR B 293 -2.50 16.42 39.07
CA THR B 293 -2.45 16.82 40.47
C THR B 293 -2.84 18.29 40.57
N THR B 294 -3.89 18.58 41.33
CA THR B 294 -4.35 19.94 41.54
C THR B 294 -3.93 20.43 42.91
N LYS B 295 -3.52 21.69 42.99
CA LYS B 295 -3.05 22.28 44.24
C LYS B 295 -3.62 23.68 44.40
N ILE B 296 -4.00 24.01 45.62
CA ILE B 296 -4.53 25.34 45.96
C ILE B 296 -3.42 26.13 46.62
N LEU B 297 -3.14 27.32 46.10
CA LEU B 297 -2.12 28.21 46.64
C LEU B 297 -2.82 29.42 47.26
N ASN B 298 -2.72 29.56 48.58
CA ASN B 298 -3.36 30.66 49.27
C ASN B 298 -2.68 31.98 48.93
N VAL B 299 -3.50 33.02 48.74
CA VAL B 299 -3.03 34.36 48.42
C VAL B 299 -3.18 35.20 49.68
N TYR B 300 -2.07 35.78 50.14
CA TYR B 300 -2.03 36.56 51.37
C TYR B 300 -1.67 38.00 51.06
N GLN B 301 -2.39 38.92 51.68
CA GLN B 301 -2.09 40.36 51.60
C GLN B 301 -1.74 40.82 53.01
N LYS B 302 -0.44 40.92 53.29
CA LYS B 302 0.04 41.31 54.62
C LYS B 302 -0.48 40.36 55.70
N ASP B 303 -0.19 39.07 55.50
CA ASP B 303 -0.56 37.99 56.41
C ASP B 303 -2.06 37.79 56.54
N VAL B 304 -2.86 38.44 55.69
CA VAL B 304 -4.31 38.31 55.71
C VAL B 304 -4.73 37.48 54.49
N LEU B 305 -5.42 36.37 54.75
CA LEU B 305 -5.91 35.55 53.66
C LEU B 305 -6.87 36.34 52.78
N ASP B 306 -6.62 36.33 51.48
CA ASP B 306 -7.41 37.10 50.54
C ASP B 306 -8.03 36.26 49.44
N GLY B 307 -7.36 35.21 48.98
CA GLY B 307 -7.92 34.38 47.94
C GLY B 307 -7.11 33.13 47.73
N TYR B 308 -7.44 32.42 46.64
CA TYR B 308 -6.74 31.19 46.30
C TYR B 308 -6.44 31.21 44.80
N VAL B 309 -5.31 30.60 44.44
CA VAL B 309 -4.92 30.40 43.05
C VAL B 309 -4.84 28.90 42.82
N CYS B 310 -5.61 28.40 41.86
CA CYS B 310 -5.68 26.97 41.58
C CYS B 310 -4.78 26.64 40.39
N VAL B 311 -3.80 25.79 40.62
CA VAL B 311 -2.88 25.34 39.57
C VAL B 311 -3.06 23.84 39.41
N ILE B 312 -3.29 23.39 38.19
CA ILE B 312 -3.49 21.99 37.88
C ILE B 312 -2.33 21.53 37.00
N GLN B 313 -1.64 20.49 37.43
CA GLN B 313 -0.55 19.89 36.66
C GLN B 313 -1.10 18.68 35.92
N VAL B 314 -0.92 18.67 34.61
CA VAL B 314 -1.39 17.58 33.76
C VAL B 314 -0.17 16.93 33.12
N GLU B 315 0.02 15.65 33.38
CA GLU B 315 1.16 14.94 32.82
C GLU B 315 0.85 14.45 31.41
N PRO B 316 1.87 14.25 30.58
CA PRO B 316 1.63 13.67 29.25
C PRO B 316 0.95 12.32 29.37
N PHE B 317 0.00 12.08 28.48
CA PHE B 317 -0.77 10.85 28.48
C PHE B 317 -0.21 9.90 27.42
N CYS B 318 -0.26 8.61 27.73
CA CYS B 318 0.22 7.59 26.79
C CYS B 318 -0.67 7.51 25.56
N CYS B 319 -1.95 7.87 25.70
CA CYS B 319 -2.93 7.71 24.64
C CYS B 319 -3.78 8.98 24.58
N VAL B 320 -4.89 8.91 23.86
CA VAL B 320 -5.72 10.06 23.57
C VAL B 320 -6.71 10.33 24.71
N VAL B 321 -6.99 11.61 24.93
CA VAL B 321 -7.95 12.08 25.91
C VAL B 321 -8.96 12.96 25.20
N PHE B 322 -10.24 12.72 25.46
CA PHE B 322 -11.32 13.50 24.86
C PHE B 322 -11.81 14.54 25.85
N ALA B 323 -12.08 15.75 25.34
CA ALA B 323 -12.74 16.74 26.17
C ALA B 323 -14.19 16.35 26.44
N GLU B 324 -14.80 15.65 25.50
CA GLU B 324 -16.14 15.10 25.63
C GLU B 324 -16.31 14.07 24.53
N ALA B 325 -17.53 13.54 24.39
CA ALA B 325 -17.81 12.59 23.34
C ALA B 325 -17.66 13.28 21.98
N PRO B 326 -17.13 12.58 20.97
CA PRO B 326 -16.96 13.22 19.66
C PRO B 326 -18.30 13.62 19.05
N ASP B 327 -18.26 14.72 18.27
CA ASP B 327 -19.42 15.26 17.59
C ASP B 327 -19.68 14.50 16.29
N SER B 328 -19.89 13.20 16.43
CA SER B 328 -20.14 12.29 15.32
C SER B 328 -21.39 11.48 15.60
N TRP B 329 -22.18 11.22 14.56
CA TRP B 329 -23.47 10.57 14.71
C TRP B 329 -23.63 9.41 13.73
N ILE B 330 -24.43 8.44 14.13
CA ILE B 330 -24.82 7.30 13.32
C ILE B 330 -26.33 7.13 13.45
N MET B 331 -26.87 6.18 12.71
CA MET B 331 -28.29 5.85 12.76
C MET B 331 -28.46 4.56 13.54
N LYS B 332 -29.29 4.59 14.58
CA LYS B 332 -29.54 3.42 15.41
C LYS B 332 -31.02 3.36 15.74
N ASP B 333 -31.69 2.29 15.32
CA ASP B 333 -33.12 2.10 15.55
C ASP B 333 -33.93 3.28 15.03
N ASN B 334 -33.58 3.71 13.81
CA ASN B 334 -34.23 4.83 13.14
C ASN B 334 -34.13 6.13 13.93
N SER B 335 -33.04 6.33 14.64
CA SER B 335 -32.82 7.57 15.38
C SER B 335 -31.38 8.01 15.23
N VAL B 336 -31.17 9.31 15.20
CA VAL B 336 -29.83 9.89 15.09
C VAL B 336 -29.16 9.80 16.46
N THR B 337 -28.13 8.97 16.56
CA THR B 337 -27.49 8.62 17.82
C THR B 337 -26.05 9.12 17.83
N ARG B 338 -25.69 9.81 18.90
CA ARG B 338 -24.31 10.24 19.10
C ARG B 338 -23.40 9.07 19.39
N LEU B 339 -22.22 9.08 18.78
CA LEU B 339 -21.22 8.05 19.02
C LEU B 339 -20.45 8.36 20.29
N THR B 340 -20.09 7.32 21.03
CA THR B 340 -19.20 7.50 22.17
C THR B 340 -17.76 7.54 21.69
N ALA B 341 -16.86 7.91 22.59
CA ALA B 341 -15.45 8.04 22.24
C ALA B 341 -14.88 6.70 21.81
N GLU B 342 -15.24 5.62 22.51
CA GLU B 342 -14.74 4.30 22.19
C GLU B 342 -15.22 3.82 20.83
N GLN B 343 -16.53 3.92 20.56
CA GLN B 343 -17.08 3.53 19.27
C GLN B 343 -16.49 4.38 18.14
N TRP B 344 -16.34 5.68 18.38
CA TRP B 344 -15.81 6.58 17.37
C TRP B 344 -14.39 6.21 16.98
N VAL B 345 -13.54 5.88 17.96
CA VAL B 345 -12.18 5.47 17.64
C VAL B 345 -12.16 4.16 16.86
N VAL B 346 -13.03 3.22 17.24
CA VAL B 346 -13.06 1.93 16.57
C VAL B 346 -13.46 2.10 15.11
N MET B 347 -14.49 2.93 14.85
CA MET B 347 -14.90 3.17 13.46
C MET B 347 -13.86 3.97 12.70
N MET B 348 -13.16 4.89 13.38
CA MET B 348 -12.19 5.73 12.69
C MET B 348 -10.95 4.94 12.27
N LEU B 349 -10.57 3.93 13.06
CA LEU B 349 -9.34 3.18 12.81
C LEU B 349 -9.61 1.85 12.13
N ASP B 350 -10.84 1.63 11.67
CA ASP B 350 -11.18 0.40 10.96
C ASP B 350 -10.39 0.29 9.66
N THR B 351 -10.01 -0.93 9.31
CA THR B 351 -9.26 -1.19 8.08
C THR B 351 -9.84 -2.38 7.33
N GLN B 352 -11.06 -2.79 7.69
CA GLN B 352 -11.69 -3.96 7.06
C GLN B 352 -12.00 -3.70 5.59
N SER B 353 -12.44 -2.49 5.25
CA SER B 353 -12.77 -2.16 3.86
C SER B 353 -11.56 -2.25 2.94
N GLY B 378 -12.25 -10.85 4.78
CA GLY B 378 -13.53 -11.00 4.11
C GLY B 378 -13.62 -10.22 2.81
N TYR B 379 -12.55 -9.49 2.49
CA TYR B 379 -12.50 -8.68 1.28
C TYR B 379 -11.93 -9.54 0.15
N PRO B 380 -12.71 -9.85 -0.88
CA PRO B 380 -12.23 -10.73 -1.96
C PRO B 380 -11.27 -10.01 -2.89
N ILE B 381 -10.00 -10.42 -2.85
CA ILE B 381 -9.01 -9.81 -3.73
C ILE B 381 -9.30 -10.19 -5.18
N LYS B 382 -9.54 -11.47 -5.42
CA LYS B 382 -9.67 -11.96 -6.79
C LYS B 382 -10.95 -11.46 -7.45
N VAL B 383 -12.04 -11.36 -6.70
CA VAL B 383 -13.31 -10.88 -7.26
C VAL B 383 -13.16 -9.45 -7.75
N HIS B 384 -12.55 -8.59 -6.93
CA HIS B 384 -12.35 -7.21 -7.35
C HIS B 384 -11.30 -7.10 -8.44
N LYS B 385 -10.41 -8.08 -8.55
CA LYS B 385 -9.40 -8.07 -9.61
C LYS B 385 -10.03 -8.44 -10.96
N PHE B 386 -10.97 -9.39 -10.96
CA PHE B 386 -11.55 -9.91 -12.19
C PHE B 386 -12.93 -9.34 -12.50
N LYS B 387 -13.44 -8.42 -11.69
CA LYS B 387 -14.78 -7.89 -11.94
C LYS B 387 -14.86 -7.13 -13.25
N GLU B 388 -13.79 -6.42 -13.64
CA GLU B 388 -13.83 -5.69 -14.90
C GLU B 388 -13.93 -6.65 -16.08
N ALA B 389 -13.12 -7.72 -16.08
CA ALA B 389 -13.21 -8.71 -17.13
C ALA B 389 -14.57 -9.39 -17.14
N LEU B 390 -15.09 -9.71 -15.96
CA LEU B 390 -16.40 -10.34 -15.88
C LEU B 390 -17.49 -9.42 -16.41
N GLN B 391 -17.42 -8.12 -16.08
CA GLN B 391 -18.41 -7.17 -16.57
C GLN B 391 -18.30 -6.99 -18.08
N ARG B 392 -17.07 -6.91 -18.61
CA ARG B 392 -16.90 -6.74 -20.05
C ARG B 392 -17.34 -7.97 -20.82
N HIS B 393 -17.32 -9.14 -20.20
CA HIS B 393 -17.75 -10.38 -20.83
C HIS B 393 -19.26 -10.57 -20.73
N LEU B 394 -19.82 -10.42 -19.53
CA LEU B 394 -21.20 -10.81 -19.29
C LEU B 394 -22.18 -9.66 -19.43
N PHE B 395 -21.77 -8.43 -19.09
CA PHE B 395 -22.63 -7.25 -19.15
C PHE B 395 -21.93 -6.15 -19.93
N PRO B 396 -21.73 -6.33 -21.24
CA PRO B 396 -21.04 -5.30 -22.01
C PRO B 396 -21.94 -4.09 -22.24
N VAL B 397 -21.39 -2.91 -22.02
CA VAL B 397 -22.12 -1.65 -22.18
C VAL B 397 -21.95 -1.21 -23.62
N THR B 398 -22.94 -1.51 -24.45
CA THR B 398 -22.88 -1.24 -25.88
C THR B 398 -24.15 -0.52 -26.31
N GLN B 399 -24.05 0.20 -27.42
CA GLN B 399 -25.20 0.79 -28.10
C GLN B 399 -25.82 -0.21 -29.06
N GLU B 400 -26.15 -1.39 -28.54
CA GLU B 400 -26.61 -2.52 -29.33
C GLU B 400 -27.93 -3.03 -28.78
N GLU B 401 -28.88 -2.10 -28.61
CA GLU B 401 -30.24 -2.38 -28.12
C GLU B 401 -30.22 -2.97 -26.72
N VAL B 402 -31.39 -3.01 -26.08
CA VAL B 402 -31.48 -3.45 -24.69
C VAL B 402 -31.36 -4.96 -24.62
N GLN B 403 -30.44 -5.44 -23.77
CA GLN B 403 -30.14 -6.85 -23.61
C GLN B 403 -30.85 -7.40 -22.39
N PHE B 404 -31.40 -8.61 -22.52
CA PHE B 404 -32.09 -9.29 -21.43
C PHE B 404 -31.23 -10.43 -20.91
N LYS B 405 -30.81 -10.32 -19.65
CA LYS B 405 -29.95 -11.26 -18.94
C LYS B 405 -30.64 -11.69 -17.65
N PRO B 406 -30.32 -12.89 -17.13
CA PRO B 406 -29.48 -13.93 -17.70
C PRO B 406 -30.24 -14.67 -18.79
N GLU B 407 -29.53 -15.32 -19.70
CA GLU B 407 -30.16 -15.86 -20.90
C GLU B 407 -31.13 -16.98 -20.58
N SER B 408 -30.70 -17.95 -19.77
CA SER B 408 -31.52 -19.12 -19.50
C SER B 408 -32.80 -18.77 -18.74
N LEU B 409 -32.69 -17.92 -17.73
CA LEU B 409 -33.86 -17.51 -16.96
C LEU B 409 -34.85 -16.72 -17.81
N CYS B 410 -34.36 -15.84 -18.68
CA CYS B 410 -35.24 -15.08 -19.56
C CYS B 410 -36.01 -15.98 -20.51
N LYS B 411 -35.35 -16.99 -21.09
CA LYS B 411 -36.07 -17.93 -21.94
C LYS B 411 -37.17 -18.65 -21.19
N LYS B 412 -36.88 -19.11 -19.96
CA LYS B 412 -37.90 -19.81 -19.19
C LYS B 412 -39.08 -18.88 -18.85
N LEU B 413 -38.79 -17.64 -18.45
CA LEU B 413 -39.86 -16.71 -18.11
C LEU B 413 -40.71 -16.36 -19.33
N PHE B 414 -40.09 -16.15 -20.48
CA PHE B 414 -40.83 -15.79 -21.69
C PHE B 414 -41.63 -16.96 -22.26
N SER B 415 -41.16 -18.20 -22.06
CA SER B 415 -41.97 -19.35 -22.44
C SER B 415 -43.12 -19.57 -21.47
N ASP B 416 -42.93 -19.22 -20.20
CA ASP B 416 -43.98 -19.36 -19.21
C ASP B 416 -45.05 -18.28 -19.37
N HIS B 417 -44.69 -17.14 -19.93
CA HIS B 417 -45.63 -16.02 -20.11
C HIS B 417 -45.33 -15.38 -21.45
N LYS B 418 -46.26 -15.52 -22.40
CA LYS B 418 -46.06 -14.95 -23.73
C LYS B 418 -45.97 -13.44 -23.68
N GLU B 419 -46.82 -12.80 -22.88
CA GLU B 419 -46.96 -11.35 -22.84
C GLU B 419 -45.86 -10.66 -22.06
N LEU B 420 -45.03 -11.40 -21.31
CA LEU B 420 -44.04 -10.77 -20.45
C LEU B 420 -42.99 -10.01 -21.24
N GLU B 421 -42.49 -10.59 -22.34
CA GLU B 421 -41.40 -9.96 -23.07
C GLU B 421 -41.83 -8.63 -23.69
N GLY B 422 -42.96 -8.62 -24.39
CA GLY B 422 -43.44 -7.39 -25.00
C GLY B 422 -43.79 -6.31 -23.98
N LEU B 423 -44.35 -6.72 -22.85
CA LEU B 423 -44.64 -5.77 -21.78
C LEU B 423 -43.37 -5.10 -21.26
N MET B 424 -42.29 -5.86 -21.11
CA MET B 424 -41.03 -5.29 -20.63
C MET B 424 -40.46 -4.29 -21.62
N LYS B 425 -40.55 -4.58 -22.92
CA LYS B 425 -40.09 -3.61 -23.92
C LYS B 425 -40.93 -2.35 -23.87
N THR B 426 -42.24 -2.49 -23.66
CA THR B 426 -43.12 -1.32 -23.56
C THR B 426 -42.76 -0.46 -22.35
N LEU B 427 -42.49 -1.09 -21.21
CA LEU B 427 -42.09 -0.36 -20.02
C LEU B 427 -40.74 0.33 -20.22
N ILE B 428 -39.79 -0.38 -20.83
CA ILE B 428 -38.43 0.13 -20.99
C ILE B 428 -38.39 1.32 -21.92
N HIS B 429 -39.24 1.33 -22.94
CA HIS B 429 -39.28 2.43 -23.90
C HIS B 429 -39.52 3.76 -23.19
N PRO B 430 -38.85 4.84 -23.60
CA PRO B 430 -37.97 4.99 -24.77
C PRO B 430 -36.48 4.82 -24.48
N CYS B 431 -36.05 3.77 -23.79
CA CYS B 431 -34.63 3.52 -23.58
C CYS B 431 -34.08 2.72 -24.76
N SER B 432 -32.97 3.19 -25.33
CA SER B 432 -32.37 2.58 -26.51
C SER B 432 -31.15 1.73 -26.18
N GLN B 433 -30.37 2.11 -25.18
CA GLN B 433 -29.17 1.38 -24.80
C GLN B 433 -29.24 1.05 -23.32
N GLY B 434 -29.17 -0.23 -22.99
CA GLY B 434 -29.19 -0.64 -21.60
C GLY B 434 -29.24 -2.15 -21.46
N ILE B 435 -29.31 -2.58 -20.20
CA ILE B 435 -29.38 -3.98 -19.83
C ILE B 435 -30.49 -4.15 -18.81
N VAL B 436 -31.31 -5.19 -18.99
CA VAL B 436 -32.33 -5.56 -18.01
C VAL B 436 -31.94 -6.94 -17.48
N ILE B 437 -31.73 -7.03 -16.17
CA ILE B 437 -31.30 -8.26 -15.53
C ILE B 437 -32.49 -8.80 -14.73
N PHE B 438 -33.00 -9.94 -15.17
CA PHE B 438 -34.12 -10.59 -14.52
C PHE B 438 -33.64 -11.49 -13.39
N SER B 439 -34.54 -11.79 -12.48
CA SER B 439 -34.30 -12.72 -11.39
C SER B 439 -35.63 -13.26 -10.93
N ARG B 440 -35.65 -14.53 -10.55
CA ARG B 440 -36.87 -15.09 -9.97
C ARG B 440 -37.20 -14.40 -8.66
N SER B 441 -36.19 -13.95 -7.93
CA SER B 441 -36.38 -13.14 -6.73
C SER B 441 -35.11 -12.35 -6.48
N TRP B 442 -35.16 -11.04 -6.74
CA TRP B 442 -34.00 -10.20 -6.45
C TRP B 442 -33.78 -10.06 -4.95
N ALA B 443 -34.86 -10.05 -4.16
CA ALA B 443 -34.73 -10.04 -2.71
C ALA B 443 -33.96 -11.26 -2.21
N GLY B 444 -34.33 -12.45 -2.71
CA GLY B 444 -33.57 -13.64 -2.39
C GLY B 444 -32.16 -13.64 -2.94
N ASP B 445 -31.96 -13.00 -4.08
CA ASP B 445 -30.62 -12.93 -4.66
C ASP B 445 -29.66 -12.16 -3.77
N VAL B 446 -30.15 -11.15 -3.06
CA VAL B 446 -29.29 -10.34 -2.19
C VAL B 446 -29.35 -10.84 -0.75
N GLY B 447 -29.80 -12.07 -0.53
CA GLY B 447 -29.75 -12.66 0.79
C GLY B 447 -30.89 -12.31 1.71
N PHE B 448 -32.06 -11.98 1.15
CA PHE B 448 -33.22 -11.65 1.97
C PHE B 448 -34.37 -12.59 1.59
N ARG B 449 -35.55 -12.31 2.15
CA ARG B 449 -36.66 -13.24 2.01
C ARG B 449 -37.20 -13.25 0.58
N LYS B 450 -37.51 -14.46 0.10
CA LYS B 450 -38.16 -14.62 -1.18
C LYS B 450 -39.67 -14.50 -0.99
N GLU B 451 -40.33 -13.81 -1.91
CA GLU B 451 -41.78 -13.67 -1.89
C GLU B 451 -42.39 -14.60 -2.93
N GLN B 452 -43.34 -15.42 -2.51
CA GLN B 452 -43.99 -16.33 -3.45
C GLN B 452 -44.93 -15.60 -4.40
N ASN B 453 -45.53 -14.50 -3.96
CA ASN B 453 -46.45 -13.76 -4.80
C ASN B 453 -45.75 -12.92 -5.86
N VAL B 454 -44.42 -12.80 -5.79
CA VAL B 454 -43.67 -12.05 -6.79
C VAL B 454 -43.23 -13.03 -7.88
N LEU B 455 -43.66 -12.76 -9.11
CA LEU B 455 -43.31 -13.64 -10.22
C LEU B 455 -41.84 -13.53 -10.56
N CYS B 456 -41.32 -12.31 -10.69
CA CYS B 456 -39.93 -12.07 -11.01
C CYS B 456 -39.63 -10.60 -10.80
N ASP B 457 -38.34 -10.28 -10.74
CA ASP B 457 -37.87 -8.90 -10.61
C ASP B 457 -36.90 -8.60 -11.74
N ALA B 458 -37.12 -7.49 -12.43
CA ALA B 458 -36.26 -7.06 -13.51
C ALA B 458 -35.55 -5.77 -13.10
N LEU B 459 -34.25 -5.71 -13.36
CA LEU B 459 -33.43 -4.56 -12.99
C LEU B 459 -32.94 -3.90 -14.28
N LEU B 460 -33.45 -2.71 -14.56
CA LEU B 460 -33.06 -1.98 -15.76
C LEU B 460 -31.92 -1.02 -15.44
N ILE B 461 -30.83 -1.14 -16.19
CA ILE B 461 -29.65 -0.31 -16.03
C ILE B 461 -29.33 0.29 -17.39
N ALA B 462 -29.36 1.61 -17.49
CA ALA B 462 -29.15 2.30 -18.76
C ALA B 462 -28.44 3.61 -18.51
N VAL B 463 -27.87 4.16 -19.57
CA VAL B 463 -27.15 5.43 -19.52
C VAL B 463 -28.16 6.57 -19.53
N ASN B 464 -27.88 7.59 -18.73
CA ASN B 464 -28.73 8.77 -18.58
C ASN B 464 -30.13 8.41 -18.08
N SER B 465 -30.20 7.37 -17.26
CA SER B 465 -31.44 6.90 -16.70
C SER B 465 -31.21 6.47 -15.25
N PRO B 466 -32.22 6.61 -14.40
CA PRO B 466 -32.14 6.01 -13.07
C PRO B 466 -32.29 4.50 -13.16
N VAL B 467 -31.67 3.80 -12.21
CA VAL B 467 -31.85 2.36 -12.13
C VAL B 467 -33.27 2.07 -11.65
N VAL B 468 -33.97 1.21 -12.36
CA VAL B 468 -35.35 0.89 -12.06
C VAL B 468 -35.45 -0.60 -11.74
N LEU B 469 -36.19 -0.92 -10.69
CA LEU B 469 -36.46 -2.29 -10.29
C LEU B 469 -37.94 -2.58 -10.49
N TYR B 470 -38.24 -3.36 -11.53
CA TYR B 470 -39.61 -3.75 -11.83
C TYR B 470 -39.94 -5.04 -11.09
N THR B 471 -40.98 -5.00 -10.28
CA THR B 471 -41.44 -6.18 -9.53
C THR B 471 -42.74 -6.65 -10.16
N ILE B 472 -42.67 -7.74 -10.91
CA ILE B 472 -43.85 -8.31 -11.55
C ILE B 472 -44.59 -9.18 -10.55
N LEU B 473 -45.89 -8.99 -10.43
CA LEU B 473 -46.72 -9.69 -9.47
C LEU B 473 -47.67 -10.63 -10.19
N ILE B 474 -47.99 -11.75 -9.54
CA ILE B 474 -48.99 -12.66 -10.08
C ILE B 474 -50.39 -12.09 -9.85
N ASP B 475 -50.77 -11.89 -8.60
CA ASP B 475 -52.08 -11.34 -8.26
C ASP B 475 -51.92 -9.88 -7.88
N PRO B 476 -52.47 -8.94 -8.64
CA PRO B 476 -52.29 -7.52 -8.30
C PRO B 476 -52.93 -7.12 -6.99
N ASN B 477 -53.86 -7.91 -6.46
CA ASN B 477 -54.53 -7.59 -5.21
C ASN B 477 -53.70 -7.92 -3.98
N TRP B 478 -52.46 -8.36 -4.14
CA TRP B 478 -51.60 -8.66 -3.01
C TRP B 478 -51.15 -7.36 -2.34
N PRO B 479 -51.38 -7.18 -1.03
CA PRO B 479 -51.10 -5.87 -0.41
C PRO B 479 -49.64 -5.60 -0.12
N GLY B 480 -48.78 -6.61 -0.12
CA GLY B 480 -47.40 -6.41 0.24
C GLY B 480 -46.48 -6.05 -0.90
N GLY B 481 -47.02 -5.76 -2.09
CA GLY B 481 -46.18 -5.50 -3.24
C GLY B 481 -45.34 -4.25 -3.09
N LEU B 482 -45.97 -3.16 -2.64
CA LEU B 482 -45.26 -1.89 -2.53
C LEU B 482 -44.13 -1.98 -1.51
N GLU B 483 -44.40 -2.56 -0.34
CA GLU B 483 -43.37 -2.69 0.68
C GLU B 483 -42.26 -3.64 0.25
N TYR B 484 -42.59 -4.74 -0.41
CA TYR B 484 -41.57 -5.66 -0.90
C TYR B 484 -40.64 -4.98 -1.89
N ALA B 485 -41.21 -4.26 -2.86
CA ALA B 485 -40.39 -3.60 -3.87
C ALA B 485 -39.51 -2.52 -3.26
N ARG B 486 -40.06 -1.73 -2.35
CA ARG B 486 -39.28 -0.69 -1.68
C ARG B 486 -38.14 -1.29 -0.88
N ASN B 487 -38.43 -2.34 -0.11
CA ASN B 487 -37.40 -2.98 0.70
C ASN B 487 -36.32 -3.62 -0.17
N THR B 488 -36.72 -4.27 -1.27
CA THR B 488 -35.74 -4.91 -2.15
C THR B 488 -34.83 -3.89 -2.81
N ALA B 489 -35.39 -2.77 -3.26
CA ALA B 489 -34.58 -1.71 -3.84
C ALA B 489 -33.59 -1.17 -2.82
N HIS B 490 -34.04 -0.97 -1.58
CA HIS B 490 -33.16 -0.47 -0.52
C HIS B 490 -32.01 -1.44 -0.24
N GLN B 491 -32.32 -2.74 -0.10
CA GLN B 491 -31.28 -3.71 0.21
C GLN B 491 -30.29 -3.88 -0.93
N LEU B 492 -30.77 -3.80 -2.17
CA LEU B 492 -29.87 -3.89 -3.32
C LEU B 492 -28.88 -2.74 -3.34
N LYS B 493 -29.34 -1.51 -3.09
CA LYS B 493 -28.44 -0.37 -3.06
C LYS B 493 -27.44 -0.45 -1.92
N GLN B 494 -27.89 -0.90 -0.75
CA GLN B 494 -26.98 -1.06 0.38
C GLN B 494 -25.92 -2.10 0.09
N LYS B 495 -26.31 -3.21 -0.55
CA LYS B 495 -25.34 -4.24 -0.92
C LYS B 495 -24.35 -3.72 -1.96
N LEU B 496 -24.83 -2.92 -2.92
CA LEU B 496 -23.94 -2.38 -3.93
C LEU B 496 -22.89 -1.47 -3.31
N GLN B 497 -23.29 -0.64 -2.34
CA GLN B 497 -22.37 0.29 -1.71
C GLN B 497 -21.40 -0.45 -0.78
N THR B 498 -21.91 -1.36 0.03
CA THR B 498 -21.10 -2.00 1.06
C THR B 498 -20.29 -3.16 0.48
N VAL B 499 -20.97 -4.13 -0.11
CA VAL B 499 -20.29 -5.31 -0.64
C VAL B 499 -19.65 -5.00 -1.98
N GLY B 500 -20.40 -4.38 -2.88
CA GLY B 500 -19.91 -4.12 -4.23
C GLY B 500 -18.89 -3.01 -4.31
N GLY B 501 -18.85 -2.12 -3.32
CA GLY B 501 -17.91 -1.02 -3.33
C GLY B 501 -18.27 0.13 -4.23
N TYR B 502 -19.55 0.28 -4.59
CA TYR B 502 -19.97 1.37 -5.45
C TYR B 502 -19.94 2.69 -4.68
N THR B 503 -19.20 3.66 -5.22
CA THR B 503 -19.00 4.95 -4.56
C THR B 503 -19.64 6.09 -5.33
N GLY B 504 -20.70 5.80 -6.09
CA GLY B 504 -21.38 6.80 -6.87
C GLY B 504 -22.79 7.07 -6.37
N LYS B 505 -23.43 8.03 -7.03
CA LYS B 505 -24.81 8.38 -6.75
C LYS B 505 -25.69 7.53 -7.67
N VAL B 506 -26.46 6.62 -7.08
CA VAL B 506 -27.35 5.76 -7.82
C VAL B 506 -28.68 5.71 -7.10
N CYS B 507 -29.76 5.68 -7.86
CA CYS B 507 -31.10 5.54 -7.30
C CYS B 507 -31.77 4.33 -7.95
N ILE B 508 -32.37 3.49 -7.12
CA ILE B 508 -33.14 2.35 -7.60
C ILE B 508 -34.60 2.67 -7.33
N ILE B 509 -35.39 2.77 -8.40
CA ILE B 509 -36.79 3.16 -8.31
C ILE B 509 -37.62 1.88 -8.30
N PRO B 510 -38.28 1.54 -7.19
CA PRO B 510 -39.16 0.37 -7.19
C PRO B 510 -40.46 0.67 -7.92
N ARG B 511 -40.87 -0.25 -8.79
CA ARG B 511 -42.07 -0.07 -9.60
C ARG B 511 -42.86 -1.37 -9.62
N LEU B 512 -44.11 -1.29 -9.21
CA LEU B 512 -44.98 -2.46 -9.10
C LEU B 512 -45.72 -2.66 -10.41
N ILE B 513 -45.50 -3.80 -11.06
CA ILE B 513 -46.05 -4.10 -12.37
C ILE B 513 -46.78 -5.44 -12.31
N HIS B 514 -47.88 -5.55 -13.03
CA HIS B 514 -48.65 -6.78 -13.11
C HIS B 514 -48.88 -7.15 -14.57
N LEU B 515 -49.09 -8.44 -14.81
CA LEU B 515 -49.32 -8.95 -16.16
C LEU B 515 -50.78 -8.93 -16.58
N SER B 516 -51.71 -8.59 -15.68
CA SER B 516 -53.13 -8.69 -16.01
C SER B 516 -53.49 -7.76 -17.17
N SER B 517 -52.93 -6.56 -17.20
CA SER B 517 -53.14 -5.64 -18.30
C SER B 517 -51.85 -5.53 -19.11
N THR B 518 -51.96 -5.73 -20.43
CA THR B 518 -50.81 -5.55 -21.30
C THR B 518 -50.28 -4.13 -21.26
N GLN B 519 -51.16 -3.16 -21.01
CA GLN B 519 -50.77 -1.77 -20.87
C GLN B 519 -50.70 -1.44 -19.38
N SER B 520 -49.49 -1.14 -18.90
CA SER B 520 -49.25 -0.82 -17.50
C SER B 520 -48.69 0.58 -17.41
N ARG B 521 -49.23 1.37 -16.47
CA ARG B 521 -48.83 2.75 -16.28
C ARG B 521 -48.39 2.97 -14.84
N PRO B 522 -47.43 3.86 -14.60
CA PRO B 522 -46.89 4.03 -13.23
C PRO B 522 -47.85 4.74 -12.30
N GLY B 523 -47.41 4.95 -11.05
CA GLY B 523 -48.27 5.57 -10.07
C GLY B 523 -48.44 7.05 -10.30
N GLU B 524 -49.51 7.59 -9.69
CA GLU B 524 -49.81 9.01 -9.81
C GLU B 524 -48.76 9.87 -9.12
N ILE B 525 -47.94 9.28 -8.26
CA ILE B 525 -46.85 10.00 -7.61
C ILE B 525 -45.56 9.27 -7.92
N PRO B 526 -45.00 9.42 -9.11
CA PRO B 526 -43.73 8.76 -9.40
C PRO B 526 -42.62 9.29 -8.51
N LEU B 527 -41.73 8.40 -8.10
CA LEU B 527 -40.63 8.78 -7.23
C LEU B 527 -39.60 9.58 -8.03
N ARG B 528 -39.11 10.66 -7.43
CA ARG B 528 -38.17 11.54 -8.11
C ARG B 528 -36.90 11.70 -7.29
N TYR B 529 -35.78 11.74 -7.98
CA TYR B 529 -34.45 11.92 -7.44
C TYR B 529 -33.78 13.08 -8.14
N PRO B 530 -32.75 13.67 -7.53
CA PRO B 530 -32.02 14.72 -8.23
C PRO B 530 -31.38 14.20 -9.50
N ARG B 531 -31.18 15.13 -10.44
CA ARG B 531 -30.66 14.77 -11.76
C ARG B 531 -29.31 14.07 -11.68
N SER B 532 -28.54 14.35 -10.62
CA SER B 532 -27.23 13.74 -10.44
C SER B 532 -27.29 12.27 -10.05
N TYR B 533 -28.48 11.74 -9.77
CA TYR B 533 -28.62 10.35 -9.36
C TYR B 533 -28.84 9.41 -10.53
N ARG B 534 -28.83 9.91 -11.76
CA ARG B 534 -28.85 9.06 -12.94
C ARG B 534 -27.44 8.63 -13.31
N LEU B 535 -27.36 7.59 -14.13
CA LEU B 535 -26.07 7.14 -14.66
C LEU B 535 -25.61 8.12 -15.72
N ALA B 536 -24.56 8.90 -15.42
CA ALA B 536 -24.19 9.99 -16.31
C ALA B 536 -23.72 9.51 -17.68
N ASP B 537 -22.92 8.45 -17.71
CA ASP B 537 -22.27 8.03 -18.95
C ASP B 537 -22.08 6.52 -18.94
N GLU B 538 -21.23 6.04 -19.86
CA GLU B 538 -20.94 4.62 -19.96
C GLU B 538 -20.00 4.15 -18.87
N GLU B 539 -19.08 5.01 -18.43
CA GLU B 539 -18.16 4.62 -17.37
C GLU B 539 -18.90 4.40 -16.07
N GLU B 540 -19.88 5.25 -15.76
CA GLU B 540 -20.68 5.06 -14.56
C GLU B 540 -21.52 3.79 -14.66
N MET B 541 -22.07 3.50 -15.83
CA MET B 541 -22.81 2.26 -16.02
C MET B 541 -21.89 1.05 -15.84
N GLU B 542 -20.66 1.15 -16.36
CA GLU B 542 -19.69 0.07 -16.19
C GLU B 542 -19.32 -0.13 -14.73
N ASP B 543 -19.14 0.97 -13.99
CA ASP B 543 -18.82 0.87 -12.57
C ASP B 543 -19.96 0.23 -11.79
N LEU B 544 -21.20 0.61 -12.07
CA LEU B 544 -22.32 0.00 -11.38
C LEU B 544 -22.44 -1.49 -11.72
N LEU B 545 -22.18 -1.85 -12.97
CA LEU B 545 -22.24 -3.25 -13.37
C LEU B 545 -21.11 -4.06 -12.74
N GLN B 546 -19.92 -3.47 -12.60
CA GLN B 546 -18.83 -4.16 -11.91
C GLN B 546 -19.16 -4.37 -10.44
N ALA B 547 -19.76 -3.36 -9.80
CA ALA B 547 -20.21 -3.51 -8.42
C ALA B 547 -21.27 -4.61 -8.31
N LEU B 548 -22.15 -4.69 -9.29
CA LEU B 548 -23.17 -5.74 -9.30
C LEU B 548 -22.55 -7.12 -9.46
N VAL B 549 -21.48 -7.22 -10.25
CA VAL B 549 -20.76 -8.48 -10.37
C VAL B 549 -20.23 -8.91 -9.02
N VAL B 550 -19.62 -7.98 -8.29
CA VAL B 550 -19.10 -8.28 -6.96
C VAL B 550 -20.22 -8.71 -6.03
N VAL B 551 -21.34 -7.98 -6.05
CA VAL B 551 -22.46 -8.26 -5.16
C VAL B 551 -23.03 -9.66 -5.44
N SER B 552 -23.23 -9.98 -6.72
CA SER B 552 -23.81 -11.27 -7.07
C SER B 552 -22.87 -12.42 -6.75
N LEU B 553 -21.57 -12.25 -7.00
CA LEU B 553 -20.61 -13.29 -6.65
C LEU B 553 -20.57 -13.55 -5.15
N SER B 554 -20.86 -12.54 -4.35
CA SER B 554 -20.89 -12.70 -2.90
C SER B 554 -22.11 -13.44 -2.39
N SER B 555 -23.11 -13.67 -3.24
CA SER B 555 -24.36 -14.24 -2.77
C SER B 555 -24.66 -15.55 -3.50
N ARG B 556 -25.85 -16.08 -3.24
CA ARG B 556 -26.30 -17.35 -3.81
C ARG B 556 -27.50 -17.09 -4.70
N SER B 557 -27.40 -17.46 -5.97
CA SER B 557 -28.48 -17.33 -6.94
C SER B 557 -28.02 -18.02 -8.21
N LEU B 558 -28.88 -17.98 -9.22
CA LEU B 558 -28.50 -18.50 -10.53
C LEU B 558 -27.44 -17.62 -11.17
N LEU B 559 -27.64 -16.30 -11.16
CA LEU B 559 -26.64 -15.39 -11.71
C LEU B 559 -25.29 -15.56 -11.02
N SER B 560 -25.28 -15.79 -9.70
CA SER B 560 -24.03 -16.04 -9.00
C SER B 560 -23.35 -17.29 -9.52
N ASP B 561 -24.12 -18.36 -9.76
CA ASP B 561 -23.54 -19.60 -10.25
C ASP B 561 -22.96 -19.45 -11.65
N GLN B 562 -23.69 -18.77 -12.55
CA GLN B 562 -23.17 -18.62 -13.92
C GLN B 562 -21.93 -17.73 -13.95
N MET B 563 -21.98 -16.59 -13.25
CA MET B 563 -20.80 -15.73 -13.19
C MET B 563 -19.69 -16.37 -12.39
N GLY B 564 -20.02 -17.26 -11.48
CA GLY B 564 -18.98 -18.03 -10.79
C GLY B 564 -18.26 -18.99 -11.71
N CYS B 565 -18.98 -19.60 -12.66
CA CYS B 565 -18.32 -20.42 -13.66
C CYS B 565 -17.34 -19.61 -14.49
N GLU B 566 -17.74 -18.41 -14.92
CA GLU B 566 -16.83 -17.53 -15.65
C GLU B 566 -15.67 -17.09 -14.78
N PHE B 567 -15.93 -16.80 -13.50
CA PHE B 567 -14.88 -16.41 -12.58
C PHE B 567 -13.86 -17.54 -12.39
N PHE B 568 -14.35 -18.78 -12.29
CA PHE B 568 -13.47 -19.93 -12.18
C PHE B 568 -12.64 -20.15 -13.44
N ASN B 569 -13.20 -19.85 -14.61
CA ASN B 569 -12.44 -19.93 -15.85
C ASN B 569 -11.26 -18.96 -15.84
N LEU B 570 -11.49 -17.73 -15.39
CA LEU B 570 -10.40 -16.75 -15.30
C LEU B 570 -9.33 -17.20 -14.30
N LEU B 571 -9.75 -17.75 -13.17
CA LEU B 571 -8.81 -18.27 -12.18
C LEU B 571 -8.00 -19.42 -12.75
N ILE B 572 -8.65 -20.30 -13.52
CA ILE B 572 -7.95 -21.41 -14.16
C ILE B 572 -6.91 -20.89 -15.14
N MET B 573 -7.25 -19.86 -15.91
CA MET B 573 -6.30 -19.29 -16.86
C MET B 573 -5.05 -18.78 -16.17
N GLU B 574 -5.22 -17.99 -15.11
CA GLU B 574 -4.07 -17.44 -14.42
C GLU B 574 -3.25 -18.53 -13.72
N GLN B 575 -3.92 -19.50 -13.09
CA GLN B 575 -3.22 -20.59 -12.42
C GLN B 575 -2.48 -21.47 -13.41
N SER B 576 -3.05 -21.68 -14.59
CA SER B 576 -2.40 -22.50 -15.61
C SER B 576 -1.18 -21.80 -16.19
N GLN B 577 -1.23 -20.47 -16.31
CA GLN B 577 -0.03 -19.72 -16.70
C GLN B 577 1.08 -19.88 -15.67
N LEU B 578 0.75 -19.75 -14.39
CA LEU B 578 1.74 -19.93 -13.33
C LEU B 578 2.37 -21.33 -13.37
N LEU B 579 1.54 -22.35 -13.60
CA LEU B 579 2.01 -23.74 -13.62
C LEU B 579 2.87 -24.02 -14.85
N SER B 580 2.50 -23.47 -16.01
CA SER B 580 3.26 -23.70 -17.23
C SER B 580 4.65 -23.06 -17.18
N GLU B 581 4.87 -22.13 -16.26
CA GLU B 581 6.22 -21.61 -16.04
C GLU B 581 7.20 -22.70 -15.62
N SER B 582 6.71 -23.84 -15.15
CA SER B 582 7.56 -24.97 -14.81
C SER B 582 7.79 -25.90 -15.97
N LEU B 583 7.27 -25.58 -17.16
CA LEU B 583 7.51 -26.44 -18.31
C LEU B 583 8.94 -26.29 -18.80
N GLN B 584 9.56 -25.13 -18.56
CA GLN B 584 10.95 -24.90 -18.92
C GLN B 584 11.93 -25.29 -17.83
N LYS B 585 11.44 -25.66 -16.65
CA LYS B 585 12.29 -26.03 -15.53
C LYS B 585 12.37 -27.52 -15.30
N THR B 586 11.34 -28.27 -15.68
CA THR B 586 11.27 -29.69 -15.45
C THR B 586 10.97 -30.40 -16.76
N ARG B 587 11.28 -31.70 -16.79
CA ARG B 587 10.82 -32.58 -17.85
C ARG B 587 9.81 -33.57 -17.30
N GLU B 588 10.18 -34.33 -16.27
CA GLU B 588 9.27 -35.19 -15.55
C GLU B 588 8.88 -34.52 -14.24
N LEU B 589 7.59 -34.50 -13.95
CA LEU B 589 7.10 -33.81 -12.76
C LEU B 589 5.91 -34.56 -12.19
N PHE B 590 5.98 -34.89 -10.90
CA PHE B 590 4.87 -35.50 -10.18
C PHE B 590 4.09 -34.38 -9.48
N ILE B 591 2.86 -34.16 -9.91
CA ILE B 591 2.06 -33.05 -9.43
C ILE B 591 1.00 -33.59 -8.47
N TYR B 592 1.16 -33.29 -7.19
CA TYR B 592 0.20 -33.69 -6.16
C TYR B 592 -0.86 -32.62 -6.00
N CYS B 593 -2.12 -33.04 -6.07
CA CYS B 593 -3.25 -32.12 -6.05
C CYS B 593 -4.19 -32.48 -4.91
N PHE B 594 -4.61 -31.47 -4.15
CA PHE B 594 -5.66 -31.65 -3.17
C PHE B 594 -6.98 -31.96 -3.86
N PRO B 595 -7.92 -32.57 -3.16
CA PRO B 595 -9.25 -32.77 -3.73
C PRO B 595 -9.89 -31.44 -4.11
N GLY B 596 -10.59 -31.45 -5.24
CA GLY B 596 -11.31 -30.28 -5.69
C GLY B 596 -10.47 -29.19 -6.32
N VAL B 597 -9.33 -29.52 -6.92
CA VAL B 597 -8.49 -28.51 -7.57
C VAL B 597 -8.77 -28.33 -9.05
N ARG B 598 -9.57 -29.21 -9.66
CA ARG B 598 -9.89 -29.14 -11.08
C ARG B 598 -8.63 -29.26 -11.94
N LYS B 599 -7.96 -30.40 -11.81
CA LYS B 599 -6.70 -30.61 -12.50
C LYS B 599 -6.89 -31.04 -13.95
N THR B 600 -8.09 -31.48 -14.33
CA THR B 600 -8.33 -31.79 -15.74
C THR B 600 -8.30 -30.52 -16.57
N ALA B 601 -8.92 -29.45 -16.08
CA ALA B 601 -8.83 -28.17 -16.76
C ALA B 601 -7.39 -27.66 -16.78
N LEU B 602 -6.65 -27.84 -15.68
CA LEU B 602 -5.24 -27.46 -15.65
C LEU B 602 -4.43 -28.21 -16.69
N ALA B 603 -4.67 -29.52 -16.83
CA ALA B 603 -3.97 -30.33 -17.81
C ALA B 603 -4.27 -29.87 -19.24
N ILE B 604 -5.53 -29.51 -19.51
CA ILE B 604 -5.90 -29.05 -20.85
C ILE B 604 -5.14 -27.78 -21.22
N LYS B 605 -5.13 -26.80 -20.33
CA LYS B 605 -4.40 -25.56 -20.60
C LYS B 605 -2.89 -25.78 -20.64
N ILE B 606 -2.39 -26.78 -19.90
CA ILE B 606 -0.96 -27.09 -19.92
C ILE B 606 -0.53 -27.64 -21.27
N MET B 607 -1.36 -28.49 -21.88
CA MET B 607 -1.07 -28.96 -23.23
C MET B 607 -1.07 -27.82 -24.23
N GLU B 608 -1.99 -26.87 -24.08
CA GLU B 608 -1.96 -25.67 -24.92
C GLU B 608 -0.59 -25.01 -24.83
N LYS B 609 -0.09 -24.81 -23.60
CA LYS B 609 1.21 -24.18 -23.41
C LYS B 609 2.35 -25.04 -23.92
N ILE B 610 2.22 -26.36 -23.85
CA ILE B 610 3.25 -27.25 -24.39
C ILE B 610 3.40 -27.05 -25.89
N LYS B 611 2.27 -27.02 -26.60
CA LYS B 611 2.30 -26.79 -28.04
C LYS B 611 2.88 -25.42 -28.38
N ASP B 612 2.54 -24.40 -27.60
CA ASP B 612 3.05 -23.05 -27.85
C ASP B 612 4.56 -22.98 -27.63
N LEU B 613 5.06 -23.64 -26.59
CA LEU B 613 6.46 -23.46 -26.20
C LEU B 613 7.38 -24.37 -27.01
N PHE B 614 6.99 -25.62 -27.21
CA PHE B 614 7.85 -26.58 -27.88
C PHE B 614 7.66 -26.60 -29.39
N HIS B 615 6.69 -25.85 -29.92
CA HIS B 615 6.44 -25.74 -31.35
C HIS B 615 6.26 -27.12 -31.99
N CYS B 616 5.53 -27.99 -31.30
CA CYS B 616 5.29 -29.34 -31.77
C CYS B 616 3.91 -29.46 -32.42
N LYS B 617 3.72 -30.56 -33.14
CA LYS B 617 2.44 -30.86 -33.74
C LYS B 617 1.44 -31.19 -32.63
N PRO B 618 0.17 -30.83 -32.80
CA PRO B 618 -0.82 -31.16 -31.77
C PRO B 618 -0.96 -32.64 -31.50
N LYS B 619 -0.73 -33.49 -32.50
CA LYS B 619 -0.85 -34.93 -32.32
C LYS B 619 0.38 -35.55 -31.66
N GLU B 620 1.44 -34.77 -31.44
CA GLU B 620 2.62 -35.26 -30.75
C GLU B 620 2.46 -35.28 -29.23
N ILE B 621 1.45 -34.61 -28.70
CA ILE B 621 1.19 -34.56 -27.26
C ILE B 621 0.11 -35.59 -26.95
N LEU B 622 0.35 -36.40 -25.93
CA LEU B 622 -0.54 -37.49 -25.56
C LEU B 622 -1.15 -37.26 -24.18
N TYR B 623 -2.43 -37.56 -24.05
CA TYR B 623 -3.15 -37.49 -22.78
C TYR B 623 -3.58 -38.90 -22.42
N VAL B 624 -3.20 -39.34 -21.22
CA VAL B 624 -3.55 -40.66 -20.73
C VAL B 624 -4.34 -40.50 -19.45
N CYS B 625 -5.55 -41.06 -19.43
CA CYS B 625 -6.40 -41.10 -18.26
C CYS B 625 -6.87 -42.53 -18.06
N GLU B 626 -7.61 -42.78 -16.99
CA GLU B 626 -8.09 -44.12 -16.69
C GLU B 626 -9.51 -44.38 -17.19
N SER B 627 -10.42 -43.44 -16.97
CA SER B 627 -11.82 -43.62 -17.35
C SER B 627 -12.05 -43.16 -18.79
N ASP B 628 -13.10 -43.70 -19.40
CA ASP B 628 -13.43 -43.39 -20.78
C ASP B 628 -14.30 -42.14 -20.93
N SER B 629 -15.15 -41.86 -19.94
CA SER B 629 -15.94 -40.63 -19.99
C SER B 629 -15.05 -39.40 -19.94
N LEU B 630 -14.03 -39.43 -19.07
CA LEU B 630 -13.07 -38.34 -19.03
C LEU B 630 -12.30 -38.25 -20.34
N LYS B 631 -12.00 -39.39 -20.96
CA LYS B 631 -11.33 -39.38 -22.26
C LYS B 631 -12.17 -38.67 -23.31
N ASP B 632 -13.47 -39.00 -23.38
CA ASP B 632 -14.36 -38.34 -24.34
C ASP B 632 -14.41 -36.84 -24.10
N PHE B 633 -14.51 -36.43 -22.83
CA PHE B 633 -14.53 -35.01 -22.50
C PHE B 633 -13.27 -34.30 -22.97
N VAL B 634 -12.10 -34.91 -22.77
CA VAL B 634 -10.84 -34.25 -23.09
C VAL B 634 -10.66 -34.11 -24.61
N THR B 635 -10.94 -35.16 -25.38
CA THR B 635 -10.83 -35.05 -26.84
C THR B 635 -11.83 -34.02 -27.38
N GLN B 636 -12.94 -33.83 -26.68
CA GLN B 636 -13.89 -32.81 -27.09
C GLN B 636 -13.38 -31.41 -26.78
N GLN B 637 -12.48 -31.27 -25.81
CA GLN B 637 -12.00 -29.97 -25.38
C GLN B 637 -10.59 -29.62 -25.83
N THR B 638 -9.87 -30.55 -26.46
CA THR B 638 -8.51 -30.30 -26.87
C THR B 638 -8.25 -30.86 -28.27
N THR B 639 -7.24 -30.30 -28.92
CA THR B 639 -6.81 -30.75 -30.23
C THR B 639 -5.73 -31.82 -30.16
N CYS B 640 -5.17 -32.08 -28.98
CA CYS B 640 -4.14 -33.08 -28.81
C CYS B 640 -4.74 -34.48 -28.73
N GLN B 641 -3.89 -35.48 -28.84
CA GLN B 641 -4.32 -36.87 -28.82
C GLN B 641 -4.55 -37.32 -27.38
N ALA B 642 -5.75 -37.82 -27.10
CA ALA B 642 -6.10 -38.30 -25.77
C ALA B 642 -6.62 -39.72 -25.87
N VAL B 643 -6.03 -40.62 -25.06
CA VAL B 643 -6.41 -42.02 -25.03
C VAL B 643 -6.51 -42.48 -23.58
N THR B 644 -7.24 -43.57 -23.38
CA THR B 644 -7.28 -44.23 -22.09
C THR B 644 -6.02 -45.07 -21.90
N ARG B 645 -5.78 -45.48 -20.65
CA ARG B 645 -4.59 -46.26 -20.35
C ARG B 645 -4.58 -47.60 -21.10
N LYS B 646 -5.75 -48.19 -21.31
CA LYS B 646 -5.83 -49.42 -22.08
C LYS B 646 -5.37 -49.20 -23.52
N THR B 647 -5.83 -48.12 -24.15
CA THR B 647 -5.38 -47.79 -25.48
C THR B 647 -3.89 -47.48 -25.51
N PHE B 648 -3.40 -46.79 -24.48
CA PHE B 648 -1.98 -46.47 -24.39
C PHE B 648 -1.12 -47.72 -24.34
N MET B 649 -1.55 -48.72 -23.55
CA MET B 649 -0.79 -49.95 -23.42
C MET B 649 -0.92 -50.86 -24.65
N GLN B 650 -2.01 -50.75 -25.39
CA GLN B 650 -2.26 -51.63 -26.52
C GLN B 650 -1.82 -51.03 -27.86
N GLY B 651 -1.26 -49.83 -27.88
CA GLY B 651 -0.85 -49.18 -29.11
C GLY B 651 0.62 -48.84 -29.13
N GLU B 652 1.02 -48.22 -30.24
CA GLU B 652 2.37 -47.72 -30.45
C GLU B 652 2.31 -46.21 -30.64
N PHE B 653 3.20 -45.50 -29.97
CA PHE B 653 3.19 -44.04 -29.94
C PHE B 653 4.57 -43.49 -30.25
N LEU B 654 5.17 -44.01 -31.33
CA LEU B 654 6.51 -43.58 -31.72
C LEU B 654 6.57 -42.11 -32.10
N LYS B 655 5.44 -41.51 -32.48
CA LYS B 655 5.38 -40.11 -32.84
C LYS B 655 5.02 -39.20 -31.67
N ILE B 656 4.89 -39.75 -30.46
CA ILE B 656 4.53 -38.98 -29.28
C ILE B 656 5.81 -38.47 -28.63
N LYS B 657 5.84 -37.17 -28.36
CA LYS B 657 6.98 -36.54 -27.67
C LYS B 657 6.70 -36.21 -26.22
N HIS B 658 5.52 -35.68 -25.91
CA HIS B 658 5.16 -35.29 -24.56
C HIS B 658 3.92 -36.05 -24.10
N ILE B 659 3.92 -36.44 -22.83
CA ILE B 659 2.81 -37.17 -22.23
C ILE B 659 2.36 -36.44 -20.98
N VAL B 660 1.06 -36.19 -20.87
CA VAL B 660 0.43 -35.64 -19.68
C VAL B 660 -0.56 -36.66 -19.16
N MET B 661 -0.44 -37.01 -17.88
CA MET B 661 -1.25 -38.06 -17.30
C MET B 661 -2.17 -37.48 -16.23
N ASP B 662 -3.40 -37.99 -16.19
CA ASP B 662 -4.41 -37.54 -15.25
C ASP B 662 -5.06 -38.75 -14.61
N GLU B 663 -5.69 -38.51 -13.46
CA GLU B 663 -6.26 -39.56 -12.60
C GLU B 663 -5.36 -40.79 -12.57
N THR B 664 -4.07 -40.53 -12.31
CA THR B 664 -3.06 -41.58 -12.31
C THR B 664 -3.19 -42.52 -11.12
N GLU B 665 -3.93 -42.12 -10.09
CA GLU B 665 -4.08 -42.96 -8.91
C GLU B 665 -4.94 -44.19 -9.17
N ASN B 666 -5.77 -44.18 -10.20
CA ASN B 666 -6.58 -45.34 -10.57
C ASN B 666 -5.88 -46.24 -11.57
N PHE B 667 -4.63 -45.97 -11.92
CA PHE B 667 -3.95 -46.78 -12.91
C PHE B 667 -3.61 -48.14 -12.35
N CYS B 668 -3.30 -49.07 -13.25
CA CYS B 668 -3.02 -50.44 -12.87
C CYS B 668 -1.75 -50.94 -13.57
N SER B 669 -1.10 -51.89 -12.94
CA SER B 669 0.08 -52.55 -13.50
C SER B 669 -0.27 -53.89 -14.12
N LYS B 670 -1.56 -54.23 -14.21
CA LYS B 670 -1.94 -55.53 -14.75
C LYS B 670 -1.69 -55.62 -16.25
N TYR B 671 -1.86 -54.51 -16.96
CA TYR B 671 -1.64 -54.49 -18.41
C TYR B 671 -0.20 -54.19 -18.79
N GLY B 672 0.70 -54.08 -17.81
CA GLY B 672 2.08 -53.77 -18.07
C GLY B 672 2.54 -52.58 -17.25
N ASN B 673 3.78 -52.17 -17.48
CA ASN B 673 4.33 -51.01 -16.78
C ASN B 673 4.09 -49.79 -17.67
N TRP B 674 2.98 -49.10 -17.40
CA TRP B 674 2.66 -47.88 -18.12
C TRP B 674 3.70 -46.80 -17.86
N TYR B 675 4.21 -46.74 -16.62
CA TYR B 675 5.22 -45.74 -16.30
C TYR B 675 6.49 -45.94 -17.10
N MET B 676 6.94 -47.19 -17.24
CA MET B 676 8.13 -47.46 -18.04
C MET B 676 7.90 -47.08 -19.49
N LYS B 677 6.72 -47.40 -20.01
CA LYS B 677 6.40 -47.07 -21.40
C LYS B 677 6.39 -45.56 -21.61
N ALA B 678 5.77 -44.83 -20.69
CA ALA B 678 5.75 -43.37 -20.81
C ALA B 678 7.15 -42.79 -20.70
N LYS B 679 7.96 -43.31 -19.77
CA LYS B 679 9.33 -42.85 -19.62
C LYS B 679 10.16 -43.13 -20.85
N ASN B 680 9.98 -44.31 -21.47
CA ASN B 680 10.71 -44.64 -22.69
C ASN B 680 10.31 -43.74 -23.85
N ILE B 681 9.02 -43.42 -23.95
CA ILE B 681 8.57 -42.57 -25.04
C ILE B 681 9.13 -41.16 -24.91
N THR B 682 8.99 -40.56 -23.74
CA THR B 682 9.39 -39.16 -23.56
C THR B 682 10.89 -39.00 -23.39
N HIS B 683 11.56 -39.96 -22.75
CA HIS B 683 12.98 -39.88 -22.47
C HIS B 683 13.66 -41.15 -22.96
N PRO B 684 13.81 -41.31 -24.27
CA PRO B 684 14.35 -42.56 -24.81
C PRO B 684 15.87 -42.63 -24.66
N LYS B 685 16.34 -43.73 -24.08
CA LYS B 685 17.77 -43.95 -23.97
C LYS B 685 18.32 -44.52 -25.27
N ALA B 686 19.59 -44.19 -25.55
CA ALA B 686 20.28 -44.68 -26.73
C ALA B 686 21.21 -45.82 -26.33
N LYS B 687 21.04 -46.97 -26.98
CA LYS B 687 21.90 -48.13 -26.76
C LYS B 687 22.96 -48.14 -27.85
N GLY B 688 24.19 -47.83 -27.48
CA GLY B 688 25.26 -47.68 -28.45
C GLY B 688 25.35 -46.31 -29.08
N THR B 689 24.69 -45.30 -28.50
CA THR B 689 24.66 -43.92 -28.97
C THR B 689 24.45 -43.84 -30.48
N GLY B 690 25.35 -43.16 -31.18
CA GLY B 690 25.29 -43.01 -32.63
C GLY B 690 24.45 -41.84 -33.11
N SER B 691 23.30 -41.61 -32.46
CA SER B 691 22.39 -40.54 -32.86
C SER B 691 22.64 -39.32 -31.96
N GLU B 692 22.85 -38.17 -32.59
CA GLU B 692 23.16 -36.94 -31.89
C GLU B 692 21.94 -36.06 -31.67
N ASN B 693 20.74 -36.58 -31.91
CA ASN B 693 19.51 -35.82 -31.81
C ASN B 693 18.63 -36.35 -30.69
N LEU B 694 19.23 -36.64 -29.54
CA LEU B 694 18.48 -37.16 -28.40
C LEU B 694 17.46 -36.14 -27.93
N HIS B 695 16.25 -36.62 -27.66
CA HIS B 695 15.12 -35.76 -27.30
C HIS B 695 14.67 -36.09 -25.88
N HIS B 696 14.45 -35.05 -25.08
CA HIS B 696 13.88 -35.18 -23.76
C HIS B 696 12.55 -34.45 -23.76
N GLY B 697 11.49 -35.16 -23.38
CA GLY B 697 10.14 -34.64 -23.47
C GLY B 697 9.49 -34.48 -22.10
N ILE B 698 8.34 -33.83 -22.11
CA ILE B 698 7.56 -33.58 -20.90
C ILE B 698 6.85 -34.86 -20.49
N LEU B 699 6.97 -35.23 -19.22
CA LEU B 699 6.23 -36.35 -18.64
C LEU B 699 5.67 -35.88 -17.31
N TRP B 700 4.48 -35.29 -17.33
CA TRP B 700 3.85 -34.75 -16.15
C TRP B 700 2.73 -35.68 -15.69
N LEU B 701 2.75 -36.06 -14.42
CA LEU B 701 1.75 -36.94 -13.84
C LEU B 701 0.96 -36.17 -12.81
N PHE B 702 -0.34 -36.01 -13.05
CA PHE B 702 -1.24 -35.38 -12.09
C PHE B 702 -1.78 -36.46 -11.17
N LEU B 703 -1.44 -36.36 -9.88
CA LEU B 703 -1.79 -37.36 -8.90
C LEU B 703 -2.67 -36.75 -7.82
N ASP B 704 -3.57 -37.57 -7.28
CA ASP B 704 -4.43 -37.19 -6.17
C ASP B 704 -4.41 -38.34 -5.16
N PRO B 705 -3.49 -38.28 -4.18
CA PRO B 705 -3.36 -39.40 -3.23
C PRO B 705 -4.60 -39.64 -2.38
N PHE B 706 -5.47 -38.64 -2.21
CA PHE B 706 -6.59 -38.78 -1.30
C PHE B 706 -7.72 -39.61 -1.87
N GLN B 707 -7.71 -39.91 -3.17
CA GLN B 707 -8.75 -40.72 -3.78
C GLN B 707 -8.15 -41.97 -4.42
N ILE B 708 -7.24 -42.63 -3.71
CA ILE B 708 -6.67 -43.89 -4.18
C ILE B 708 -7.51 -45.00 -3.57
N HIS B 709 -8.39 -45.58 -4.40
CA HIS B 709 -9.33 -46.60 -3.95
C HIS B 709 -9.08 -47.91 -4.69
N HIS B 710 -9.42 -49.01 -4.04
CA HIS B 710 -9.15 -50.36 -4.54
C HIS B 710 -7.65 -50.52 -4.80
N ALA B 711 -6.89 -50.43 -3.71
CA ALA B 711 -5.43 -50.32 -3.76
C ALA B 711 -4.79 -51.66 -4.06
N ASP B 712 -4.69 -51.98 -5.34
CA ASP B 712 -3.82 -53.04 -5.81
C ASP B 712 -2.51 -52.41 -6.28
N VAL B 713 -1.64 -53.20 -6.93
CA VAL B 713 -0.36 -52.68 -7.37
C VAL B 713 -0.58 -51.57 -8.38
N ASN B 714 -0.23 -50.34 -7.99
CA ASN B 714 -0.55 -49.16 -8.79
C ASN B 714 0.36 -49.00 -10.00
N GLY B 715 1.60 -49.48 -9.92
CA GLY B 715 2.55 -49.33 -11.01
C GLY B 715 3.39 -48.07 -10.95
N LEU B 716 3.11 -47.18 -10.01
CA LEU B 716 3.91 -45.98 -9.83
C LEU B 716 5.23 -46.32 -9.16
N PRO B 717 6.27 -45.53 -9.39
CA PRO B 717 7.51 -45.68 -8.62
C PRO B 717 7.25 -45.36 -7.16
N PRO B 718 8.10 -45.84 -6.25
CA PRO B 718 7.86 -45.58 -4.84
C PRO B 718 7.92 -44.10 -4.55
N PRO B 719 7.26 -43.66 -3.48
CA PRO B 719 7.22 -42.21 -3.20
C PRO B 719 8.59 -41.58 -3.01
N SER B 720 9.59 -42.34 -2.58
CA SER B 720 10.93 -41.78 -2.44
C SER B 720 11.54 -41.40 -3.78
N ALA B 721 11.09 -42.02 -4.87
CA ALA B 721 11.61 -41.76 -6.20
C ALA B 721 10.70 -40.86 -7.03
N GLN B 722 9.65 -40.30 -6.43
CA GLN B 722 8.71 -39.44 -7.15
C GLN B 722 9.15 -37.98 -7.03
N PHE B 723 10.27 -37.69 -7.69
CA PHE B 723 10.87 -36.36 -7.71
C PHE B 723 11.31 -36.04 -9.13
N PRO B 724 11.25 -34.77 -9.53
CA PRO B 724 10.79 -33.59 -8.77
C PRO B 724 9.27 -33.55 -8.64
N ARG B 725 8.76 -32.86 -7.65
CA ARG B 725 7.33 -32.85 -7.38
C ARG B 725 6.86 -31.42 -7.15
N LYS B 726 5.58 -31.19 -7.42
CA LYS B 726 4.93 -29.91 -7.18
C LYS B 726 3.58 -30.18 -6.54
N THR B 727 3.28 -29.48 -5.45
CA THR B 727 2.00 -29.62 -4.78
C THR B 727 1.14 -28.41 -5.13
N ILE B 728 -0.06 -28.68 -5.64
CA ILE B 728 -1.00 -27.65 -6.05
C ILE B 728 -2.00 -27.45 -4.92
N THR B 729 -1.97 -26.26 -4.31
CA THR B 729 -2.84 -25.94 -3.19
C THR B 729 -3.92 -24.93 -3.54
N SER B 730 -3.64 -23.98 -4.42
CA SER B 730 -4.52 -22.84 -4.69
C SER B 730 -5.36 -23.05 -5.94
N GLY B 731 -5.86 -24.26 -6.17
CA GLY B 731 -6.75 -24.52 -7.30
C GLY B 731 -8.18 -24.84 -6.98
N ILE B 732 -8.63 -24.64 -5.73
CA ILE B 732 -9.98 -25.06 -5.34
C ILE B 732 -11.00 -24.12 -5.99
N HIS B 733 -11.85 -24.69 -6.85
CA HIS B 733 -12.82 -23.93 -7.62
C HIS B 733 -14.23 -24.42 -7.36
N CYS B 734 -14.58 -24.61 -6.09
CA CYS B 734 -15.91 -25.05 -5.72
C CYS B 734 -16.50 -24.08 -4.71
N ALA B 735 -17.65 -24.44 -4.14
CA ALA B 735 -18.28 -23.61 -3.15
C ALA B 735 -17.57 -23.71 -1.80
N LEU B 736 -17.83 -22.72 -0.94
CA LEU B 736 -17.24 -22.73 0.40
C LEU B 736 -17.73 -23.94 1.20
N GLU B 737 -19.02 -24.25 1.10
CA GLU B 737 -19.57 -25.38 1.84
C GLU B 737 -19.00 -26.70 1.35
N ILE B 738 -18.90 -26.86 0.02
CA ILE B 738 -18.30 -28.07 -0.54
C ILE B 738 -16.84 -28.18 -0.13
N ALA B 739 -16.11 -27.06 -0.14
CA ALA B 739 -14.72 -27.07 0.26
C ALA B 739 -14.55 -27.44 1.73
N LYS B 740 -15.43 -26.96 2.59
CA LYS B 740 -15.34 -27.30 4.01
C LYS B 740 -15.65 -28.76 4.26
N VAL B 741 -16.56 -29.35 3.50
CA VAL B 741 -16.83 -30.78 3.61
C VAL B 741 -15.58 -31.58 3.22
N MET B 742 -14.93 -31.19 2.12
CA MET B 742 -13.72 -31.88 1.70
C MET B 742 -12.59 -31.71 2.71
N LYS B 743 -12.49 -30.54 3.33
CA LYS B 743 -11.48 -30.33 4.37
C LYS B 743 -11.73 -31.22 5.57
N GLU B 744 -12.98 -31.34 6.01
CA GLU B 744 -13.30 -32.22 7.13
C GLU B 744 -12.97 -33.67 6.81
N GLU B 745 -13.32 -34.10 5.59
CA GLU B 745 -13.01 -35.47 5.18
C GLU B 745 -11.51 -35.70 5.11
N MET B 746 -10.76 -34.72 4.62
CA MET B 746 -9.29 -34.86 4.55
C MET B 746 -8.68 -34.97 5.94
N LYS B 747 -9.15 -34.16 6.90
CA LYS B 747 -8.63 -34.25 8.26
C LYS B 747 -8.95 -35.59 8.90
N ARG B 748 -10.18 -36.08 8.72
CA ARG B 748 -10.55 -37.38 9.26
C ARG B 748 -9.74 -38.51 8.61
N ILE B 749 -9.51 -38.42 7.30
CA ILE B 749 -8.71 -39.43 6.60
C ILE B 749 -7.29 -39.43 7.15
N LYS B 750 -6.71 -38.24 7.35
CA LYS B 750 -5.38 -38.15 7.91
C LYS B 750 -5.35 -38.69 9.33
N GLU B 751 -6.45 -38.53 10.07
CA GLU B 751 -6.52 -39.06 11.43
C GLU B 751 -6.42 -40.57 11.44
N ASN B 752 -7.12 -41.24 10.52
CA ASN B 752 -7.12 -42.70 10.42
C ASN B 752 -6.85 -43.09 8.97
N PRO B 753 -5.61 -42.94 8.52
CA PRO B 753 -5.29 -43.31 7.13
C PRO B 753 -5.44 -44.80 6.91
N PRO B 754 -5.97 -45.19 5.76
CA PRO B 754 -6.04 -46.62 5.43
C PRO B 754 -4.67 -47.24 5.34
N SER B 755 -4.58 -48.50 5.73
CA SER B 755 -3.29 -49.21 5.71
C SER B 755 -2.77 -49.42 4.31
N ASN B 756 -3.63 -49.32 3.29
CA ASN B 756 -3.23 -49.61 1.92
C ASN B 756 -2.67 -48.41 1.20
N MET B 757 -2.55 -47.26 1.84
CA MET B 757 -1.97 -46.08 1.23
C MET B 757 -0.81 -45.57 2.09
N SER B 758 0.21 -45.05 1.42
CA SER B 758 1.44 -44.67 2.08
C SER B 758 1.26 -43.36 2.83
N PRO B 759 1.55 -43.31 4.13
CA PRO B 759 1.39 -42.05 4.87
C PRO B 759 2.35 -40.96 4.43
N ASP B 760 3.46 -41.29 3.77
CA ASP B 760 4.43 -40.29 3.39
C ASP B 760 3.89 -39.36 2.31
N THR B 761 3.00 -39.86 1.45
CA THR B 761 2.34 -39.02 0.47
C THR B 761 1.25 -38.15 1.10
N LEU B 762 0.69 -38.59 2.23
CA LEU B 762 -0.29 -37.78 2.94
C LEU B 762 0.36 -36.74 3.84
N ALA B 763 1.66 -36.86 4.10
CA ALA B 763 2.37 -35.84 4.87
C ALA B 763 2.53 -34.54 4.12
N LEU B 764 2.25 -34.51 2.81
CA LEU B 764 2.42 -33.30 2.03
C LEU B 764 1.19 -32.40 2.06
N PHE B 765 0.11 -32.82 2.67
CA PHE B 765 -1.15 -32.09 2.64
C PHE B 765 -1.39 -31.46 4.01
N SER B 766 -1.48 -30.14 4.03
CA SER B 766 -1.65 -29.39 5.27
C SER B 766 -2.99 -28.68 5.26
N GLU B 767 -3.73 -28.79 6.36
CA GLU B 767 -5.06 -28.20 6.40
C GLU B 767 -4.99 -26.68 6.37
N THR B 768 -3.93 -26.09 6.94
CA THR B 768 -3.83 -24.64 7.00
C THR B 768 -3.67 -24.05 5.60
N ALA B 769 -2.78 -24.65 4.80
CA ALA B 769 -2.60 -24.18 3.43
C ALA B 769 -3.87 -24.38 2.62
N TYR B 770 -4.55 -25.51 2.83
CA TYR B 770 -5.81 -25.77 2.14
C TYR B 770 -6.89 -24.76 2.51
N GLU B 771 -6.97 -24.40 3.80
CA GLU B 771 -7.96 -23.42 4.24
C GLU B 771 -7.67 -22.04 3.68
N GLU B 772 -6.40 -21.65 3.62
CA GLU B 772 -6.05 -20.36 3.03
C GLU B 772 -6.45 -20.30 1.56
N ALA B 773 -6.21 -21.37 0.82
CA ALA B 773 -6.60 -21.44 -0.58
C ALA B 773 -8.12 -21.39 -0.75
N THR B 774 -8.86 -22.07 0.13
CA THR B 774 -10.32 -22.02 0.07
C THR B 774 -10.86 -20.61 0.26
N SER B 775 -10.33 -19.89 1.27
CA SER B 775 -10.77 -18.52 1.50
C SER B 775 -10.35 -17.60 0.38
N ALA B 776 -9.30 -17.94 -0.36
CA ALA B 776 -8.86 -17.10 -1.48
C ALA B 776 -9.72 -17.27 -2.72
N GLN B 777 -10.23 -18.47 -2.99
CA GLN B 777 -10.87 -18.76 -4.28
C GLN B 777 -12.35 -19.06 -4.20
N ALA B 778 -12.78 -19.87 -3.23
CA ALA B 778 -14.12 -20.44 -3.25
C ALA B 778 -15.20 -19.38 -3.09
N LEU B 779 -16.39 -19.68 -3.62
CA LEU B 779 -17.54 -18.79 -3.60
C LEU B 779 -18.68 -19.41 -2.78
N PRO B 780 -19.58 -18.61 -2.23
CA PRO B 780 -20.67 -19.16 -1.44
C PRO B 780 -21.55 -20.10 -2.24
N GLY B 781 -21.99 -21.19 -1.59
CA GLY B 781 -22.78 -22.21 -2.25
C GLY B 781 -23.72 -22.95 -1.34
N VAL B 782 -24.18 -24.12 -1.77
CA VAL B 782 -25.20 -24.89 -1.08
C VAL B 782 -24.69 -26.31 -0.85
N CYS B 783 -24.82 -26.79 0.38
CA CYS B 783 -24.48 -28.17 0.70
C CYS B 783 -25.31 -28.62 1.89
N GLU B 784 -26.27 -29.51 1.65
CA GLU B 784 -27.12 -30.05 2.68
C GLU B 784 -27.13 -31.57 2.62
N THR B 785 -27.50 -32.18 3.74
CA THR B 785 -27.55 -33.63 3.87
C THR B 785 -28.89 -34.04 4.48
N LYS B 786 -29.48 -35.10 3.92
CA LYS B 786 -30.72 -35.67 4.43
C LYS B 786 -30.55 -37.17 4.53
N THR B 787 -31.06 -37.76 5.62
CA THR B 787 -30.82 -39.16 5.93
C THR B 787 -32.13 -39.87 6.25
N ASN B 788 -32.04 -41.20 6.33
CA ASN B 788 -33.17 -42.06 6.73
C ASN B 788 -34.36 -41.89 5.80
N LEU B 789 -34.10 -41.77 4.50
CA LEU B 789 -35.15 -41.58 3.51
C LEU B 789 -35.36 -42.85 2.70
N THR B 790 -36.63 -43.18 2.45
CA THR B 790 -36.93 -44.27 1.54
C THR B 790 -36.63 -43.84 0.10
N THR B 791 -36.72 -44.80 -0.82
CA THR B 791 -36.43 -44.50 -2.22
C THR B 791 -37.39 -43.44 -2.76
N GLU B 792 -38.67 -43.55 -2.44
CA GLU B 792 -39.65 -42.58 -2.90
C GLU B 792 -39.37 -41.19 -2.35
N GLN B 793 -38.97 -41.11 -1.07
CA GLN B 793 -38.66 -39.82 -0.48
C GLN B 793 -37.44 -39.18 -1.15
N ILE B 794 -36.40 -39.97 -1.42
CA ILE B 794 -35.22 -39.43 -2.09
C ILE B 794 -35.56 -38.95 -3.50
N ALA B 795 -36.34 -39.74 -4.23
CA ALA B 795 -36.76 -39.33 -5.57
C ALA B 795 -37.62 -38.07 -5.51
N ASN B 796 -38.52 -37.99 -4.53
CA ASN B 796 -39.36 -36.81 -4.37
C ASN B 796 -38.54 -35.57 -4.07
N TYR B 797 -37.54 -35.68 -3.19
CA TYR B 797 -36.68 -34.55 -2.88
C TYR B 797 -35.93 -34.08 -4.11
N VAL B 798 -35.37 -35.00 -4.89
CA VAL B 798 -34.60 -34.63 -6.07
C VAL B 798 -35.49 -33.96 -7.11
N ALA B 799 -36.69 -34.50 -7.34
CA ALA B 799 -37.58 -33.93 -8.33
C ALA B 799 -38.04 -32.53 -7.93
N ARG B 800 -38.40 -32.35 -6.65
CA ARG B 800 -38.83 -31.03 -6.19
C ARG B 800 -37.70 -30.02 -6.27
N LYS B 801 -36.50 -30.41 -5.87
CA LYS B 801 -35.37 -29.48 -5.91
C LYS B 801 -34.98 -29.16 -7.35
N CYS B 802 -35.03 -30.15 -8.24
CA CYS B 802 -34.73 -29.89 -9.65
C CYS B 802 -35.77 -28.94 -10.26
N HIS B 803 -37.04 -29.13 -9.90
CA HIS B 803 -38.08 -28.21 -10.36
C HIS B 803 -37.84 -26.81 -9.81
N SER B 804 -37.46 -26.70 -8.54
CA SER B 804 -37.17 -25.40 -7.96
C SER B 804 -36.01 -24.73 -8.67
N LEU B 805 -34.96 -25.49 -8.97
CA LEU B 805 -33.81 -24.94 -9.68
C LEU B 805 -34.18 -24.51 -11.09
N PHE B 806 -35.00 -25.30 -11.79
CA PHE B 806 -35.44 -24.94 -13.13
C PHE B 806 -36.30 -23.68 -13.13
N GLN B 807 -37.09 -23.47 -12.07
CA GLN B 807 -37.86 -22.24 -11.95
C GLN B 807 -36.95 -21.02 -11.85
N SER B 808 -35.83 -21.16 -11.15
CA SER B 808 -34.89 -20.06 -10.97
C SER B 808 -34.01 -19.82 -12.19
N GLY B 809 -34.11 -20.66 -13.22
CA GLY B 809 -33.34 -20.48 -14.43
C GLY B 809 -32.22 -21.46 -14.67
N TYR B 810 -32.07 -22.49 -13.82
CA TYR B 810 -31.04 -23.48 -14.03
C TYR B 810 -31.40 -24.38 -15.20
N LEU B 811 -30.40 -24.82 -15.90
CA LEU B 811 -30.58 -25.69 -17.05
C LEU B 811 -30.38 -27.15 -16.66
N PRO B 812 -30.97 -28.09 -17.40
CA PRO B 812 -30.77 -29.51 -17.07
C PRO B 812 -29.32 -29.95 -17.16
N LYS B 813 -28.50 -29.28 -17.96
CA LYS B 813 -27.09 -29.61 -18.09
C LYS B 813 -26.25 -29.16 -16.89
N ASP B 814 -26.86 -28.47 -15.92
CA ASP B 814 -26.15 -28.11 -14.70
C ASP B 814 -26.34 -29.12 -13.58
N ILE B 815 -27.22 -30.11 -13.76
CA ILE B 815 -27.59 -31.04 -12.70
C ILE B 815 -27.12 -32.45 -13.05
N ALA B 816 -26.45 -33.09 -12.11
CA ALA B 816 -26.01 -34.47 -12.23
C ALA B 816 -26.43 -35.23 -10.99
N ILE B 817 -27.05 -36.40 -11.17
CA ILE B 817 -27.43 -37.27 -10.07
C ILE B 817 -26.53 -38.50 -10.12
N LEU B 818 -25.76 -38.72 -9.06
CA LEU B 818 -24.74 -39.75 -9.03
C LEU B 818 -25.06 -40.75 -7.92
N CYS B 819 -25.02 -42.03 -8.27
CA CYS B 819 -25.27 -43.11 -7.33
C CYS B 819 -23.96 -43.77 -6.92
N ARG B 820 -23.88 -44.17 -5.66
CA ARG B 820 -22.64 -44.77 -5.15
C ARG B 820 -22.35 -46.09 -5.85
N ARG B 821 -23.36 -46.92 -6.06
CA ARG B 821 -23.21 -48.22 -6.68
C ARG B 821 -23.97 -48.27 -7.99
N GLY B 822 -23.41 -49.00 -8.95
CA GLY B 822 -23.99 -49.05 -10.28
C GLY B 822 -25.23 -49.90 -10.38
N GLU B 823 -25.43 -50.82 -9.45
CA GLU B 823 -26.61 -51.68 -9.49
C GLU B 823 -27.86 -50.97 -9.01
N ASP B 824 -27.73 -49.77 -8.45
CA ASP B 824 -28.89 -48.97 -8.06
C ASP B 824 -29.39 -48.05 -9.17
N ARG B 825 -28.72 -48.04 -10.32
CA ARG B 825 -29.11 -47.12 -11.39
C ARG B 825 -30.52 -47.40 -11.89
N GLY B 826 -30.87 -48.67 -12.08
CA GLY B 826 -32.17 -48.99 -12.64
C GLY B 826 -33.32 -48.58 -11.76
N ARG B 827 -33.24 -48.91 -10.47
CA ARG B 827 -34.31 -48.54 -9.55
C ARG B 827 -34.40 -47.03 -9.36
N TYR B 828 -33.24 -46.37 -9.25
CA TYR B 828 -33.22 -44.91 -9.11
C TYR B 828 -33.79 -44.21 -10.34
N ARG B 829 -33.45 -44.70 -11.53
CA ARG B 829 -33.97 -44.10 -12.75
C ARG B 829 -35.49 -44.25 -12.83
N LEU B 830 -36.00 -45.42 -12.50
CA LEU B 830 -37.45 -45.64 -12.53
C LEU B 830 -38.17 -44.73 -11.55
N ALA B 831 -37.66 -44.62 -10.32
CA ALA B 831 -38.27 -43.77 -9.31
C ALA B 831 -38.19 -42.30 -9.71
N LEU B 832 -37.09 -41.89 -10.32
CA LEU B 832 -36.93 -40.49 -10.74
C LEU B 832 -37.90 -40.12 -11.85
N LEU B 833 -38.10 -41.00 -12.83
CA LEU B 833 -39.12 -40.76 -13.84
C LEU B 833 -40.50 -40.60 -13.23
N LYS B 834 -40.84 -41.48 -12.29
CA LYS B 834 -42.15 -41.41 -11.65
C LYS B 834 -42.34 -40.08 -10.92
N ALA B 835 -41.36 -39.69 -10.10
CA ALA B 835 -41.48 -38.46 -9.33
C ALA B 835 -41.50 -37.23 -10.22
N MET B 836 -40.64 -37.19 -11.26
CA MET B 836 -40.56 -36.01 -12.12
C MET B 836 -41.79 -35.85 -12.98
N GLU B 837 -42.36 -36.95 -13.47
CA GLU B 837 -43.61 -36.87 -14.22
C GLU B 837 -44.78 -36.52 -13.32
N LEU B 838 -44.75 -36.96 -12.06
CA LEU B 838 -45.79 -36.59 -11.10
C LEU B 838 -45.78 -35.08 -10.85
N ILE B 839 -44.60 -34.48 -10.77
CA ILE B 839 -44.53 -33.04 -10.54
C ILE B 839 -44.82 -32.26 -11.81
N GLU B 840 -44.63 -32.89 -12.97
CA GLU B 840 -44.90 -32.25 -14.26
C GLU B 840 -46.27 -32.68 -14.78
N THR B 841 -47.30 -32.28 -14.03
CA THR B 841 -48.68 -32.58 -14.37
C THR B 841 -49.28 -31.58 -15.35
N HIS B 842 -48.52 -30.57 -15.76
CA HIS B 842 -48.96 -29.60 -16.74
C HIS B 842 -48.35 -29.85 -18.11
N ARG B 843 -47.06 -30.11 -18.18
CA ARG B 843 -46.37 -30.36 -19.44
C ARG B 843 -45.96 -31.83 -19.53
N PRO B 844 -46.66 -32.64 -20.33
CA PRO B 844 -46.35 -34.08 -20.43
C PRO B 844 -45.21 -34.35 -21.42
N SER B 845 -44.05 -33.78 -21.12
CA SER B 845 -42.85 -33.97 -21.91
C SER B 845 -41.99 -35.06 -21.27
N GLU B 846 -41.48 -35.96 -22.10
CA GLU B 846 -40.71 -37.08 -21.61
C GLU B 846 -39.39 -36.60 -21.01
N VAL B 847 -39.11 -37.05 -19.78
CA VAL B 847 -37.89 -36.66 -19.08
C VAL B 847 -36.75 -37.54 -19.58
N VAL B 848 -35.67 -36.89 -20.01
CA VAL B 848 -34.53 -37.58 -20.62
C VAL B 848 -33.35 -37.54 -19.65
N PHE B 849 -32.79 -38.71 -19.37
CA PHE B 849 -31.57 -38.85 -18.59
C PHE B 849 -30.46 -39.38 -19.48
N SER B 850 -29.24 -38.91 -19.26
CA SER B 850 -28.12 -39.36 -20.07
C SER B 850 -27.01 -39.87 -19.18
N PRO B 851 -26.19 -40.80 -19.67
CA PRO B 851 -25.06 -41.28 -18.87
C PRO B 851 -23.98 -40.22 -18.68
N ALA B 852 -22.89 -40.59 -18.03
CA ALA B 852 -21.79 -39.66 -17.79
C ALA B 852 -21.10 -39.23 -19.07
N THR B 853 -21.25 -39.97 -20.16
CA THR B 853 -20.63 -39.58 -21.41
C THR B 853 -21.36 -38.43 -22.09
N GLY B 854 -22.59 -38.13 -21.68
CA GLY B 854 -23.34 -37.04 -22.28
C GLY B 854 -23.09 -35.68 -21.66
N VAL B 855 -21.83 -35.23 -21.65
CA VAL B 855 -21.54 -33.91 -21.10
C VAL B 855 -22.09 -32.82 -22.03
N TRP B 856 -21.87 -32.97 -23.34
CA TRP B 856 -22.39 -31.98 -24.29
C TRP B 856 -23.91 -31.97 -24.32
N GLY B 857 -24.55 -32.99 -23.77
CA GLY B 857 -25.99 -33.02 -23.74
C GLY B 857 -26.56 -31.96 -22.84
N SER B 858 -27.82 -31.63 -23.10
CA SER B 858 -28.55 -30.65 -22.31
C SER B 858 -29.60 -31.32 -21.44
N HIS B 859 -29.30 -32.52 -20.96
CA HIS B 859 -30.20 -33.29 -20.12
C HIS B 859 -29.55 -33.52 -18.77
N ILE B 860 -30.36 -33.97 -17.81
CA ILE B 860 -29.84 -34.32 -16.50
C ILE B 860 -29.02 -35.60 -16.62
N VAL B 861 -27.80 -35.57 -16.12
CA VAL B 861 -26.91 -36.72 -16.18
C VAL B 861 -27.22 -37.63 -14.99
N LEU B 862 -27.51 -38.90 -15.27
CA LEU B 862 -27.77 -39.88 -14.23
C LEU B 862 -26.84 -41.07 -14.46
N ASP B 863 -25.92 -41.28 -13.54
CA ASP B 863 -24.95 -42.37 -13.63
C ASP B 863 -24.36 -42.61 -12.25
N SER B 864 -23.30 -43.39 -12.20
CA SER B 864 -22.64 -43.73 -10.94
C SER B 864 -21.50 -42.75 -10.66
N ILE B 865 -21.02 -42.77 -9.42
CA ILE B 865 -19.90 -41.92 -9.03
C ILE B 865 -18.62 -42.35 -9.71
N GLN B 866 -18.43 -43.64 -9.97
CA GLN B 866 -17.22 -44.09 -10.62
C GLN B 866 -17.20 -43.74 -12.10
N GLN B 867 -18.37 -43.69 -12.75
CA GLN B 867 -18.43 -43.34 -14.15
C GLN B 867 -18.31 -41.84 -14.39
N PHE B 868 -18.50 -41.02 -13.36
CA PHE B 868 -18.43 -39.57 -13.48
C PHE B 868 -17.07 -39.03 -13.03
N SER B 869 -16.04 -39.88 -12.97
CA SER B 869 -14.72 -39.45 -12.54
C SER B 869 -14.13 -38.42 -13.48
N GLY B 870 -13.57 -37.36 -12.92
CA GLY B 870 -12.95 -36.31 -13.71
C GLY B 870 -13.91 -35.30 -14.28
N LEU B 871 -15.21 -35.48 -14.08
CA LEU B 871 -16.24 -34.60 -14.60
C LEU B 871 -16.93 -33.87 -13.47
N GLU B 872 -17.39 -32.65 -13.76
CA GLU B 872 -17.99 -31.80 -12.73
C GLU B 872 -19.21 -31.10 -13.29
N ARG B 873 -20.14 -30.80 -12.39
CA ARG B 873 -21.39 -30.11 -12.73
C ARG B 873 -21.72 -29.13 -11.62
N THR B 874 -22.55 -28.13 -11.96
CA THR B 874 -22.90 -27.09 -11.00
C THR B 874 -23.64 -27.67 -9.80
N VAL B 875 -24.60 -28.55 -10.05
CA VAL B 875 -25.44 -29.14 -9.01
C VAL B 875 -25.28 -30.65 -9.07
N VAL B 876 -25.00 -31.26 -7.94
CA VAL B 876 -24.82 -32.70 -7.84
C VAL B 876 -25.71 -33.23 -6.72
N PHE B 877 -26.53 -34.22 -7.04
CA PHE B 877 -27.29 -34.97 -6.04
C PHE B 877 -26.58 -36.30 -5.83
N GLY B 878 -26.10 -36.53 -4.61
CA GLY B 878 -25.42 -37.77 -4.30
C GLY B 878 -26.29 -38.76 -3.54
N LEU B 879 -26.65 -39.86 -4.18
CA LEU B 879 -27.50 -40.89 -3.56
C LEU B 879 -26.64 -42.08 -3.20
N SER B 880 -26.66 -42.47 -1.93
CA SER B 880 -25.86 -43.58 -1.45
C SER B 880 -26.62 -44.33 -0.36
N PRO B 881 -26.33 -45.61 -0.15
CA PRO B 881 -26.91 -46.32 0.99
C PRO B 881 -26.26 -45.93 2.31
N GLU B 882 -26.64 -46.60 3.40
CA GLU B 882 -26.05 -46.33 4.71
C GLU B 882 -24.69 -47.01 4.79
N CYS B 883 -23.63 -46.21 4.78
CA CYS B 883 -22.25 -46.71 4.75
C CYS B 883 -21.45 -46.14 5.91
N ASP B 884 -21.99 -46.22 7.12
CA ASP B 884 -21.31 -45.69 8.30
C ASP B 884 -20.13 -46.58 8.64
N GLN B 885 -18.91 -46.03 8.50
CA GLN B 885 -17.63 -46.66 8.81
C GLN B 885 -17.28 -47.79 7.86
N SER B 886 -18.18 -48.17 6.93
CA SER B 886 -17.83 -49.18 5.94
C SER B 886 -16.89 -48.60 4.89
N GLU B 887 -17.16 -47.39 4.41
CA GLU B 887 -16.32 -46.72 3.43
C GLU B 887 -16.26 -45.24 3.78
N GLU B 888 -15.04 -44.72 3.93
CA GLU B 888 -14.82 -43.34 4.33
C GLU B 888 -14.46 -42.42 3.17
N PHE B 889 -14.57 -42.89 1.93
CA PHE B 889 -14.19 -42.10 0.77
C PHE B 889 -15.36 -41.49 0.01
N HIS B 890 -16.57 -42.00 0.20
CA HIS B 890 -17.66 -41.67 -0.70
C HIS B 890 -18.00 -40.18 -0.70
N LYS B 891 -17.93 -39.53 0.47
CA LYS B 891 -18.26 -38.11 0.54
C LYS B 891 -17.24 -37.27 -0.22
N LEU B 892 -15.95 -37.62 -0.14
CA LEU B 892 -14.93 -36.87 -0.84
C LEU B 892 -15.11 -36.93 -2.35
N CYS B 893 -15.39 -38.12 -2.89
CA CYS B 893 -15.62 -38.24 -4.33
C CYS B 893 -16.87 -37.48 -4.76
N PHE B 894 -17.93 -37.52 -3.95
CA PHE B 894 -19.15 -36.78 -4.28
C PHE B 894 -18.90 -35.28 -4.32
N ALA B 895 -18.12 -34.76 -3.37
CA ALA B 895 -17.87 -33.33 -3.31
C ALA B 895 -16.93 -32.87 -4.42
N SER B 896 -16.05 -33.76 -4.89
CA SER B 896 -15.10 -33.37 -5.94
C SER B 896 -15.78 -33.14 -7.29
N ARG B 897 -16.97 -33.71 -7.51
CA ARG B 897 -17.66 -33.52 -8.77
C ARG B 897 -18.66 -32.37 -8.75
N ALA B 898 -18.77 -31.65 -7.64
CA ALA B 898 -19.75 -30.58 -7.49
C ALA B 898 -19.05 -29.24 -7.40
N ILE B 899 -19.59 -28.25 -8.11
CA ILE B 899 -19.02 -26.90 -8.11
C ILE B 899 -19.72 -26.00 -7.11
N LYS B 900 -21.05 -25.96 -7.14
CA LYS B 900 -21.80 -25.02 -6.31
C LYS B 900 -22.79 -25.67 -5.36
N HIS B 901 -23.51 -26.69 -5.81
CA HIS B 901 -24.52 -27.36 -5.00
C HIS B 901 -24.14 -28.81 -4.81
N LEU B 902 -24.17 -29.27 -3.56
CA LEU B 902 -24.00 -30.68 -3.25
C LEU B 902 -25.13 -31.10 -2.33
N TYR B 903 -25.87 -32.14 -2.72
CA TYR B 903 -27.00 -32.64 -1.95
C TYR B 903 -26.77 -34.12 -1.64
N LEU B 904 -26.39 -34.41 -0.40
CA LEU B 904 -26.11 -35.78 0.03
C LEU B 904 -27.39 -36.41 0.56
N LEU B 905 -27.82 -37.50 -0.06
CA LEU B 905 -29.03 -38.20 0.34
C LEU B 905 -28.68 -39.64 0.66
N TYR B 906 -29.15 -40.13 1.82
CA TYR B 906 -28.85 -41.47 2.28
C TYR B 906 -30.13 -42.26 2.44
N GLU B 907 -30.14 -43.48 1.90
CA GLU B 907 -31.33 -44.31 1.94
C GLU B 907 -31.55 -44.88 3.34
N LYS B 908 -32.76 -45.38 3.56
CA LYS B 908 -33.12 -46.00 4.82
C LYS B 908 -32.57 -47.42 4.86
N ARG B 909 -32.06 -47.83 6.01
CA ARG B 909 -31.51 -49.17 6.18
C ARG B 909 -32.66 -50.16 6.34
N ALA B 910 -32.91 -50.94 5.29
CA ALA B 910 -34.03 -51.89 5.27
C ALA B 910 -33.67 -53.10 6.10
N ALA B 911 -33.99 -53.05 7.39
CA ALA B 911 -33.72 -54.14 8.32
C ALA B 911 -35.05 -54.66 8.86
N TYR B 912 -35.28 -55.95 8.69
CA TYR B 912 -36.52 -56.58 9.16
C TYR B 912 -36.26 -58.02 9.62
N SER C 3 27.15 24.01 -0.42
CA SER C 3 27.87 24.92 0.46
C SER C 3 26.91 25.69 1.36
N LEU C 4 27.46 26.49 2.26
CA LEU C 4 26.67 27.30 3.18
C LEU C 4 27.19 28.73 3.14
N LYS C 5 26.28 29.70 3.18
CA LYS C 5 26.68 31.09 3.16
C LYS C 5 27.41 31.46 4.44
N THR C 6 28.51 32.20 4.31
CA THR C 6 29.34 32.55 5.45
C THR C 6 28.54 33.36 6.47
N ASP C 7 28.68 33.00 7.74
CA ASP C 7 27.95 33.68 8.82
C ASP C 7 28.84 33.68 10.05
N THR C 8 29.48 34.81 10.31
CA THR C 8 30.35 34.93 11.48
C THR C 8 29.57 34.79 12.78
N GLU C 9 28.38 35.37 12.85
CA GLU C 9 27.54 35.29 14.03
C GLU C 9 26.45 34.25 13.81
N MET C 10 26.23 33.42 14.82
CA MET C 10 25.31 32.28 14.73
C MET C 10 25.70 31.40 13.54
N PRO C 11 26.86 30.74 13.58
CA PRO C 11 27.28 29.91 12.45
C PRO C 11 26.65 28.53 12.48
N TYR C 12 25.33 28.50 12.44
CA TYR C 12 24.61 27.22 12.47
C TYR C 12 24.86 26.46 11.18
N PRO C 13 24.97 25.13 11.24
CA PRO C 13 25.09 24.30 10.04
C PRO C 13 23.75 24.07 9.36
N GLU C 14 23.01 25.16 9.13
CA GLU C 14 21.69 25.11 8.53
C GLU C 14 21.58 26.23 7.51
N VAL C 15 20.45 26.27 6.82
CA VAL C 15 20.10 27.40 5.97
C VAL C 15 19.45 28.46 6.85
N ILE C 16 20.04 29.64 6.90
CA ILE C 16 19.58 30.72 7.76
C ILE C 16 18.89 31.76 6.89
N VAL C 17 17.65 32.08 7.23
CA VAL C 17 16.87 33.09 6.54
C VAL C 17 16.74 34.29 7.45
N ASP C 18 17.21 35.45 7.00
CA ASP C 18 17.16 36.68 7.78
C ASP C 18 15.95 37.49 7.31
N VAL C 19 15.02 37.74 8.23
CA VAL C 19 13.81 38.48 7.92
C VAL C 19 13.86 39.90 8.50
N GLY C 20 15.04 40.33 8.96
CA GLY C 20 15.21 41.69 9.44
C GLY C 20 14.49 41.97 10.74
N ARG C 21 14.23 43.25 10.96
CA ARG C 21 13.62 43.72 12.19
C ARG C 21 12.15 43.35 12.23
N VAL C 22 11.74 42.69 13.31
CA VAL C 22 10.35 42.27 13.50
C VAL C 22 9.95 42.59 14.94
N ILE C 23 8.72 43.06 15.11
CA ILE C 23 8.17 43.31 16.44
C ILE C 23 7.63 41.99 16.98
N PHE C 24 7.97 41.68 18.23
CA PHE C 24 7.54 40.44 18.86
C PHE C 24 6.89 40.74 20.21
N GLY C 25 6.06 39.81 20.64
CA GLY C 25 5.34 39.92 21.91
C GLY C 25 3.87 40.16 21.67
N GLU C 26 3.04 39.56 22.52
CA GLU C 26 1.59 39.65 22.33
C GLU C 26 1.11 41.10 22.44
N GLU C 27 1.53 41.80 23.49
CA GLU C 27 1.10 43.18 23.67
C GLU C 27 1.69 44.09 22.60
N ASN C 28 2.92 43.81 22.16
CA ASN C 28 3.55 44.64 21.15
C ASN C 28 2.86 44.48 19.79
N ARG C 29 2.53 43.25 19.40
CA ARG C 29 1.83 43.04 18.14
C ARG C 29 0.41 43.57 18.20
N LYS C 30 -0.27 43.36 19.33
CA LYS C 30 -1.66 43.80 19.46
C LYS C 30 -1.76 45.31 19.40
N LYS C 31 -0.81 46.02 20.01
CA LYS C 31 -0.86 47.47 20.06
C LYS C 31 -0.36 48.14 18.78
N MET C 32 0.22 47.38 17.86
CA MET C 32 0.77 47.99 16.65
C MET C 32 -0.34 48.64 15.84
N THR C 33 -0.13 49.90 15.46
CA THR C 33 -1.11 50.68 14.73
C THR C 33 -0.99 50.55 13.22
N ASN C 34 0.24 50.44 12.71
CA ASN C 34 0.46 50.29 11.27
C ASN C 34 0.09 48.88 10.86
N SER C 35 -1.11 48.71 10.31
CA SER C 35 -1.54 47.38 9.89
C SER C 35 -0.73 46.88 8.70
N CYS C 36 -0.29 47.80 7.83
CA CYS C 36 0.50 47.38 6.67
C CYS C 36 1.83 46.79 7.11
N LEU C 37 2.51 47.45 8.05
CA LEU C 37 3.77 46.94 8.56
C LEU C 37 3.57 45.62 9.29
N LYS C 38 2.50 45.53 10.09
CA LYS C 38 2.20 44.30 10.80
C LYS C 38 1.96 43.13 9.86
N ARG C 39 1.14 43.34 8.83
CA ARG C 39 0.85 42.30 7.86
C ARG C 39 2.10 41.91 7.07
N SER C 40 2.95 42.89 6.74
CA SER C 40 4.18 42.62 6.01
C SER C 40 5.13 41.73 6.80
N GLU C 41 5.30 42.03 8.09
CA GLU C 41 6.19 41.21 8.92
C GLU C 41 5.66 39.79 9.06
N ASN C 42 4.35 39.64 9.27
CA ASN C 42 3.77 38.31 9.37
C ASN C 42 3.96 37.54 8.07
N SER C 43 3.74 38.19 6.93
CA SER C 43 3.92 37.53 5.64
C SER C 43 5.36 37.11 5.40
N ARG C 44 6.32 37.98 5.75
CA ARG C 44 7.73 37.64 5.55
C ARG C 44 8.12 36.42 6.37
N ILE C 45 7.72 36.38 7.65
CA ILE C 45 8.07 35.26 8.51
C ILE C 45 7.42 33.97 8.01
N ILE C 46 6.14 34.04 7.64
CA ILE C 46 5.42 32.83 7.23
C ILE C 46 5.93 32.28 5.91
N ARG C 47 6.36 33.15 4.99
CA ARG C 47 6.93 32.68 3.73
C ARG C 47 8.27 32.01 3.95
N ALA C 48 9.09 32.54 4.85
CA ALA C 48 10.35 31.91 5.22
C ALA C 48 10.11 30.53 5.84
N ILE C 49 9.10 30.41 6.70
CA ILE C 49 8.82 29.12 7.31
C ILE C 49 8.40 28.09 6.27
N CYS C 50 7.55 28.50 5.32
CA CYS C 50 7.12 27.60 4.27
C CYS C 50 8.29 27.19 3.38
N ALA C 51 9.17 28.14 3.05
CA ALA C 51 10.34 27.83 2.25
C ALA C 51 11.26 26.85 2.96
N LEU C 52 11.43 27.03 4.28
CA LEU C 52 12.30 26.13 5.04
C LEU C 52 11.66 24.76 5.21
N LEU C 53 10.34 24.70 5.39
CA LEU C 53 9.66 23.43 5.54
C LEU C 53 9.79 22.59 4.28
N ASN C 54 9.95 23.24 3.13
CA ASN C 54 9.99 22.55 1.84
C ASN C 54 11.40 22.36 1.32
N SER C 55 12.42 22.75 2.09
CA SER C 55 13.80 22.72 1.62
C SER C 55 14.73 22.18 2.69
N GLY C 56 14.31 21.13 3.39
CA GLY C 56 15.19 20.48 4.35
C GLY C 56 15.36 21.18 5.68
N GLY C 57 14.50 22.14 6.01
CA GLY C 57 14.57 22.82 7.30
C GLY C 57 15.62 23.91 7.33
N GLY C 58 15.67 24.59 8.47
CA GLY C 58 16.62 25.68 8.63
C GLY C 58 16.30 26.51 9.86
N VAL C 59 16.85 27.72 9.88
CA VAL C 59 16.68 28.66 10.98
C VAL C 59 16.25 30.00 10.40
N ILE C 60 15.36 30.70 11.12
CA ILE C 60 14.95 32.05 10.77
C ILE C 60 15.48 33.00 11.83
N LYS C 61 16.16 34.05 11.39
CA LYS C 61 16.75 35.03 12.29
C LYS C 61 16.03 36.36 12.11
N ALA C 62 15.51 36.90 13.20
CA ALA C 62 14.82 38.19 13.20
C ALA C 62 15.39 39.07 14.29
N GLU C 63 15.77 40.29 13.94
CA GLU C 63 16.29 41.22 14.92
C GLU C 63 15.13 41.83 15.69
N ILE C 64 15.30 41.95 17.00
CA ILE C 64 14.26 42.47 17.88
C ILE C 64 14.52 43.94 18.11
N ASP C 65 13.58 44.78 17.65
CA ASP C 65 13.75 46.23 17.81
C ASP C 65 13.58 46.67 19.26
N ASP C 66 12.69 46.01 20.00
CA ASP C 66 12.44 46.34 21.39
C ASP C 66 13.54 45.71 22.25
N LYS C 67 14.39 46.56 22.83
CA LYS C 67 15.46 46.07 23.68
C LYS C 67 14.96 45.55 25.02
N THR C 68 13.74 45.90 25.41
CA THR C 68 13.15 45.41 26.65
C THR C 68 12.34 44.14 26.43
N TYR C 69 12.20 43.68 25.20
CA TYR C 69 11.43 42.48 24.93
C TYR C 69 12.12 41.25 25.50
N SER C 70 11.33 40.37 26.09
CA SER C 70 11.81 39.10 26.61
C SER C 70 10.79 38.03 26.21
N TYR C 71 11.28 36.96 25.58
CA TYR C 71 10.37 35.91 25.14
C TYR C 71 9.69 35.22 26.31
N GLN C 72 10.36 35.13 27.45
CA GLN C 72 9.78 34.47 28.62
C GLN C 72 8.51 35.17 29.09
N CYS C 73 8.49 36.50 29.04
CA CYS C 73 7.39 37.27 29.59
C CYS C 73 6.48 37.90 28.54
N HIS C 74 6.78 37.74 27.26
CA HIS C 74 5.99 38.41 26.23
C HIS C 74 5.46 37.46 25.18
N GLY C 75 6.13 36.33 25.00
CA GLY C 75 5.65 35.41 23.98
C GLY C 75 5.95 35.92 22.58
N LEU C 76 5.22 35.36 21.61
CA LEU C 76 5.45 35.64 20.21
C LEU C 76 4.47 36.68 19.65
N GLY C 77 3.18 36.40 19.74
CA GLY C 77 2.17 37.28 19.19
C GLY C 77 0.99 36.50 18.64
N GLN C 78 -0.19 37.11 18.72
CA GLN C 78 -1.42 36.43 18.33
C GLN C 78 -1.44 36.11 16.83
N ASP C 79 -1.13 37.09 16.00
CA ASP C 79 -1.27 36.91 14.56
C ASP C 79 -0.24 35.94 14.01
N LEU C 80 0.97 35.95 14.57
CA LEU C 80 2.00 34.99 14.13
C LEU C 80 1.61 33.55 14.44
N GLU C 81 1.06 33.31 15.64
CA GLU C 81 0.61 31.97 16.00
C GLU C 81 -0.56 31.53 15.13
N THR C 82 -1.47 32.44 14.81
CA THR C 82 -2.57 32.12 13.91
C THR C 82 -2.07 31.69 12.55
N SER C 83 -1.07 32.40 12.01
CA SER C 83 -0.50 32.04 10.72
C SER C 83 0.15 30.67 10.76
N PHE C 84 0.83 30.33 11.86
CA PHE C 84 1.40 28.99 12.01
C PHE C 84 0.34 27.92 11.94
N GLN C 85 -0.81 28.17 12.56
CA GLN C 85 -1.88 27.17 12.59
C GLN C 85 -2.46 26.92 11.19
N LYS C 86 -2.61 27.96 10.37
CA LYS C 86 -2.99 27.72 8.98
C LYS C 86 -1.92 26.96 8.22
N LEU C 87 -0.65 27.30 8.41
CA LEU C 87 0.40 26.67 7.63
C LEU C 87 0.60 25.21 8.05
N LEU C 88 0.43 24.90 9.32
CA LEU C 88 0.64 23.56 9.86
C LEU C 88 -0.62 23.16 10.61
N PRO C 89 -1.65 22.72 9.89
CA PRO C 89 -2.90 22.32 10.55
C PRO C 89 -2.76 21.13 11.47
N SER C 90 -1.73 20.30 11.29
CA SER C 90 -1.49 19.14 12.12
C SER C 90 -0.65 19.46 13.35
N GLY C 91 -0.37 20.73 13.59
CA GLY C 91 0.40 21.10 14.76
C GLY C 91 1.75 21.68 14.41
N SER C 92 2.06 22.87 14.93
CA SER C 92 3.35 23.49 14.73
C SER C 92 4.36 23.11 15.80
N GLN C 93 3.96 22.29 16.77
CA GLN C 93 4.89 21.88 17.83
C GLN C 93 5.96 20.92 17.30
N LYS C 94 5.62 20.10 16.31
CA LYS C 94 6.55 19.15 15.73
C LYS C 94 7.53 19.78 14.74
N TYR C 95 7.35 21.04 14.38
CA TYR C 95 8.18 21.64 13.34
C TYR C 95 8.82 22.96 13.75
N LEU C 96 8.20 23.70 14.67
CA LEU C 96 8.67 25.04 15.01
C LEU C 96 9.17 25.09 16.45
N ASP C 97 10.36 25.64 16.62
CA ASP C 97 10.96 25.89 17.93
C ASP C 97 11.44 27.33 17.97
N TYR C 98 11.39 27.92 19.15
CA TYR C 98 11.68 29.34 19.30
C TYR C 98 12.76 29.54 20.36
N MET C 99 13.60 30.55 20.15
CA MET C 99 14.70 30.83 21.03
C MET C 99 15.15 32.27 20.87
N GLN C 100 15.26 33.00 21.97
CA GLN C 100 15.82 34.34 21.96
C GLN C 100 17.29 34.27 22.34
N GLN C 101 18.15 34.86 21.51
CA GLN C 101 19.58 34.88 21.71
C GLN C 101 20.03 36.33 21.57
N GLY C 102 20.02 37.07 22.67
CA GLY C 102 20.40 38.47 22.65
C GLY C 102 19.39 39.36 21.97
N HIS C 103 19.80 39.97 20.85
CA HIS C 103 18.92 40.86 20.08
C HIS C 103 18.30 40.16 18.89
N ASN C 104 18.36 38.84 18.84
CA ASN C 104 17.81 38.06 17.75
C ASN C 104 16.84 37.02 18.30
N LEU C 105 15.72 36.85 17.62
CA LEU C 105 14.80 35.76 17.91
C LEU C 105 14.94 34.72 16.79
N LEU C 106 15.19 33.48 17.16
CA LEU C 106 15.42 32.40 16.22
C LEU C 106 14.21 31.47 16.17
N ILE C 107 13.78 31.14 14.96
CA ILE C 107 12.77 30.11 14.73
C ILE C 107 13.46 28.95 14.04
N PHE C 108 13.51 27.82 14.71
CA PHE C 108 14.08 26.60 14.15
C PHE C 108 12.97 25.83 13.45
N VAL C 109 13.13 25.63 12.13
CA VAL C 109 12.14 24.96 11.32
C VAL C 109 12.68 23.57 10.99
N LYS C 110 11.92 22.55 11.35
CA LYS C 110 12.23 21.18 10.98
C LYS C 110 11.62 20.89 9.62
N SER C 111 12.37 20.14 8.80
CA SER C 111 11.91 19.86 7.45
C SER C 111 10.59 19.11 7.46
N TRP C 112 9.68 19.51 6.57
CA TRP C 112 8.41 18.82 6.41
C TRP C 112 8.65 17.48 5.74
N SER C 113 8.48 16.39 6.48
CA SER C 113 8.67 15.05 5.97
C SER C 113 7.56 14.18 6.54
N PRO C 114 6.52 13.90 5.75
CA PRO C 114 5.46 13.03 6.25
C PRO C 114 5.97 11.61 6.46
N ASP C 115 5.38 10.95 7.44
CA ASP C 115 5.73 9.57 7.79
C ASP C 115 4.56 8.65 7.43
N VAL C 116 4.67 7.38 7.84
CA VAL C 116 3.66 6.40 7.48
C VAL C 116 2.30 6.78 8.06
N PHE C 117 2.29 7.33 9.27
CA PHE C 117 1.04 7.70 9.94
C PHE C 117 0.72 9.18 9.73
N SER C 118 0.64 9.58 8.46
CA SER C 118 0.27 10.96 8.14
C SER C 118 -0.24 10.99 6.71
N LEU C 119 -0.91 12.10 6.37
CA LEU C 119 -1.38 12.29 5.02
C LEU C 119 -0.18 12.42 4.08
N PRO C 120 -0.31 11.95 2.84
CA PRO C 120 0.82 11.98 1.88
C PRO C 120 1.05 13.34 1.24
N LEU C 121 1.06 14.39 2.06
CA LEU C 121 1.35 15.73 1.57
C LEU C 121 2.85 15.93 1.48
N ARG C 122 3.34 16.24 0.27
CA ARG C 122 4.78 16.33 0.04
C ARG C 122 5.34 17.70 0.42
N ILE C 123 4.58 18.77 0.24
CA ILE C 123 5.05 20.12 0.52
C ILE C 123 3.97 20.85 1.30
N CYS C 124 4.39 21.91 1.99
CA CYS C 124 3.50 22.77 2.75
C CYS C 124 3.15 24.00 1.94
N SER C 125 1.91 24.45 2.04
CA SER C 125 1.44 25.61 1.32
C SER C 125 0.53 26.44 2.22
N LEU C 126 0.62 27.76 2.10
CA LEU C 126 -0.36 28.62 2.77
C LEU C 126 -1.72 28.50 2.10
N ARG C 127 -1.75 28.57 0.78
CA ARG C 127 -3.00 28.45 0.03
C ARG C 127 -2.70 27.82 -1.31
N SER C 128 -3.50 26.81 -1.67
CA SER C 128 -3.34 26.20 -2.99
C SER C 128 -3.77 27.15 -4.10
N ASN C 129 -4.63 28.11 -3.80
CA ASN C 129 -5.26 29.00 -4.77
C ASN C 129 -6.02 28.23 -5.85
N LEU C 130 -6.36 26.98 -5.56
CA LEU C 130 -7.28 26.20 -6.37
C LEU C 130 -8.66 26.32 -5.74
N TYR C 131 -9.63 26.81 -6.51
CA TYR C 131 -10.94 27.11 -5.99
C TYR C 131 -11.95 26.05 -6.40
N ARG C 132 -12.89 25.77 -5.51
CA ARG C 132 -13.97 24.83 -5.77
C ARG C 132 -15.27 25.49 -5.34
N ARG C 133 -16.32 25.27 -6.12
CA ARG C 133 -17.62 25.87 -5.84
C ARG C 133 -18.40 24.94 -4.91
N ASP C 134 -18.60 25.39 -3.67
CA ASP C 134 -19.37 24.66 -2.68
C ASP C 134 -20.66 25.43 -2.46
N VAL C 135 -21.76 24.92 -3.03
CA VAL C 135 -23.04 25.63 -3.07
C VAL C 135 -22.81 27.00 -3.68
N THR C 136 -22.96 28.06 -2.87
CA THR C 136 -22.84 29.42 -3.34
C THR C 136 -21.56 30.11 -2.87
N SER C 137 -20.50 29.32 -2.64
CA SER C 137 -19.23 29.86 -2.19
C SER C 137 -18.11 29.33 -3.06
N ALA C 138 -17.13 30.17 -3.33
CA ALA C 138 -15.91 29.80 -4.04
C ALA C 138 -14.84 29.56 -2.97
N ILE C 139 -14.53 28.30 -2.70
CA ILE C 139 -13.70 27.90 -1.58
C ILE C 139 -12.26 27.74 -2.05
N ASN C 140 -11.34 28.44 -1.42
CA ASN C 140 -9.92 28.25 -1.66
C ASN C 140 -9.49 26.98 -0.93
N LEU C 141 -9.18 25.94 -1.69
CA LEU C 141 -8.93 24.64 -1.09
C LEU C 141 -7.65 24.63 -0.28
N SER C 142 -7.65 23.82 0.78
CA SER C 142 -6.47 23.64 1.60
C SER C 142 -5.47 22.74 0.87
N ALA C 143 -4.34 22.49 1.51
CA ALA C 143 -3.31 21.65 0.89
C ALA C 143 -3.81 20.22 0.69
N SER C 144 -4.47 19.66 1.71
CA SER C 144 -4.97 18.29 1.60
C SER C 144 -6.12 18.20 0.61
N SER C 145 -7.04 19.16 0.63
CA SER C 145 -8.13 19.19 -0.34
C SER C 145 -7.60 19.35 -1.76
N ALA C 146 -6.59 20.21 -1.94
CA ALA C 146 -5.99 20.38 -3.26
C ALA C 146 -5.35 19.11 -3.76
N LEU C 147 -4.65 18.38 -2.88
CA LEU C 147 -4.05 17.12 -3.29
C LEU C 147 -5.11 16.11 -3.71
N GLU C 148 -6.22 16.04 -2.97
CA GLU C 148 -7.29 15.12 -3.34
C GLU C 148 -7.88 15.49 -4.70
N LEU C 149 -8.09 16.78 -4.96
CA LEU C 149 -8.61 17.22 -6.25
C LEU C 149 -7.61 16.91 -7.37
N LEU C 150 -6.33 17.14 -7.13
CA LEU C 150 -5.32 16.85 -8.15
C LEU C 150 -5.28 15.38 -8.51
N ARG C 151 -5.34 14.49 -7.51
CA ARG C 151 -5.33 13.06 -7.77
C ARG C 151 -6.59 12.62 -8.49
N GLU C 152 -7.75 13.19 -8.13
CA GLU C 152 -8.99 12.85 -8.81
C GLU C 152 -8.91 13.21 -10.29
N LYS C 153 -8.41 14.40 -10.61
CA LYS C 153 -8.31 14.82 -12.01
C LYS C 153 -7.26 14.00 -12.74
N GLY C 154 -6.15 13.68 -12.07
CA GLY C 154 -5.14 12.82 -12.69
C GLY C 154 -5.66 11.43 -12.99
N PHE C 155 -6.45 10.86 -12.07
CA PHE C 155 -7.05 9.56 -12.31
C PHE C 155 -8.08 9.63 -13.44
N ARG C 156 -8.88 10.69 -13.48
CA ARG C 156 -9.87 10.83 -14.54
C ARG C 156 -9.20 10.99 -15.90
N ALA C 157 -8.07 11.67 -15.96
CA ALA C 157 -7.35 11.78 -17.22
C ALA C 157 -6.49 10.56 -17.50
N GLN C 158 -6.27 9.69 -16.52
CA GLN C 158 -5.57 8.44 -16.76
C GLN C 158 -6.42 7.51 -17.62
N ARG C 159 -7.67 7.31 -17.23
CA ARG C 159 -8.59 6.50 -18.01
C ARG C 159 -9.20 7.35 -19.12
N GLY C 160 -9.19 6.83 -20.34
CA GLY C 160 -9.61 7.64 -21.48
C GLY C 160 -11.10 7.92 -21.42
N ARG C 161 -11.46 9.19 -21.65
CA ARG C 161 -12.85 9.61 -21.78
C ARG C 161 -13.09 9.88 -23.25
N PRO C 162 -13.51 8.88 -24.03
CA PRO C 162 -13.55 9.04 -25.49
C PRO C 162 -14.85 9.64 -25.99
N ARG C 163 -14.79 10.11 -27.24
CA ARG C 163 -15.94 10.61 -28.00
C ARG C 163 -16.43 11.97 -27.50
N VAL C 164 -15.87 12.43 -26.37
CA VAL C 164 -16.11 13.75 -25.80
C VAL C 164 -17.58 14.15 -25.89
N LYS C 165 -18.48 13.25 -25.50
CA LYS C 165 -19.91 13.53 -25.55
C LYS C 165 -20.34 14.24 -24.27
N LYS C 166 -19.93 15.51 -24.19
CA LYS C 166 -20.22 16.37 -23.05
C LYS C 166 -21.47 17.22 -23.27
N LEU C 167 -22.27 16.91 -24.29
CA LEU C 167 -23.48 17.67 -24.58
C LEU C 167 -24.50 17.53 -23.44
N HIS C 168 -24.62 16.32 -22.87
CA HIS C 168 -25.55 16.00 -21.80
C HIS C 168 -26.98 16.28 -22.26
N PRO C 169 -27.50 15.49 -23.24
CA PRO C 169 -28.74 15.81 -23.95
C PRO C 169 -29.36 17.18 -23.73
N GLN C 170 -30.63 17.23 -23.32
CA GLN C 170 -31.32 18.49 -23.12
C GLN C 170 -32.00 18.47 -21.76
N GLN C 171 -31.98 19.61 -21.07
CA GLN C 171 -32.57 19.73 -19.74
C GLN C 171 -33.72 20.71 -19.78
N VAL C 172 -34.86 20.31 -19.21
CA VAL C 172 -36.05 21.14 -19.19
C VAL C 172 -36.49 21.30 -17.74
N LEU C 173 -37.27 22.35 -17.49
CA LEU C 173 -37.70 22.66 -16.13
C LEU C 173 -38.94 21.84 -15.76
N ASN C 174 -38.89 21.18 -14.60
CA ASN C 174 -40.03 20.42 -14.14
C ASN C 174 -41.02 21.34 -13.43
N ARG C 175 -42.28 20.91 -13.42
CA ARG C 175 -43.37 21.76 -12.96
C ARG C 175 -43.40 21.89 -11.44
N CYS C 176 -43.21 20.79 -10.71
CA CYS C 176 -43.41 20.80 -9.27
C CYS C 176 -42.15 20.42 -8.48
N ILE C 177 -41.04 20.14 -9.14
CA ILE C 177 -39.82 19.75 -8.45
C ILE C 177 -38.80 20.84 -8.73
N GLN C 178 -38.18 21.35 -7.67
CA GLN C 178 -37.15 22.36 -7.77
C GLN C 178 -35.84 21.78 -7.25
N GLU C 179 -34.81 21.81 -8.07
CA GLU C 179 -33.50 21.30 -7.67
C GLU C 179 -32.43 22.23 -8.21
N GLU C 180 -31.17 21.89 -7.94
CA GLU C 180 -30.07 22.78 -8.27
C GLU C 180 -29.88 22.90 -9.78
N GLU C 181 -30.27 21.88 -10.55
CA GLU C 181 -30.17 21.95 -12.00
C GLU C 181 -31.12 22.99 -12.58
N ASP C 182 -32.21 23.28 -11.90
CA ASP C 182 -33.15 24.29 -12.38
C ASP C 182 -32.51 25.68 -12.45
N MET C 183 -31.68 26.02 -11.48
CA MET C 183 -31.00 27.31 -11.50
C MET C 183 -30.05 27.42 -12.69
N ARG C 184 -29.36 26.33 -13.02
CA ARG C 184 -28.49 26.33 -14.19
C ARG C 184 -29.29 26.48 -15.48
N ILE C 185 -30.44 25.81 -15.57
CA ILE C 185 -31.29 25.95 -16.75
C ILE C 185 -31.78 27.38 -16.88
N LEU C 186 -32.20 27.98 -15.77
CA LEU C 186 -32.66 29.37 -15.79
C LEU C 186 -31.52 30.32 -16.14
N ALA C 187 -30.31 30.03 -15.68
CA ALA C 187 -29.15 30.84 -16.04
C ALA C 187 -28.84 30.77 -17.53
N SER C 188 -28.98 29.59 -18.13
CA SER C 188 -28.81 29.47 -19.57
C SER C 188 -29.83 30.29 -20.33
N GLU C 189 -31.09 30.26 -19.91
CA GLU C 189 -32.11 31.07 -20.56
C GLU C 189 -31.78 32.56 -20.43
N PHE C 190 -31.32 33.00 -19.26
CA PHE C 190 -30.92 34.38 -19.07
C PHE C 190 -29.71 34.73 -19.95
N PHE C 191 -28.78 33.80 -20.09
CA PHE C 191 -27.59 34.05 -20.90
C PHE C 191 -27.94 34.22 -22.37
N LYS C 192 -28.94 33.48 -22.86
CA LYS C 192 -29.37 33.60 -24.24
C LYS C 192 -30.11 34.90 -24.54
N LYS C 193 -30.49 35.67 -23.52
CA LYS C 193 -31.22 36.90 -23.76
C LYS C 193 -30.33 37.96 -24.40
N ASP C 194 -30.96 38.92 -25.07
CA ASP C 194 -30.26 39.99 -25.77
C ASP C 194 -30.45 41.37 -25.14
N LYS C 195 -31.56 41.60 -24.46
CA LYS C 195 -31.84 42.88 -23.83
C LYS C 195 -32.52 42.64 -22.50
N LEU C 196 -32.42 43.64 -21.63
CA LEU C 196 -32.96 43.54 -20.28
C LEU C 196 -33.79 44.78 -19.98
N MET C 197 -34.59 44.69 -18.92
CA MET C 197 -35.37 45.81 -18.43
C MET C 197 -34.71 46.34 -17.16
N TYR C 198 -34.74 47.65 -16.99
CA TYR C 198 -34.11 48.27 -15.83
C TYR C 198 -34.76 47.76 -14.55
N LYS C 199 -33.93 47.30 -13.61
CA LYS C 199 -34.38 46.78 -12.32
C LYS C 199 -35.32 45.59 -12.47
N GLU C 200 -35.20 44.84 -13.57
CA GLU C 200 -36.07 43.70 -13.78
C GLU C 200 -35.66 42.55 -12.88
N LYS C 201 -36.65 41.80 -12.39
CA LYS C 201 -36.41 40.75 -11.42
C LYS C 201 -35.84 39.51 -12.08
N LEU C 202 -35.16 38.70 -11.27
CA LEU C 202 -34.63 37.41 -11.69
C LEU C 202 -35.39 36.31 -10.98
N ASN C 203 -35.68 35.22 -11.70
CA ASN C 203 -36.42 34.09 -11.15
C ASN C 203 -35.51 32.97 -10.67
N PHE C 204 -34.23 33.27 -10.43
CA PHE C 204 -33.31 32.28 -9.89
C PHE C 204 -32.30 32.99 -9.02
N THR C 205 -31.65 32.20 -8.16
CA THR C 205 -30.68 32.68 -7.19
C THR C 205 -29.35 31.96 -7.41
N GLU C 206 -28.39 32.23 -6.53
CA GLU C 206 -27.08 31.62 -6.62
C GLU C 206 -27.16 30.12 -6.36
N SER C 207 -26.23 29.39 -6.95
CA SER C 207 -26.17 27.94 -6.81
C SER C 207 -24.76 27.49 -7.12
N THR C 208 -24.58 26.18 -7.31
CA THR C 208 -23.28 25.64 -7.69
C THR C 208 -22.85 26.13 -9.06
N HIS C 209 -23.77 26.57 -9.90
CA HIS C 209 -23.46 27.02 -11.24
C HIS C 209 -23.79 28.49 -11.48
N VAL C 210 -24.24 29.22 -10.47
CA VAL C 210 -24.65 30.61 -10.64
C VAL C 210 -23.98 31.46 -9.57
N ALA C 211 -23.35 32.55 -9.98
CA ALA C 211 -22.77 33.53 -9.07
C ALA C 211 -23.27 34.91 -9.46
N PHE C 212 -23.78 35.65 -8.48
CA PHE C 212 -24.24 37.02 -8.68
C PHE C 212 -23.18 37.97 -8.15
N LYS C 213 -22.71 38.88 -9.00
CA LYS C 213 -21.77 39.90 -8.58
C LYS C 213 -22.29 41.27 -8.99
N ARG C 214 -21.85 42.30 -8.29
CA ARG C 214 -22.29 43.66 -8.54
C ARG C 214 -21.15 44.48 -9.11
N PHE C 215 -21.51 45.38 -10.02
CA PHE C 215 -20.55 46.37 -10.52
C PHE C 215 -20.25 47.40 -9.44
N THR C 216 -19.01 47.84 -9.38
CA THR C 216 -18.56 48.75 -8.33
C THR C 216 -18.67 50.20 -8.79
N THR C 217 -19.02 51.09 -7.86
CA THR C 217 -19.14 52.52 -8.14
C THR C 217 -17.79 53.20 -8.07
N LYS C 218 -16.73 52.44 -8.34
CA LYS C 218 -15.36 52.92 -8.34
C LYS C 218 -14.71 52.29 -9.57
N LYS C 219 -13.38 52.26 -9.60
CA LYS C 219 -12.66 51.53 -10.64
C LYS C 219 -13.27 50.15 -10.86
N VAL C 220 -13.82 49.92 -12.04
CA VAL C 220 -14.58 48.72 -12.31
C VAL C 220 -13.69 47.60 -12.82
N ILE C 221 -12.81 47.91 -13.79
CA ILE C 221 -11.92 46.89 -14.34
C ILE C 221 -11.02 46.28 -13.28
N PRO C 222 -10.37 47.07 -12.40
CA PRO C 222 -9.56 46.42 -11.35
C PRO C 222 -10.35 45.49 -10.44
N ARG C 223 -11.57 45.87 -10.06
CA ARG C 223 -12.35 45.02 -9.17
C ARG C 223 -12.80 43.75 -9.87
N ILE C 224 -13.15 43.85 -11.15
CA ILE C 224 -13.52 42.66 -11.92
C ILE C 224 -12.31 41.75 -12.05
N LYS C 225 -11.14 42.32 -12.40
CA LYS C 225 -9.93 41.52 -12.56
C LYS C 225 -9.44 40.94 -11.24
N GLU C 226 -9.86 41.50 -10.11
CA GLU C 226 -9.48 40.96 -8.81
C GLU C 226 -10.39 39.81 -8.39
N MET C 227 -11.71 39.98 -8.56
CA MET C 227 -12.67 38.99 -8.08
C MET C 227 -12.86 37.83 -9.05
N LEU C 228 -12.67 38.07 -10.35
CA LEU C 228 -13.00 37.05 -11.35
C LEU C 228 -12.19 35.76 -11.21
N PRO C 229 -10.86 35.79 -11.00
CA PRO C 229 -10.11 34.52 -11.01
C PRO C 229 -10.64 33.48 -10.04
N HIS C 230 -11.13 33.90 -8.87
CA HIS C 230 -11.67 32.95 -7.92
C HIS C 230 -12.87 32.20 -8.51
N TYR C 231 -13.83 32.93 -9.07
CA TYR C 231 -15.02 32.31 -9.63
C TYR C 231 -14.71 31.49 -10.88
N VAL C 232 -13.83 31.98 -11.75
CA VAL C 232 -13.49 31.22 -12.95
C VAL C 232 -12.80 29.92 -12.56
N SER C 233 -11.85 29.99 -11.61
CA SER C 233 -11.18 28.78 -11.15
C SER C 233 -12.17 27.83 -10.49
N ALA C 234 -13.05 28.34 -9.64
CA ALA C 234 -14.02 27.49 -8.96
C ALA C 234 -14.96 26.80 -9.95
N PHE C 235 -15.46 27.55 -10.94
CA PHE C 235 -16.36 26.97 -11.92
C PHE C 235 -15.66 25.95 -12.81
N ALA C 236 -14.48 26.30 -13.32
CA ALA C 236 -13.74 25.38 -14.17
C ALA C 236 -13.36 24.11 -13.43
N ASN C 237 -13.21 24.19 -12.12
CA ASN C 237 -12.80 23.03 -11.34
C ASN C 237 -13.97 22.16 -10.90
N THR C 238 -15.16 22.75 -10.68
CA THR C 238 -16.23 21.90 -10.20
C THR C 238 -17.14 21.38 -11.31
N GLN C 239 -17.96 22.25 -11.89
CA GLN C 239 -18.89 21.80 -12.92
C GLN C 239 -19.18 22.83 -14.00
N GLY C 240 -18.54 23.98 -14.00
CA GLY C 240 -18.92 25.06 -14.88
C GLY C 240 -20.09 25.86 -14.32
N GLY C 241 -20.22 27.09 -14.80
CA GLY C 241 -21.28 27.93 -14.32
C GLY C 241 -21.26 29.29 -14.99
N TYR C 242 -22.13 30.17 -14.50
CA TYR C 242 -22.29 31.50 -15.02
C TYR C 242 -21.97 32.53 -13.95
N VAL C 243 -21.23 33.57 -14.34
CA VAL C 243 -20.97 34.72 -13.49
C VAL C 243 -21.78 35.88 -14.04
N LEU C 244 -22.73 36.38 -13.24
CA LEU C 244 -23.63 37.45 -13.64
C LEU C 244 -23.17 38.74 -12.97
N ILE C 245 -22.30 39.47 -13.65
CA ILE C 245 -21.84 40.76 -13.16
C ILE C 245 -22.88 41.82 -13.50
N GLY C 246 -23.34 42.54 -12.48
CA GLY C 246 -24.42 43.49 -12.64
C GLY C 246 -25.74 43.09 -12.02
N VAL C 247 -25.77 42.02 -11.24
CA VAL C 247 -26.99 41.52 -10.61
C VAL C 247 -26.84 41.63 -9.10
N ASP C 248 -27.82 42.28 -8.46
CA ASP C 248 -27.83 42.40 -7.02
C ASP C 248 -28.27 41.10 -6.37
N ASP C 249 -27.46 40.58 -5.46
CA ASP C 249 -27.76 39.29 -4.83
C ASP C 249 -28.84 39.43 -3.77
N LYS C 250 -28.85 40.54 -3.02
CA LYS C 250 -29.81 40.70 -1.94
C LYS C 250 -31.20 40.97 -2.50
N SER C 251 -31.30 41.88 -3.46
CA SER C 251 -32.60 42.30 -3.96
C SER C 251 -33.04 41.55 -5.22
N LYS C 252 -32.11 40.91 -5.93
CA LYS C 252 -32.42 40.03 -7.06
C LYS C 252 -33.04 40.78 -8.24
N GLU C 253 -32.59 42.01 -8.49
CA GLU C 253 -32.89 42.70 -9.73
C GLU C 253 -31.61 43.14 -10.41
N VAL C 254 -31.73 43.43 -11.70
CA VAL C 254 -30.60 43.88 -12.50
C VAL C 254 -30.26 45.31 -12.12
N VAL C 255 -29.01 45.55 -11.73
CA VAL C 255 -28.52 46.90 -11.45
C VAL C 255 -27.67 47.39 -12.60
N GLY C 256 -26.62 46.66 -12.93
CA GLY C 256 -25.76 46.99 -14.05
C GLY C 256 -24.84 48.16 -13.74
N CYS C 257 -23.91 48.41 -14.65
CA CYS C 257 -23.00 49.52 -14.56
C CYS C 257 -23.32 50.55 -15.65
N LYS C 258 -23.15 51.82 -15.31
CA LYS C 258 -23.55 52.91 -16.17
C LYS C 258 -22.74 52.89 -17.46
N TRP C 259 -23.39 53.30 -18.56
CA TRP C 259 -22.73 53.27 -19.86
C TRP C 259 -21.55 54.22 -19.94
N GLU C 260 -21.60 55.35 -19.23
CA GLU C 260 -20.53 56.33 -19.26
C GLU C 260 -19.31 55.90 -18.45
N LYS C 261 -19.41 54.83 -17.66
CA LYS C 261 -18.33 54.46 -16.76
C LYS C 261 -17.37 53.43 -17.34
N VAL C 262 -17.80 52.64 -18.34
CA VAL C 262 -16.93 51.65 -18.95
C VAL C 262 -17.27 51.59 -20.44
N ASN C 263 -16.33 51.07 -21.21
CA ASN C 263 -16.57 50.75 -22.60
C ASN C 263 -16.75 49.24 -22.70
N PRO C 264 -17.89 48.75 -23.20
CA PRO C 264 -18.12 47.30 -23.20
C PRO C 264 -17.06 46.52 -23.96
N ASP C 265 -16.54 47.06 -25.06
CA ASP C 265 -15.46 46.39 -25.76
C ASP C 265 -14.24 46.28 -24.86
N LEU C 266 -13.91 47.35 -24.14
CA LEU C 266 -12.82 47.32 -23.18
C LEU C 266 -13.06 46.31 -22.08
N LEU C 267 -14.28 46.29 -21.53
CA LEU C 267 -14.58 45.38 -20.42
C LEU C 267 -14.48 43.93 -20.86
N LYS C 268 -14.97 43.62 -22.06
CA LYS C 268 -14.83 42.25 -22.58
C LYS C 268 -13.37 41.88 -22.77
N LYS C 269 -12.57 42.80 -23.30
CA LYS C 269 -11.15 42.52 -23.53
C LYS C 269 -10.40 42.26 -22.23
N GLU C 270 -10.68 43.05 -21.18
CA GLU C 270 -10.00 42.83 -19.90
C GLU C 270 -10.44 41.53 -19.25
N ILE C 271 -11.71 41.16 -19.38
CA ILE C 271 -12.18 39.88 -18.86
C ILE C 271 -11.49 38.73 -19.59
N GLU C 272 -11.37 38.84 -20.92
CA GLU C 272 -10.64 37.83 -21.68
C GLU C 272 -9.20 37.72 -21.20
N ASN C 273 -8.50 38.85 -21.08
CA ASN C 273 -7.10 38.83 -20.67
C ASN C 273 -6.92 38.25 -19.28
N CYS C 274 -7.86 38.55 -18.38
CA CYS C 274 -7.78 37.99 -17.02
C CYS C 274 -7.93 36.47 -17.04
N ILE C 275 -8.87 35.93 -17.81
CA ILE C 275 -9.11 34.50 -17.77
C ILE C 275 -7.97 33.73 -18.40
N GLU C 276 -7.43 34.22 -19.53
CA GLU C 276 -6.37 33.46 -20.19
C GLU C 276 -5.04 33.57 -19.47
N LYS C 277 -4.92 34.45 -18.49
CA LYS C 277 -3.70 34.60 -17.71
C LYS C 277 -3.68 33.70 -16.49
N LEU C 278 -4.74 32.94 -16.25
CA LEU C 278 -4.79 32.09 -15.08
C LEU C 278 -3.83 30.90 -15.26
N PRO C 279 -3.11 30.53 -14.22
CA PRO C 279 -2.28 29.32 -14.30
C PRO C 279 -3.16 28.10 -14.50
N THR C 280 -2.61 27.12 -15.21
CA THR C 280 -3.37 25.93 -15.55
C THR C 280 -2.42 24.74 -15.64
N PHE C 281 -2.81 23.62 -15.06
CA PHE C 281 -2.05 22.39 -15.16
C PHE C 281 -2.90 21.32 -15.83
N HIS C 282 -2.25 20.49 -16.64
CA HIS C 282 -2.92 19.48 -17.44
C HIS C 282 -2.36 18.10 -17.15
N PHE C 283 -3.25 17.13 -17.04
CA PHE C 283 -2.89 15.73 -16.99
C PHE C 283 -3.10 15.03 -18.33
N CYS C 284 -3.86 15.63 -19.24
CA CYS C 284 -4.19 15.04 -20.52
C CYS C 284 -3.10 15.35 -21.54
N CYS C 285 -3.35 15.03 -22.81
CA CYS C 285 -2.40 15.27 -23.88
C CYS C 285 -2.79 16.40 -24.82
N GLU C 286 -4.09 16.67 -24.96
CA GLU C 286 -4.55 17.73 -25.86
C GLU C 286 -4.20 19.11 -25.31
N LYS C 287 -4.15 19.25 -23.99
CA LYS C 287 -3.96 20.53 -23.32
C LYS C 287 -4.91 21.62 -23.82
N PRO C 288 -6.22 21.41 -23.73
CA PRO C 288 -7.16 22.46 -24.16
C PRO C 288 -7.08 23.67 -23.25
N LYS C 289 -7.33 24.84 -23.84
CA LYS C 289 -7.37 26.05 -23.06
C LYS C 289 -8.69 26.12 -22.27
N VAL C 290 -8.78 27.10 -21.39
CA VAL C 290 -10.00 27.28 -20.60
C VAL C 290 -11.09 27.83 -21.51
N ASN C 291 -12.19 27.09 -21.63
CA ASN C 291 -13.28 27.45 -22.52
C ASN C 291 -14.29 28.30 -21.78
N PHE C 292 -14.45 29.54 -22.22
CA PHE C 292 -15.41 30.46 -21.62
C PHE C 292 -16.02 31.33 -22.71
N THR C 293 -17.20 31.86 -22.42
CA THR C 293 -17.92 32.72 -23.34
C THR C 293 -18.44 33.94 -22.60
N THR C 294 -18.07 35.13 -23.07
CA THR C 294 -18.50 36.38 -22.46
C THR C 294 -19.61 37.00 -23.30
N LYS C 295 -20.63 37.53 -22.62
CA LYS C 295 -21.73 38.20 -23.30
C LYS C 295 -22.09 39.47 -22.56
N ILE C 296 -22.34 40.53 -23.32
CA ILE C 296 -22.78 41.81 -22.77
C ILE C 296 -24.26 41.97 -23.11
N LEU C 297 -25.07 42.15 -22.07
CA LEU C 297 -26.51 42.35 -22.22
C LEU C 297 -26.82 43.81 -21.91
N ASN C 298 -27.27 44.54 -22.92
CA ASN C 298 -27.63 45.93 -22.72
C ASN C 298 -28.93 46.01 -21.92
N VAL C 299 -29.01 47.04 -21.08
CA VAL C 299 -30.21 47.33 -20.31
C VAL C 299 -30.82 48.61 -20.87
N TYR C 300 -32.09 48.54 -21.26
CA TYR C 300 -32.79 49.66 -21.85
C TYR C 300 -33.93 50.06 -20.94
N GLN C 301 -33.99 51.35 -20.62
CA GLN C 301 -35.06 51.92 -19.81
C GLN C 301 -35.86 52.86 -20.71
N LYS C 302 -37.01 52.36 -21.20
CA LYS C 302 -37.86 53.12 -22.12
C LYS C 302 -37.08 53.51 -23.37
N ASP C 303 -36.47 52.51 -24.00
CA ASP C 303 -35.68 52.69 -25.22
C ASP C 303 -34.51 53.64 -25.01
N VAL C 304 -33.99 53.71 -23.80
CA VAL C 304 -32.83 54.53 -23.48
C VAL C 304 -31.75 53.60 -22.94
N LEU C 305 -30.58 53.62 -23.55
CA LEU C 305 -29.48 52.79 -23.10
C LEU C 305 -29.02 53.27 -21.72
N ASP C 306 -29.21 52.44 -20.71
CA ASP C 306 -28.90 52.78 -19.33
C ASP C 306 -27.55 52.22 -18.90
N GLY C 307 -27.30 50.95 -19.19
CA GLY C 307 -26.05 50.34 -18.80
C GLY C 307 -25.90 48.98 -19.44
N TYR C 308 -24.95 48.21 -18.92
CA TYR C 308 -24.69 46.88 -19.44
C TYR C 308 -24.52 45.89 -18.30
N VAL C 309 -24.82 44.63 -18.60
CA VAL C 309 -24.63 43.51 -17.69
C VAL C 309 -23.72 42.50 -18.36
N CYS C 310 -22.68 42.09 -17.68
CA CYS C 310 -21.72 41.15 -18.24
C CYS C 310 -21.98 39.76 -17.66
N VAL C 311 -22.15 38.77 -18.54
CA VAL C 311 -22.37 37.39 -18.13
C VAL C 311 -21.25 36.55 -18.73
N ILE C 312 -20.56 35.81 -17.88
CA ILE C 312 -19.46 34.95 -18.30
C ILE C 312 -19.86 33.50 -18.07
N GLN C 313 -19.80 32.70 -19.12
CA GLN C 313 -20.11 31.28 -19.03
C GLN C 313 -18.82 30.48 -19.06
N VAL C 314 -18.63 29.62 -18.06
CA VAL C 314 -17.44 28.79 -17.94
C VAL C 314 -17.87 27.34 -18.01
N GLU C 315 -17.19 26.58 -18.83
CA GLU C 315 -17.45 25.15 -18.99
C GLU C 315 -16.52 24.35 -18.09
N PRO C 316 -16.92 23.13 -17.72
CA PRO C 316 -16.05 22.31 -16.88
C PRO C 316 -14.71 22.04 -17.56
N PHE C 317 -13.64 22.50 -16.91
CA PHE C 317 -12.31 22.29 -17.44
C PHE C 317 -11.92 20.81 -17.33
N CYS C 318 -10.89 20.43 -18.09
CA CYS C 318 -10.46 19.04 -18.10
C CYS C 318 -9.71 18.70 -16.83
N CYS C 319 -8.65 19.45 -16.51
CA CYS C 319 -7.79 19.04 -15.41
C CYS C 319 -7.77 20.01 -14.23
N VAL C 320 -7.32 21.24 -14.39
CA VAL C 320 -7.08 22.11 -13.22
C VAL C 320 -6.89 23.56 -13.66
N VAL C 321 -7.48 24.50 -12.91
CA VAL C 321 -7.29 25.93 -13.13
C VAL C 321 -6.97 26.59 -11.80
N PHE C 322 -5.93 27.42 -11.77
CA PHE C 322 -5.52 28.17 -10.59
C PHE C 322 -6.05 29.60 -10.68
N ALA C 323 -6.46 30.14 -9.54
CA ALA C 323 -6.80 31.56 -9.48
C ALA C 323 -5.55 32.42 -9.66
N GLU C 324 -4.45 32.00 -9.05
CA GLU C 324 -3.15 32.61 -9.27
C GLU C 324 -2.10 31.55 -8.98
N ALA C 325 -0.85 31.97 -8.91
CA ALA C 325 0.20 31.02 -8.55
C ALA C 325 -0.04 30.51 -7.13
N PRO C 326 0.27 29.24 -6.86
CA PRO C 326 0.05 28.71 -5.51
C PRO C 326 0.84 29.48 -4.47
N ASP C 327 0.24 29.63 -3.29
CA ASP C 327 0.81 30.37 -2.18
C ASP C 327 1.79 29.49 -1.39
N SER C 328 2.80 28.99 -2.10
CA SER C 328 3.77 28.07 -1.53
C SER C 328 5.18 28.51 -1.94
N TRP C 329 6.15 28.22 -1.06
CA TRP C 329 7.51 28.71 -1.23
C TRP C 329 8.53 27.61 -1.01
N ILE C 330 9.69 27.79 -1.64
CA ILE C 330 10.86 26.95 -1.47
C ILE C 330 12.07 27.86 -1.32
N MET C 331 13.23 27.26 -1.11
CA MET C 331 14.49 27.98 -1.05
C MET C 331 15.25 27.69 -2.35
N LYS C 332 15.51 28.73 -3.13
CA LYS C 332 16.22 28.60 -4.39
C LYS C 332 17.30 29.67 -4.47
N ASP C 333 18.56 29.24 -4.52
CA ASP C 333 19.71 30.14 -4.55
C ASP C 333 19.68 31.11 -3.38
N ASN C 334 19.53 30.55 -2.18
CA ASN C 334 19.56 31.30 -0.93
C ASN C 334 18.53 32.42 -0.91
N SER C 335 17.34 32.14 -1.42
CA SER C 335 16.29 33.13 -1.44
C SER C 335 14.94 32.43 -1.37
N VAL C 336 13.98 33.07 -0.68
CA VAL C 336 12.64 32.54 -0.57
C VAL C 336 11.94 32.81 -1.90
N THR C 337 11.60 31.74 -2.63
CA THR C 337 11.07 31.83 -3.97
C THR C 337 9.69 31.19 -4.01
N ARG C 338 8.76 31.87 -4.65
CA ARG C 338 7.41 31.35 -4.79
C ARG C 338 7.36 30.33 -5.92
N LEU C 339 6.73 29.19 -5.65
CA LEU C 339 6.57 28.16 -6.66
C LEU C 339 5.50 28.59 -7.68
N THR C 340 5.68 28.17 -8.91
CA THR C 340 4.66 28.35 -9.92
C THR C 340 3.68 27.17 -9.88
N ALA C 341 2.62 27.27 -10.68
CA ALA C 341 1.60 26.23 -10.69
C ALA C 341 2.19 24.90 -11.15
N GLU C 342 3.02 24.94 -12.18
CA GLU C 342 3.60 23.70 -12.72
C GLU C 342 4.52 23.04 -11.71
N GLN C 343 5.45 23.80 -11.12
CA GLN C 343 6.35 23.22 -10.12
C GLN C 343 5.58 22.73 -8.91
N TRP C 344 4.58 23.49 -8.46
CA TRP C 344 3.79 23.09 -7.29
C TRP C 344 3.10 21.76 -7.50
N VAL C 345 2.46 21.56 -8.65
CA VAL C 345 1.78 20.29 -8.90
C VAL C 345 2.78 19.15 -8.96
N VAL C 346 3.97 19.40 -9.49
CA VAL C 346 4.98 18.35 -9.59
C VAL C 346 5.42 17.91 -8.19
N MET C 347 5.74 18.87 -7.31
CA MET C 347 6.15 18.48 -5.95
C MET C 347 4.99 17.88 -5.18
N MET C 348 3.77 18.40 -5.37
CA MET C 348 2.62 17.85 -4.66
C MET C 348 2.36 16.40 -5.06
N LEU C 349 2.48 16.10 -6.35
CA LEU C 349 2.21 14.76 -6.86
C LEU C 349 3.44 13.87 -6.89
N ASP C 350 4.60 14.36 -6.44
CA ASP C 350 5.81 13.55 -6.49
C ASP C 350 5.68 12.33 -5.61
N THR C 351 6.07 11.18 -6.16
CA THR C 351 6.02 9.88 -5.48
C THR C 351 7.33 9.15 -5.68
N GLN C 352 8.43 9.87 -5.48
CA GLN C 352 9.75 9.27 -5.65
C GLN C 352 10.06 8.29 -4.53
N SER C 353 9.64 8.60 -3.32
CA SER C 353 9.87 7.74 -2.17
C SER C 353 8.74 6.73 -2.03
N GLY C 378 18.58 5.04 -6.08
CA GLY C 378 17.16 5.15 -5.87
C GLY C 378 16.74 4.87 -4.43
N TYR C 379 15.59 4.25 -4.26
CA TYR C 379 15.08 3.92 -2.93
C TYR C 379 15.31 2.44 -2.70
N PRO C 380 16.29 2.04 -1.89
CA PRO C 380 16.58 0.60 -1.72
C PRO C 380 15.59 -0.05 -0.78
N ILE C 381 14.80 -1.00 -1.31
CA ILE C 381 13.80 -1.68 -0.50
C ILE C 381 14.47 -2.58 0.53
N LYS C 382 15.47 -3.34 0.09
CA LYS C 382 16.17 -4.26 0.97
C LYS C 382 16.92 -3.52 2.07
N VAL C 383 17.51 -2.38 1.76
CA VAL C 383 18.27 -1.62 2.75
C VAL C 383 17.35 -1.17 3.88
N HIS C 384 16.18 -0.63 3.54
CA HIS C 384 15.26 -0.19 4.59
C HIS C 384 14.66 -1.36 5.33
N LYS C 385 14.56 -2.53 4.68
CA LYS C 385 14.08 -3.72 5.37
C LYS C 385 15.09 -4.21 6.41
N PHE C 386 16.37 -4.15 6.08
CA PHE C 386 17.42 -4.69 6.94
C PHE C 386 18.12 -3.65 7.80
N LYS C 387 17.72 -2.38 7.72
CA LYS C 387 18.41 -1.34 8.49
C LYS C 387 18.28 -1.58 9.99
N GLU C 388 17.13 -2.07 10.43
CA GLU C 388 16.93 -2.32 11.85
C GLU C 388 17.86 -3.41 12.38
N ALA C 389 17.94 -4.53 11.67
CA ALA C 389 18.84 -5.61 12.08
C ALA C 389 20.29 -5.18 12.03
N LEU C 390 20.67 -4.43 10.99
CA LEU C 390 22.04 -3.95 10.86
C LEU C 390 22.41 -3.01 12.00
N GLN C 391 21.50 -2.13 12.40
CA GLN C 391 21.77 -1.24 13.52
C GLN C 391 21.92 -2.02 14.83
N ARG C 392 21.05 -3.00 15.07
CA ARG C 392 21.15 -3.77 16.30
C ARG C 392 22.40 -4.64 16.34
N HIS C 393 22.96 -4.97 15.18
CA HIS C 393 24.18 -5.79 15.17
C HIS C 393 25.44 -4.94 15.25
N LEU C 394 25.49 -3.82 14.52
CA LEU C 394 26.71 -3.03 14.44
C LEU C 394 26.75 -1.86 15.40
N PHE C 395 25.61 -1.27 15.73
CA PHE C 395 25.54 -0.15 16.68
C PHE C 395 24.50 -0.48 17.74
N PRO C 396 24.79 -1.42 18.63
CA PRO C 396 23.84 -1.73 19.71
C PRO C 396 23.71 -0.54 20.66
N VAL C 397 22.49 -0.32 21.13
CA VAL C 397 22.18 0.80 21.99
C VAL C 397 21.90 0.22 23.36
N THR C 398 22.92 0.21 24.21
CA THR C 398 22.81 -0.19 25.60
C THR C 398 23.67 0.73 26.44
N GLN C 399 23.58 0.57 27.76
CA GLN C 399 24.34 1.40 28.68
C GLN C 399 25.64 0.69 29.07
N GLU C 400 26.53 0.60 28.10
CA GLU C 400 27.79 -0.12 28.25
C GLU C 400 28.98 0.80 27.99
N GLU C 401 28.86 2.05 28.44
CA GLU C 401 29.91 3.07 28.27
C GLU C 401 30.02 3.44 26.79
N VAL C 402 30.69 4.55 26.49
CA VAL C 402 30.77 5.03 25.12
C VAL C 402 31.65 4.10 24.29
N GLN C 403 31.11 3.63 23.17
CA GLN C 403 31.82 2.73 22.27
C GLN C 403 32.40 3.50 21.10
N PHE C 404 33.50 2.97 20.56
CA PHE C 404 34.20 3.58 19.43
C PHE C 404 34.10 2.64 18.24
N LYS C 405 33.56 3.15 17.13
CA LYS C 405 33.38 2.43 15.88
C LYS C 405 33.89 3.29 14.73
N PRO C 406 34.35 2.67 13.64
CA PRO C 406 34.57 1.23 13.43
C PRO C 406 35.88 0.77 14.09
N GLU C 407 36.00 -0.51 14.40
CA GLU C 407 37.12 -0.99 15.20
C GLU C 407 38.44 -0.87 14.44
N SER C 408 38.44 -1.21 13.16
CA SER C 408 39.69 -1.22 12.40
C SER C 408 40.24 0.19 12.23
N LEU C 409 39.40 1.15 11.86
CA LEU C 409 39.85 2.53 11.72
C LEU C 409 40.26 3.12 13.07
N CYS C 410 39.53 2.79 14.13
CA CYS C 410 39.88 3.27 15.46
C CYS C 410 41.26 2.77 15.90
N LYS C 411 41.56 1.50 15.64
CA LYS C 411 42.87 0.97 15.98
C LYS C 411 43.98 1.69 15.21
N LYS C 412 43.76 1.94 13.92
CA LYS C 412 44.74 2.66 13.12
C LYS C 412 44.99 4.06 13.67
N LEU C 413 43.90 4.77 14.00
CA LEU C 413 44.04 6.14 14.51
C LEU C 413 44.72 6.18 15.87
N PHE C 414 44.39 5.24 16.76
CA PHE C 414 44.96 5.26 18.10
C PHE C 414 46.42 4.80 18.13
N SER C 415 46.82 3.95 17.18
CA SER C 415 48.23 3.60 17.07
C SER C 415 49.05 4.75 16.52
N ASP C 416 48.50 5.48 15.54
CA ASP C 416 49.25 6.59 14.94
C ASP C 416 49.30 7.80 15.86
N HIS C 417 48.30 7.96 16.73
CA HIS C 417 48.23 9.09 17.66
C HIS C 417 47.93 8.51 19.03
N LYS C 418 48.91 8.55 19.91
CA LYS C 418 48.79 7.87 21.20
C LYS C 418 47.76 8.54 22.09
N GLU C 419 47.74 9.87 22.11
CA GLU C 419 46.85 10.62 22.99
C GLU C 419 45.48 10.88 22.38
N LEU C 420 45.22 10.44 21.14
CA LEU C 420 43.93 10.72 20.51
C LEU C 420 42.78 10.08 21.30
N GLU C 421 42.97 8.83 21.73
CA GLU C 421 41.89 8.16 22.45
C GLU C 421 41.60 8.85 23.78
N GLY C 422 42.65 9.25 24.50
CA GLY C 422 42.43 9.94 25.76
C GLY C 422 41.78 11.29 25.58
N LEU C 423 42.21 12.05 24.58
CA LEU C 423 41.58 13.35 24.32
C LEU C 423 40.12 13.19 23.94
N MET C 424 39.82 12.18 23.13
CA MET C 424 38.43 11.91 22.76
C MET C 424 37.60 11.53 23.99
N LYS C 425 38.16 10.69 24.86
CA LYS C 425 37.44 10.29 26.07
C LYS C 425 37.11 11.48 26.97
N THR C 426 38.05 12.41 27.12
CA THR C 426 37.79 13.59 27.95
C THR C 426 36.83 14.58 27.28
N LEU C 427 36.73 14.55 25.96
CA LEU C 427 35.75 15.38 25.26
C LEU C 427 34.33 14.89 25.49
N ILE C 428 34.11 13.58 25.40
CA ILE C 428 32.77 13.03 25.62
C ILE C 428 32.32 13.26 27.05
N HIS C 429 33.25 13.23 28.01
CA HIS C 429 32.88 13.33 29.42
C HIS C 429 32.08 14.61 29.66
N PRO C 430 31.01 14.54 30.48
CA PRO C 430 30.55 13.40 31.26
C PRO C 430 29.46 12.56 30.57
N CYS C 431 29.55 12.31 29.27
CA CYS C 431 28.56 11.47 28.61
C CYS C 431 28.88 10.01 28.89
N SER C 432 27.95 9.32 29.55
CA SER C 432 28.16 7.98 30.05
C SER C 432 27.90 6.90 29.01
N GLN C 433 26.81 7.01 28.26
CA GLN C 433 26.41 6.01 27.27
C GLN C 433 26.29 6.66 25.91
N GLY C 434 26.87 6.03 24.89
CA GLY C 434 26.80 6.56 23.55
C GLY C 434 27.72 5.81 22.62
N ILE C 435 27.74 6.26 21.37
CA ILE C 435 28.55 5.69 20.32
C ILE C 435 29.26 6.82 19.59
N VAL C 436 30.57 6.68 19.39
CA VAL C 436 31.35 7.60 18.58
C VAL C 436 31.77 6.86 17.33
N ILE C 437 31.44 7.41 16.17
CA ILE C 437 31.73 6.80 14.89
C ILE C 437 32.78 7.64 14.20
N PHE C 438 34.01 7.12 14.13
CA PHE C 438 35.10 7.82 13.50
C PHE C 438 35.05 7.63 11.99
N SER C 439 35.71 8.56 11.29
CA SER C 439 35.89 8.45 9.86
C SER C 439 37.09 9.30 9.49
N ARG C 440 37.87 8.83 8.52
CA ARG C 440 38.99 9.63 8.02
C ARG C 440 38.48 10.91 7.39
N SER C 441 37.30 10.86 6.77
CA SER C 441 36.68 12.04 6.18
C SER C 441 35.17 11.81 6.17
N TRP C 442 34.47 12.44 7.11
CA TRP C 442 33.01 12.35 7.11
C TRP C 442 32.41 13.10 5.93
N ALA C 443 33.06 14.19 5.50
CA ALA C 443 32.62 14.88 4.30
C ALA C 443 32.76 13.99 3.06
N GLY C 444 33.86 13.26 2.96
CA GLY C 444 34.00 12.30 1.88
C GLY C 444 32.99 11.16 1.96
N ASP C 445 32.65 10.74 3.18
CA ASP C 445 31.70 9.66 3.37
C ASP C 445 30.31 10.03 2.87
N VAL C 446 29.96 11.32 2.86
CA VAL C 446 28.67 11.75 2.36
C VAL C 446 28.77 12.26 0.92
N GLY C 447 29.84 11.90 0.22
CA GLY C 447 29.96 12.23 -1.18
C GLY C 447 30.43 13.63 -1.50
N PHE C 448 31.19 14.26 -0.61
CA PHE C 448 31.71 15.59 -0.84
C PHE C 448 33.24 15.56 -0.83
N ARG C 449 33.83 16.74 -0.92
CA ARG C 449 35.28 16.85 -1.07
C ARG C 449 35.98 16.54 0.24
N LYS C 450 36.95 15.64 0.19
CA LYS C 450 37.79 15.36 1.34
C LYS C 450 38.85 16.44 1.48
N GLU C 451 39.28 16.67 2.73
CA GLU C 451 40.30 17.65 3.02
C GLU C 451 41.47 16.97 3.71
N GLN C 452 42.66 17.09 3.12
CA GLN C 452 43.84 16.46 3.68
C GLN C 452 44.28 17.10 4.97
N ASN C 453 43.90 18.36 5.21
CA ASN C 453 44.24 19.03 6.45
C ASN C 453 43.42 18.54 7.64
N VAL C 454 42.42 17.70 7.42
CA VAL C 454 41.59 17.16 8.48
C VAL C 454 42.06 15.74 8.78
N LEU C 455 42.48 15.51 10.03
CA LEU C 455 42.95 14.20 10.42
C LEU C 455 41.82 13.18 10.40
N CYS C 456 40.71 13.49 11.06
CA CYS C 456 39.56 12.60 11.12
C CYS C 456 38.38 13.38 11.66
N ASP C 457 37.21 12.80 11.52
CA ASP C 457 35.98 13.35 12.08
C ASP C 457 35.33 12.27 12.93
N ALA C 458 34.94 12.63 14.14
CA ALA C 458 34.29 11.70 15.05
C ALA C 458 32.87 12.19 15.31
N LEU C 459 31.90 11.31 15.15
CA LEU C 459 30.50 11.66 15.29
C LEU C 459 29.96 11.04 16.57
N LEU C 460 29.73 11.88 17.57
CA LEU C 460 29.21 11.44 18.85
C LEU C 460 27.68 11.37 18.80
N ILE C 461 27.13 10.21 19.14
CA ILE C 461 25.69 10.00 19.22
C ILE C 461 25.42 9.46 20.62
N ALA C 462 24.55 10.15 21.37
CA ALA C 462 24.30 9.78 22.75
C ALA C 462 22.88 10.16 23.13
N VAL C 463 22.39 9.52 24.18
CA VAL C 463 21.05 9.80 24.70
C VAL C 463 21.08 11.04 25.58
N ASN C 464 20.03 11.85 25.49
CA ASN C 464 19.89 13.10 26.25
C ASN C 464 20.99 14.09 25.90
N SER C 465 21.52 13.98 24.70
CA SER C 465 22.62 14.81 24.24
C SER C 465 22.40 15.19 22.78
N PRO C 466 22.86 16.36 22.37
CA PRO C 466 22.89 16.66 20.93
C PRO C 466 23.95 15.86 20.22
N VAL C 467 23.73 15.65 18.92
CA VAL C 467 24.74 14.99 18.10
C VAL C 467 25.87 15.96 17.83
N VAL C 468 27.11 15.54 18.09
CA VAL C 468 28.28 16.39 17.95
C VAL C 468 29.22 15.79 16.91
N LEU C 469 29.75 16.64 16.04
CA LEU C 469 30.72 16.25 15.03
C LEU C 469 32.06 16.90 15.37
N TYR C 470 33.01 16.10 15.84
CA TYR C 470 34.34 16.58 16.17
C TYR C 470 35.23 16.50 14.94
N THR C 471 35.89 17.60 14.61
CA THR C 471 36.78 17.67 13.46
C THR C 471 38.18 17.95 13.97
N ILE C 472 39.05 16.95 13.92
CA ILE C 472 40.40 17.08 14.43
C ILE C 472 41.32 17.58 13.32
N LEU C 473 42.05 18.64 13.60
CA LEU C 473 42.98 19.24 12.65
C LEU C 473 44.41 18.99 13.11
N ILE C 474 45.28 18.65 12.17
CA ILE C 474 46.69 18.51 12.49
C ILE C 474 47.32 19.87 12.76
N ASP C 475 47.02 20.85 11.92
CA ASP C 475 47.59 22.18 12.03
C ASP C 475 46.57 23.14 12.61
N PRO C 476 46.81 23.73 13.78
CA PRO C 476 45.86 24.72 14.32
C PRO C 476 45.68 25.96 13.46
N ASN C 477 46.65 26.29 12.61
CA ASN C 477 46.65 27.54 11.87
C ASN C 477 45.92 27.47 10.54
N TRP C 478 45.31 26.34 10.22
CA TRP C 478 44.55 26.23 8.97
C TRP C 478 43.29 27.06 9.09
N PRO C 479 43.08 28.05 8.21
CA PRO C 479 41.94 28.97 8.36
C PRO C 479 40.61 28.41 7.88
N GLY C 480 40.62 27.29 7.16
CA GLY C 480 39.41 26.70 6.63
C GLY C 480 38.74 25.68 7.53
N GLY C 481 39.18 25.54 8.78
CA GLY C 481 38.64 24.51 9.64
C GLY C 481 37.18 24.71 9.99
N LEU C 482 36.80 25.94 10.36
CA LEU C 482 35.44 26.19 10.79
C LEU C 482 34.44 25.97 9.66
N GLU C 483 34.77 26.46 8.46
CA GLU C 483 33.89 26.27 7.32
C GLU C 483 33.76 24.79 6.96
N TYR C 484 34.85 24.04 7.00
CA TYR C 484 34.78 22.61 6.71
C TYR C 484 33.87 21.90 7.69
N ALA C 485 34.02 22.17 8.99
CA ALA C 485 33.21 21.51 10.00
C ALA C 485 31.73 21.84 9.85
N ARG C 486 31.42 23.11 9.62
CA ARG C 486 30.03 23.54 9.48
C ARG C 486 29.36 22.93 8.25
N ASN C 487 30.06 22.93 7.11
CA ASN C 487 29.51 22.37 5.89
C ASN C 487 29.31 20.86 6.01
N THR C 488 30.26 20.16 6.64
CA THR C 488 30.13 18.73 6.82
C THR C 488 28.95 18.38 7.71
N ALA C 489 28.74 19.13 8.79
CA ALA C 489 27.59 18.89 9.65
C ALA C 489 26.28 19.12 8.90
N HIS C 490 26.21 20.19 8.11
CA HIS C 490 25.01 20.49 7.35
C HIS C 490 24.69 19.39 6.34
N GLN C 491 25.70 18.97 5.57
CA GLN C 491 25.46 17.94 4.56
C GLN C 491 25.13 16.60 5.17
N LEU C 492 25.73 16.28 6.32
CA LEU C 492 25.40 15.03 7.01
C LEU C 492 23.95 15.03 7.47
N LYS C 493 23.48 16.14 8.04
CA LYS C 493 22.08 16.23 8.46
C LYS C 493 21.13 16.14 7.28
N GLN C 494 21.49 16.80 6.18
CA GLN C 494 20.65 16.75 4.98
C GLN C 494 20.57 15.33 4.43
N LYS C 495 21.70 14.62 4.40
CA LYS C 495 21.71 13.23 3.96
C LYS C 495 20.90 12.34 4.88
N LEU C 496 20.99 12.58 6.20
CA LEU C 496 20.22 11.79 7.15
C LEU C 496 18.73 11.97 6.94
N GLN C 497 18.29 13.19 6.67
CA GLN C 497 16.88 13.46 6.47
C GLN C 497 16.39 12.91 5.14
N THR C 498 17.16 13.12 4.07
CA THR C 498 16.70 12.77 2.73
C THR C 498 16.91 11.29 2.43
N VAL C 499 18.18 10.87 2.41
CA VAL C 499 18.50 9.49 2.07
C VAL C 499 18.09 8.55 3.20
N GLY C 500 18.44 8.91 4.44
CA GLY C 500 18.20 8.04 5.58
C GLY C 500 16.76 7.94 6.01
N GLY C 501 15.93 8.91 5.62
CA GLY C 501 14.54 8.89 6.02
C GLY C 501 14.30 9.23 7.48
N TYR C 502 15.13 10.08 8.07
CA TYR C 502 14.97 10.48 9.46
C TYR C 502 14.01 11.66 9.55
N THR C 503 13.01 11.54 10.42
CA THR C 503 11.95 12.53 10.55
C THR C 503 11.86 13.08 11.98
N GLY C 504 12.99 13.14 12.68
CA GLY C 504 13.04 13.73 14.00
C GLY C 504 13.80 15.04 14.00
N LYS C 505 13.82 15.66 15.18
CA LYS C 505 14.60 16.88 15.40
C LYS C 505 15.98 16.48 15.89
N VAL C 506 16.98 16.70 15.05
CA VAL C 506 18.36 16.37 15.38
C VAL C 506 19.23 17.56 15.01
N CYS C 507 20.18 17.88 15.87
CA CYS C 507 21.16 18.91 15.61
C CYS C 507 22.54 18.27 15.63
N ILE C 508 23.35 18.57 14.62
CA ILE C 508 24.72 18.12 14.55
C ILE C 508 25.59 19.34 14.80
N ILE C 509 26.12 19.44 16.02
CA ILE C 509 26.91 20.59 16.43
C ILE C 509 28.36 20.39 15.97
N PRO C 510 28.86 21.22 15.07
CA PRO C 510 30.25 21.08 14.62
C PRO C 510 31.22 21.68 15.63
N ARG C 511 32.19 20.89 16.06
CA ARG C 511 33.21 21.34 16.97
C ARG C 511 34.59 21.14 16.35
N LEU C 512 35.48 22.07 16.61
CA LEU C 512 36.84 22.02 16.10
C LEU C 512 37.75 21.53 17.22
N ILE C 513 38.49 20.47 16.94
CA ILE C 513 39.34 19.80 17.92
C ILE C 513 40.77 19.77 17.40
N HIS C 514 41.73 19.92 18.30
CA HIS C 514 43.13 20.04 17.92
C HIS C 514 43.93 18.99 18.67
N LEU C 515 44.74 18.22 17.94
CA LEU C 515 45.47 17.11 18.54
C LEU C 515 46.76 17.56 19.21
N SER C 516 47.64 18.23 18.46
CA SER C 516 48.96 18.51 19.01
C SER C 516 48.88 19.55 20.11
N SER C 517 48.06 20.58 19.94
CA SER C 517 48.03 21.67 20.90
C SER C 517 47.31 21.18 22.15
N THR C 518 48.03 21.16 23.28
CA THR C 518 47.42 20.83 24.56
C THR C 518 46.74 22.04 25.22
N GLN C 519 47.04 23.26 24.75
CA GLN C 519 46.36 24.46 25.24
C GLN C 519 45.06 24.62 24.45
N SER C 520 44.13 23.69 24.71
CA SER C 520 42.88 23.63 23.97
C SER C 520 42.06 24.90 24.24
N ARG C 521 41.94 25.74 23.23
CA ARG C 521 41.15 26.95 23.35
C ARG C 521 39.66 26.62 23.21
N PRO C 522 38.84 26.94 24.20
CA PRO C 522 37.41 26.65 24.09
C PRO C 522 36.73 27.55 23.07
N GLY C 523 35.55 27.10 22.63
CA GLY C 523 34.76 27.82 21.66
C GLY C 523 34.32 29.20 22.13
N GLU C 524 34.67 30.23 21.37
CA GLU C 524 34.28 31.58 21.74
C GLU C 524 32.76 31.74 21.73
N ILE C 525 32.09 31.19 20.72
CA ILE C 525 30.65 31.30 20.62
C ILE C 525 30.04 29.90 20.54
N PRO C 526 29.62 29.33 21.67
CA PRO C 526 28.95 28.02 21.62
C PRO C 526 27.63 28.09 20.85
N LEU C 527 27.26 26.97 20.24
CA LEU C 527 26.06 26.88 19.44
C LEU C 527 24.94 26.26 20.26
N ARG C 528 23.78 26.92 20.27
CA ARG C 528 22.66 26.51 21.10
C ARG C 528 21.48 26.12 20.23
N TYR C 529 20.83 25.02 20.59
CA TYR C 529 19.64 24.52 19.94
C TYR C 529 18.57 24.31 21.00
N PRO C 530 17.30 24.31 20.60
CA PRO C 530 16.24 24.01 21.57
C PRO C 530 16.42 22.61 22.13
N ARG C 531 15.98 22.42 23.38
CA ARG C 531 16.18 21.15 24.07
C ARG C 531 15.51 19.99 23.35
N SER C 532 14.55 20.26 22.48
CA SER C 532 13.91 19.22 21.69
C SER C 532 14.81 18.65 20.61
N TYR C 533 15.97 19.26 20.37
CA TYR C 533 16.90 18.82 19.35
C TYR C 533 17.92 17.80 19.89
N ARG C 534 17.78 17.38 21.13
CA ARG C 534 18.58 16.30 21.68
C ARG C 534 17.91 14.95 21.41
N LEU C 535 18.71 13.90 21.49
CA LEU C 535 18.17 12.54 21.39
C LEU C 535 17.45 12.24 22.70
N ALA C 536 16.11 12.31 22.66
CA ALA C 536 15.34 12.29 23.90
C ALA C 536 15.54 10.99 24.67
N ASP C 537 15.53 9.86 23.97
CA ASP C 537 15.53 8.56 24.65
C ASP C 537 16.28 7.57 23.78
N GLU C 538 16.13 6.28 24.11
CA GLU C 538 16.85 5.23 23.42
C GLU C 538 16.22 4.91 22.07
N GLU C 539 14.90 5.02 21.96
CA GLU C 539 14.23 4.74 20.71
C GLU C 539 14.61 5.75 19.64
N GLU C 540 14.74 7.03 20.00
CA GLU C 540 15.18 8.04 19.04
C GLU C 540 16.64 7.82 18.63
N MET C 541 17.48 7.37 19.56
CA MET C 541 18.85 7.01 19.24
C MET C 541 18.90 5.90 18.21
N GLU C 542 18.09 4.86 18.39
CA GLU C 542 18.04 3.76 17.43
C GLU C 542 17.56 4.22 16.07
N ASP C 543 16.56 5.12 16.04
CA ASP C 543 16.05 5.63 14.77
C ASP C 543 17.13 6.43 14.03
N LEU C 544 17.86 7.27 14.75
CA LEU C 544 18.94 8.03 14.13
C LEU C 544 20.04 7.11 13.62
N LEU C 545 20.34 6.05 14.36
CA LEU C 545 21.37 5.12 13.93
C LEU C 545 20.94 4.32 12.70
N GLN C 546 19.65 3.98 12.62
CA GLN C 546 19.15 3.31 11.43
C GLN C 546 19.22 4.22 10.21
N ALA C 547 18.92 5.51 10.39
CA ALA C 547 19.07 6.46 9.30
C ALA C 547 20.52 6.56 8.86
N LEU C 548 21.45 6.55 9.82
CA LEU C 548 22.87 6.58 9.49
C LEU C 548 23.30 5.31 8.77
N VAL C 549 22.71 4.17 9.13
CA VAL C 549 22.99 2.93 8.41
C VAL C 549 22.54 3.06 6.95
N VAL C 550 21.35 3.60 6.72
CA VAL C 550 20.86 3.80 5.35
C VAL C 550 21.78 4.74 4.58
N VAL C 551 22.22 5.83 5.22
CA VAL C 551 23.11 6.78 4.56
C VAL C 551 24.44 6.11 4.21
N SER C 552 24.99 5.34 5.14
CA SER C 552 26.27 4.66 4.88
C SER C 552 26.14 3.65 3.75
N LEU C 553 25.06 2.88 3.73
CA LEU C 553 24.88 1.88 2.69
C LEU C 553 24.71 2.50 1.31
N SER C 554 24.46 3.80 1.23
CA SER C 554 24.30 4.52 -0.02
C SER C 554 25.55 5.30 -0.41
N SER C 555 26.68 5.03 0.24
CA SER C 555 27.89 5.82 0.06
C SER C 555 29.06 4.91 -0.26
N ARG C 556 30.23 5.52 -0.47
CA ARG C 556 31.48 4.81 -0.71
C ARG C 556 32.44 5.21 0.39
N SER C 557 32.70 4.30 1.31
CA SER C 557 33.59 4.54 2.44
C SER C 557 33.93 3.20 3.08
N LEU C 558 34.84 3.24 4.04
CA LEU C 558 35.16 2.03 4.79
C LEU C 558 33.97 1.54 5.60
N LEU C 559 33.28 2.44 6.27
CA LEU C 559 32.09 2.07 7.04
C LEU C 559 31.02 1.47 6.14
N SER C 560 30.85 2.04 4.94
CA SER C 560 29.90 1.48 3.99
C SER C 560 30.29 0.07 3.55
N ASP C 561 31.60 -0.18 3.37
CA ASP C 561 32.04 -1.52 2.98
C ASP C 561 31.76 -2.55 4.06
N GLN C 562 32.01 -2.21 5.33
CA GLN C 562 31.75 -3.15 6.41
C GLN C 562 30.25 -3.38 6.60
N MET C 563 29.44 -2.31 6.57
CA MET C 563 27.99 -2.49 6.59
C MET C 563 27.51 -3.29 5.41
N GLY C 564 28.15 -3.13 4.25
CA GLY C 564 27.78 -3.90 3.09
C GLY C 564 28.06 -5.38 3.24
N CYS C 565 29.15 -5.73 3.91
CA CYS C 565 29.43 -7.14 4.20
C CYS C 565 28.32 -7.74 5.05
N GLU C 566 27.92 -7.05 6.12
CA GLU C 566 26.85 -7.55 6.98
C GLU C 566 25.51 -7.56 6.25
N PHE C 567 25.28 -6.56 5.41
CA PHE C 567 24.05 -6.50 4.61
C PHE C 567 23.97 -7.66 3.63
N PHE C 568 25.09 -8.00 2.98
CA PHE C 568 25.13 -9.14 2.08
C PHE C 568 24.92 -10.46 2.82
N ASN C 569 25.41 -10.57 4.05
CA ASN C 569 25.14 -11.75 4.85
C ASN C 569 23.65 -11.94 5.11
N LEU C 570 22.95 -10.87 5.46
CA LEU C 570 21.50 -10.97 5.67
C LEU C 570 20.79 -11.37 4.39
N LEU C 571 21.21 -10.81 3.24
CA LEU C 571 20.62 -11.18 1.97
C LEU C 571 20.87 -12.65 1.65
N ILE C 572 22.07 -13.15 1.97
CA ILE C 572 22.38 -14.57 1.76
C ILE C 572 21.47 -15.45 2.60
N MET C 573 21.25 -15.08 3.87
CA MET C 573 20.33 -15.82 4.71
C MET C 573 18.95 -15.93 4.07
N GLU C 574 18.41 -14.79 3.64
CA GLU C 574 17.08 -14.78 3.05
C GLU C 574 17.03 -15.61 1.78
N GLN C 575 18.01 -15.42 0.88
CA GLN C 575 18.00 -16.13 -0.39
C GLN C 575 18.22 -17.63 -0.21
N SER C 576 19.06 -18.03 0.75
CA SER C 576 19.29 -19.44 1.01
C SER C 576 18.05 -20.11 1.58
N GLN C 577 17.30 -19.40 2.43
CA GLN C 577 16.04 -19.94 2.92
C GLN C 577 15.06 -20.17 1.78
N LEU C 578 14.95 -19.20 0.87
CA LEU C 578 14.05 -19.35 -0.27
C LEU C 578 14.46 -20.53 -1.14
N LEU C 579 15.76 -20.70 -1.35
CA LEU C 579 16.27 -21.80 -2.17
C LEU C 579 16.11 -23.15 -1.48
N SER C 580 16.29 -23.18 -0.15
CA SER C 580 16.13 -24.42 0.59
C SER C 580 14.68 -24.91 0.59
N GLU C 581 13.72 -24.04 0.29
CA GLU C 581 12.35 -24.47 0.08
C GLU C 581 12.24 -25.52 -1.01
N SER C 582 13.21 -25.61 -1.91
CA SER C 582 13.18 -26.59 -2.98
C SER C 582 13.79 -27.93 -2.57
N LEU C 583 14.32 -28.03 -1.35
CA LEU C 583 14.91 -29.29 -0.93
C LEU C 583 13.86 -30.38 -0.79
N GLN C 584 12.62 -30.01 -0.46
CA GLN C 584 11.54 -30.97 -0.33
C GLN C 584 10.88 -31.32 -1.66
N LYS C 585 11.17 -30.56 -2.72
CA LYS C 585 10.54 -30.78 -4.01
C LYS C 585 11.43 -31.51 -5.00
N THR C 586 12.74 -31.40 -4.87
CA THR C 586 13.67 -32.01 -5.80
C THR C 586 14.61 -32.93 -5.05
N ARG C 587 15.22 -33.86 -5.79
CA ARG C 587 16.35 -34.63 -5.31
C ARG C 587 17.61 -34.26 -6.07
N GLU C 588 17.58 -34.39 -7.40
CA GLU C 588 18.66 -33.91 -8.26
C GLU C 588 18.22 -32.60 -8.88
N LEU C 589 19.11 -31.61 -8.84
CA LEU C 589 18.79 -30.28 -9.33
C LEU C 589 20.01 -29.65 -9.99
N PHE C 590 19.82 -29.12 -11.19
CA PHE C 590 20.87 -28.43 -11.93
C PHE C 590 20.66 -26.93 -11.75
N ILE C 591 21.49 -26.31 -10.94
CA ILE C 591 21.32 -24.90 -10.56
C ILE C 591 22.25 -24.05 -11.40
N TYR C 592 21.67 -23.19 -12.23
CA TYR C 592 22.44 -22.26 -13.03
C TYR C 592 22.57 -20.93 -12.30
N CYS C 593 23.79 -20.47 -12.12
CA CYS C 593 24.08 -19.26 -11.37
C CYS C 593 24.67 -18.21 -12.29
N PHE C 594 24.17 -16.99 -12.19
CA PHE C 594 24.73 -15.87 -12.90
C PHE C 594 26.11 -15.53 -12.34
N PRO C 595 26.95 -14.86 -13.11
CA PRO C 595 28.21 -14.37 -12.54
C PRO C 595 27.95 -13.43 -11.38
N GLY C 596 28.74 -13.59 -10.32
CA GLY C 596 28.57 -12.80 -9.12
C GLY C 596 27.41 -13.19 -8.23
N VAL C 597 27.02 -14.47 -8.25
CA VAL C 597 25.88 -14.91 -7.46
C VAL C 597 26.29 -15.40 -6.07
N ARG C 598 27.57 -15.70 -5.85
CA ARG C 598 28.08 -16.21 -4.58
C ARG C 598 27.44 -17.55 -4.24
N LYS C 599 27.66 -18.53 -5.11
CA LYS C 599 27.06 -19.84 -4.93
C LYS C 599 27.74 -20.65 -3.84
N THR C 600 28.94 -20.27 -3.43
CA THR C 600 29.61 -21.00 -2.34
C THR C 600 28.91 -20.75 -1.03
N ALA C 601 28.58 -19.49 -0.74
CA ALA C 601 27.83 -19.17 0.46
C ALA C 601 26.45 -19.81 0.44
N LEU C 602 25.78 -19.78 -0.72
CA LEU C 602 24.49 -20.46 -0.85
C LEU C 602 24.62 -21.95 -0.60
N ALA C 603 25.68 -22.57 -1.13
CA ALA C 603 25.90 -23.99 -0.94
C ALA C 603 26.16 -24.34 0.52
N ILE C 604 26.91 -23.51 1.22
CA ILE C 604 27.20 -23.76 2.63
C ILE C 604 25.92 -23.73 3.46
N LYS C 605 25.08 -22.71 3.25
CA LYS C 605 23.82 -22.65 3.97
C LYS C 605 22.86 -23.76 3.57
N ILE C 606 22.92 -24.21 2.31
CA ILE C 606 22.08 -25.32 1.87
C ILE C 606 22.47 -26.63 2.55
N MET C 607 23.76 -26.85 2.76
CA MET C 607 24.21 -28.01 3.52
C MET C 607 23.67 -27.99 4.94
N GLU C 608 23.63 -26.81 5.56
CA GLU C 608 23.02 -26.69 6.88
C GLU C 608 21.56 -27.12 6.84
N LYS C 609 20.81 -26.66 5.82
CA LYS C 609 19.41 -27.02 5.71
C LYS C 609 19.22 -28.50 5.38
N ILE C 610 20.13 -29.10 4.60
CA ILE C 610 20.05 -30.53 4.32
C ILE C 610 20.20 -31.33 5.60
N LYS C 611 21.19 -30.96 6.42
CA LYS C 611 21.39 -31.60 7.72
C LYS C 611 20.18 -31.39 8.62
N ASP C 612 19.61 -30.19 8.60
CA ASP C 612 18.46 -29.88 9.44
C ASP C 612 17.23 -30.67 9.04
N LEU C 613 17.02 -30.86 7.73
CA LEU C 613 15.77 -31.42 7.24
C LEU C 613 15.77 -32.94 7.23
N PHE C 614 16.86 -33.56 6.82
CA PHE C 614 16.92 -35.01 6.71
C PHE C 614 17.47 -35.66 7.97
N HIS C 615 17.83 -34.88 8.98
CA HIS C 615 18.22 -35.38 10.30
C HIS C 615 19.35 -36.40 10.19
N CYS C 616 20.30 -36.12 9.32
CA CYS C 616 21.45 -36.98 9.10
C CYS C 616 22.68 -36.44 9.82
N LYS C 617 23.72 -37.27 9.89
CA LYS C 617 24.98 -36.84 10.47
C LYS C 617 25.65 -35.80 9.58
N PRO C 618 26.39 -34.85 10.18
CA PRO C 618 27.12 -33.86 9.36
C PRO C 618 28.12 -34.49 8.40
N LYS C 619 28.75 -35.59 8.79
CA LYS C 619 29.75 -36.24 7.95
C LYS C 619 29.13 -37.00 6.77
N GLU C 620 27.81 -37.16 6.75
CA GLU C 620 27.14 -37.86 5.66
C GLU C 620 26.79 -36.93 4.50
N ILE C 621 27.05 -35.64 4.61
CA ILE C 621 26.85 -34.68 3.53
C ILE C 621 28.20 -34.36 2.92
N LEU C 622 28.33 -34.54 1.61
CA LEU C 622 29.60 -34.37 0.92
C LEU C 622 29.51 -33.17 -0.01
N TYR C 623 30.47 -32.26 0.11
CA TYR C 623 30.61 -31.12 -0.77
C TYR C 623 31.81 -31.38 -1.67
N VAL C 624 31.62 -31.22 -2.98
CA VAL C 624 32.67 -31.50 -3.97
C VAL C 624 32.92 -30.24 -4.78
N CYS C 625 34.18 -29.82 -4.84
CA CYS C 625 34.59 -28.68 -5.66
C CYS C 625 35.80 -29.07 -6.50
N GLU C 626 36.43 -28.10 -7.16
CA GLU C 626 37.58 -28.35 -8.02
C GLU C 626 38.89 -27.85 -7.44
N SER C 627 38.93 -26.63 -6.91
CA SER C 627 40.16 -26.04 -6.44
C SER C 627 40.40 -26.39 -4.97
N ASP C 628 41.69 -26.43 -4.61
CA ASP C 628 42.05 -26.77 -3.24
C ASP C 628 41.76 -25.61 -2.30
N SER C 629 41.95 -24.38 -2.77
CA SER C 629 41.68 -23.21 -1.94
C SER C 629 40.21 -23.13 -1.57
N LEU C 630 39.32 -23.40 -2.52
CA LEU C 630 37.90 -23.41 -2.23
C LEU C 630 37.53 -24.52 -1.26
N LYS C 631 38.15 -25.69 -1.40
CA LYS C 631 37.91 -26.77 -0.45
C LYS C 631 38.30 -26.37 0.96
N ASP C 632 39.47 -25.73 1.10
CA ASP C 632 39.92 -25.27 2.40
C ASP C 632 38.97 -24.24 2.99
N PHE C 633 38.53 -23.28 2.17
CA PHE C 633 37.60 -22.27 2.63
C PHE C 633 36.30 -22.89 3.13
N VAL C 634 35.76 -23.87 2.39
CA VAL C 634 34.50 -24.50 2.75
C VAL C 634 34.63 -25.32 4.03
N THR C 635 35.73 -26.05 4.22
CA THR C 635 35.85 -26.93 5.38
C THR C 635 35.99 -26.15 6.69
N GLN C 636 36.53 -24.93 6.64
CA GLN C 636 36.46 -24.07 7.83
C GLN C 636 35.07 -23.48 8.02
N GLN C 637 34.31 -23.30 6.93
CA GLN C 637 33.00 -22.68 7.02
C GLN C 637 31.88 -23.65 7.37
N THR C 638 32.10 -24.96 7.21
CA THR C 638 31.03 -25.92 7.41
C THR C 638 31.55 -27.14 8.16
N THR C 639 30.62 -27.86 8.80
CA THR C 639 30.95 -29.10 9.50
C THR C 639 30.75 -30.34 8.64
N CYS C 640 30.18 -30.19 7.45
CA CYS C 640 30.01 -31.32 6.56
C CYS C 640 31.32 -31.62 5.83
N GLN C 641 31.41 -32.84 5.32
CA GLN C 641 32.61 -33.26 4.60
C GLN C 641 32.75 -32.50 3.30
N ALA C 642 33.99 -32.12 2.97
CA ALA C 642 34.28 -31.36 1.77
C ALA C 642 35.57 -31.85 1.15
N VAL C 643 35.50 -32.29 -0.11
CA VAL C 643 36.66 -32.79 -0.84
C VAL C 643 36.66 -32.19 -2.23
N THR C 644 37.78 -32.33 -2.93
CA THR C 644 37.89 -31.90 -4.31
C THR C 644 37.47 -33.03 -5.25
N ARG C 645 37.45 -32.74 -6.55
CA ARG C 645 37.03 -33.74 -7.53
C ARG C 645 38.03 -34.88 -7.63
N LYS C 646 39.33 -34.58 -7.57
CA LYS C 646 40.33 -35.64 -7.61
C LYS C 646 40.20 -36.55 -6.39
N THR C 647 40.02 -35.96 -5.21
CA THR C 647 39.80 -36.76 -4.00
C THR C 647 38.49 -37.53 -4.07
N PHE C 648 37.45 -36.92 -4.65
CA PHE C 648 36.17 -37.61 -4.75
C PHE C 648 36.25 -38.85 -5.63
N MET C 649 36.94 -38.76 -6.75
CA MET C 649 37.07 -39.92 -7.63
C MET C 649 37.95 -40.99 -6.99
N GLN C 650 39.04 -40.58 -6.33
CA GLN C 650 39.97 -41.54 -5.76
C GLN C 650 39.42 -42.19 -4.49
N GLY C 651 38.66 -41.45 -3.70
CA GLY C 651 38.26 -41.91 -2.38
C GLY C 651 37.01 -42.79 -2.41
N GLU C 652 36.57 -43.16 -1.22
CA GLU C 652 35.40 -44.01 -1.02
C GLU C 652 34.43 -43.29 -0.08
N PHE C 653 33.17 -43.23 -0.49
CA PHE C 653 32.15 -42.45 0.20
C PHE C 653 30.86 -43.24 0.33
N LEU C 654 30.96 -44.50 0.77
CA LEU C 654 29.79 -45.34 0.89
C LEU C 654 28.83 -44.88 2.00
N LYS C 655 29.29 -44.04 2.91
CA LYS C 655 28.43 -43.51 3.97
C LYS C 655 27.82 -42.16 3.62
N ILE C 656 28.06 -41.66 2.41
CA ILE C 656 27.54 -40.35 2.02
C ILE C 656 26.10 -40.50 1.54
N LYS C 657 25.21 -39.65 2.06
CA LYS C 657 23.80 -39.67 1.72
C LYS C 657 23.39 -38.54 0.79
N HIS C 658 23.97 -37.35 0.94
CA HIS C 658 23.65 -36.20 0.10
C HIS C 658 24.92 -35.57 -0.42
N ILE C 659 24.87 -35.08 -1.66
CA ILE C 659 26.02 -34.49 -2.33
C ILE C 659 25.64 -33.13 -2.86
N VAL C 660 26.48 -32.13 -2.58
CA VAL C 660 26.36 -30.80 -3.16
C VAL C 660 27.66 -30.51 -3.90
N MET C 661 27.56 -30.18 -5.18
CA MET C 661 28.72 -29.92 -6.02
C MET C 661 28.76 -28.46 -6.40
N ASP C 662 29.94 -27.85 -6.28
CA ASP C 662 30.16 -26.47 -6.68
C ASP C 662 31.17 -26.42 -7.82
N GLU C 663 31.16 -25.29 -8.52
CA GLU C 663 31.97 -25.05 -9.72
C GLU C 663 32.03 -26.30 -10.61
N THR C 664 30.85 -26.88 -10.84
CA THR C 664 30.74 -28.08 -11.65
C THR C 664 31.19 -27.82 -13.09
N GLU C 665 31.06 -26.57 -13.55
CA GLU C 665 31.45 -26.21 -14.90
C GLU C 665 32.95 -26.39 -15.13
N ASN C 666 33.74 -26.48 -14.06
CA ASN C 666 35.19 -26.62 -14.19
C ASN C 666 35.64 -28.08 -14.07
N PHE C 667 34.71 -29.01 -13.92
CA PHE C 667 35.10 -30.39 -13.67
C PHE C 667 35.69 -31.04 -14.92
N CYS C 668 36.51 -32.06 -14.68
CA CYS C 668 37.24 -32.76 -15.72
C CYS C 668 36.82 -34.22 -15.72
N SER C 669 36.58 -34.76 -16.91
CA SER C 669 36.06 -36.13 -17.04
C SER C 669 37.15 -37.14 -17.41
N LYS C 670 38.41 -36.74 -17.38
CA LYS C 670 39.49 -37.66 -17.70
C LYS C 670 39.81 -38.60 -16.54
N TYR C 671 39.47 -38.23 -15.31
CA TYR C 671 39.71 -39.07 -14.15
C TYR C 671 38.57 -40.04 -13.86
N GLY C 672 37.53 -40.03 -14.67
CA GLY C 672 36.42 -40.95 -14.52
C GLY C 672 35.10 -40.23 -14.73
N ASN C 673 34.03 -40.91 -14.34
CA ASN C 673 32.67 -40.38 -14.48
C ASN C 673 32.21 -39.93 -13.10
N TRP C 674 32.49 -38.68 -12.77
CA TRP C 674 32.09 -38.15 -11.47
C TRP C 674 30.59 -38.02 -11.36
N TYR C 675 29.92 -37.65 -12.46
CA TYR C 675 28.46 -37.52 -12.43
C TYR C 675 27.79 -38.86 -12.19
N MET C 676 28.23 -39.91 -12.88
CA MET C 676 27.67 -41.23 -12.64
C MET C 676 27.96 -41.71 -11.22
N LYS C 677 29.17 -41.46 -10.74
CA LYS C 677 29.51 -41.86 -9.38
C LYS C 677 28.65 -41.16 -8.35
N ALA C 678 28.44 -39.85 -8.52
CA ALA C 678 27.58 -39.11 -7.61
C ALA C 678 26.14 -39.60 -7.67
N LYS C 679 25.63 -39.91 -8.86
CA LYS C 679 24.26 -40.40 -8.99
C LYS C 679 24.08 -41.75 -8.30
N ASN C 680 25.06 -42.65 -8.41
CA ASN C 680 24.94 -43.94 -7.72
C ASN C 680 24.98 -43.77 -6.21
N ILE C 681 25.76 -42.83 -5.70
CA ILE C 681 25.82 -42.64 -4.25
C ILE C 681 24.49 -42.08 -3.74
N THR C 682 23.97 -41.04 -4.39
CA THR C 682 22.76 -40.38 -3.91
C THR C 682 21.49 -41.15 -4.28
N HIS C 683 21.49 -41.81 -5.44
CA HIS C 683 20.32 -42.53 -5.94
C HIS C 683 20.74 -43.94 -6.31
N PRO C 684 21.03 -44.77 -5.31
CA PRO C 684 21.45 -46.15 -5.59
C PRO C 684 20.32 -46.97 -6.18
N LYS C 685 20.70 -47.97 -6.97
CA LYS C 685 19.76 -48.88 -7.60
C LYS C 685 19.70 -50.18 -6.82
N ALA C 686 18.48 -50.61 -6.50
CA ALA C 686 18.28 -51.86 -5.79
C ALA C 686 18.61 -53.04 -6.71
N LYS C 687 19.25 -54.06 -6.14
CA LYS C 687 19.60 -55.28 -6.85
C LYS C 687 19.22 -56.47 -5.99
N GLY C 688 18.53 -57.44 -6.58
CA GLY C 688 18.07 -58.59 -5.82
C GLY C 688 16.86 -58.35 -4.96
N THR C 689 16.20 -57.20 -5.11
CA THR C 689 15.01 -56.78 -4.35
C THR C 689 15.32 -56.93 -2.86
N GLY C 690 14.42 -57.52 -2.07
CA GLY C 690 14.67 -57.74 -0.65
C GLY C 690 14.29 -56.59 0.25
N SER C 691 14.84 -55.41 0.00
CA SER C 691 14.60 -54.24 0.83
C SER C 691 13.84 -53.18 0.05
N GLU C 692 12.69 -52.76 0.59
CA GLU C 692 11.87 -51.72 -0.01
C GLU C 692 12.09 -50.37 0.68
N ASN C 693 13.31 -50.12 1.13
CA ASN C 693 13.63 -48.89 1.86
C ASN C 693 14.70 -48.13 1.10
N LEU C 694 14.53 -48.00 -0.21
CA LEU C 694 15.49 -47.27 -1.02
C LEU C 694 15.57 -45.82 -0.57
N HIS C 695 16.79 -45.30 -0.54
CA HIS C 695 17.05 -43.95 -0.07
C HIS C 695 17.38 -43.08 -1.26
N HIS C 696 16.74 -41.93 -1.34
CA HIS C 696 16.98 -40.95 -2.39
C HIS C 696 17.60 -39.71 -1.76
N GLY C 697 18.79 -39.35 -2.23
CA GLY C 697 19.54 -38.27 -1.63
C GLY C 697 19.63 -37.06 -2.51
N ILE C 698 19.97 -35.92 -1.91
CA ILE C 698 20.12 -34.67 -2.63
C ILE C 698 21.36 -34.75 -3.51
N LEU C 699 21.22 -34.37 -4.78
CA LEU C 699 22.33 -34.22 -5.70
C LEU C 699 22.18 -32.87 -6.40
N TRP C 700 22.70 -31.82 -5.77
CA TRP C 700 22.57 -30.47 -6.29
C TRP C 700 23.89 -30.03 -6.91
N LEU C 701 23.84 -29.59 -8.17
CA LEU C 701 25.00 -29.15 -8.91
C LEU C 701 24.88 -27.65 -9.18
N PHE C 702 25.90 -26.90 -8.81
CA PHE C 702 25.94 -25.46 -9.05
C PHE C 702 26.78 -25.19 -10.29
N LEU C 703 26.15 -24.61 -11.31
CA LEU C 703 26.77 -24.40 -12.61
C LEU C 703 26.97 -22.91 -12.86
N ASP C 704 28.12 -22.57 -13.45
CA ASP C 704 28.41 -21.21 -13.87
C ASP C 704 28.85 -21.26 -15.33
N PRO C 705 27.89 -21.21 -16.25
CA PRO C 705 28.23 -21.38 -17.68
C PRO C 705 29.20 -20.37 -18.23
N PHE C 706 29.24 -19.15 -17.69
CA PHE C 706 30.09 -18.11 -18.23
C PHE C 706 31.54 -18.21 -17.78
N GLN C 707 31.86 -19.14 -16.88
CA GLN C 707 33.22 -19.25 -16.36
C GLN C 707 33.79 -20.63 -16.62
N ILE C 708 33.62 -21.13 -17.85
CA ILE C 708 34.14 -22.43 -18.27
C ILE C 708 35.41 -22.18 -19.07
N HIS C 709 36.56 -22.29 -18.42
CA HIS C 709 37.83 -22.13 -19.10
C HIS C 709 38.39 -23.50 -19.46
N HIS C 710 39.08 -23.56 -20.60
CA HIS C 710 39.55 -24.82 -21.18
C HIS C 710 38.38 -25.79 -21.34
N ALA C 711 37.40 -25.36 -22.14
CA ALA C 711 36.11 -26.04 -22.25
C ALA C 711 36.22 -27.27 -23.13
N ASP C 712 36.68 -28.36 -22.52
CA ASP C 712 36.66 -29.68 -23.13
C ASP C 712 35.41 -30.41 -22.65
N VAL C 713 35.35 -31.72 -22.90
CA VAL C 713 34.22 -32.51 -22.42
C VAL C 713 34.15 -32.41 -20.91
N ASN C 714 33.06 -31.82 -20.41
CA ASN C 714 32.95 -31.54 -18.98
C ASN C 714 32.67 -32.79 -18.16
N GLY C 715 31.97 -33.77 -18.73
CA GLY C 715 31.50 -34.92 -17.99
C GLY C 715 30.06 -34.81 -17.54
N LEU C 716 29.46 -33.63 -17.62
CA LEU C 716 28.05 -33.47 -17.34
C LEU C 716 27.22 -34.11 -18.44
N PRO C 717 25.97 -34.46 -18.14
CA PRO C 717 25.06 -34.92 -19.19
C PRO C 717 24.78 -33.79 -20.18
N PRO C 718 24.30 -34.11 -21.38
CA PRO C 718 24.00 -33.08 -22.35
C PRO C 718 22.94 -32.12 -21.83
N PRO C 719 22.91 -30.88 -22.32
CA PRO C 719 21.95 -29.90 -21.79
C PRO C 719 20.49 -30.32 -21.88
N SER C 720 20.15 -31.21 -22.83
CA SER C 720 18.78 -31.69 -22.92
C SER C 720 18.38 -32.56 -21.73
N ALA C 721 19.35 -33.10 -20.99
CA ALA C 721 19.07 -33.98 -19.86
C ALA C 721 19.35 -33.33 -18.52
N GLN C 722 19.61 -32.03 -18.48
CA GLN C 722 19.92 -31.33 -17.23
C GLN C 722 18.67 -30.75 -16.59
N PHE C 723 17.77 -31.67 -16.22
CA PHE C 723 16.49 -31.33 -15.60
C PHE C 723 16.30 -32.18 -14.35
N PRO C 724 15.60 -31.65 -13.34
CA PRO C 724 15.03 -30.30 -13.25
C PRO C 724 16.11 -29.25 -13.03
N ARG C 725 15.84 -28.00 -13.38
CA ARG C 725 16.82 -26.95 -13.30
C ARG C 725 16.25 -25.74 -12.58
N LYS C 726 17.16 -24.92 -12.06
CA LYS C 726 16.80 -23.68 -11.38
C LYS C 726 17.80 -22.61 -11.74
N THR C 727 17.32 -21.44 -12.15
CA THR C 727 18.19 -20.33 -12.47
C THR C 727 18.16 -19.33 -11.32
N ILE C 728 19.33 -18.97 -10.82
CA ILE C 728 19.46 -18.03 -9.70
C ILE C 728 20.01 -16.72 -10.24
N THR C 729 19.27 -15.64 -10.04
CA THR C 729 19.71 -14.30 -10.40
C THR C 729 19.76 -13.35 -9.22
N SER C 730 19.10 -13.68 -8.10
CA SER C 730 19.01 -12.77 -6.96
C SER C 730 20.13 -12.97 -5.96
N GLY C 731 21.31 -13.42 -6.40
CA GLY C 731 22.46 -13.54 -5.53
C GLY C 731 23.58 -12.54 -5.77
N ILE C 732 23.34 -11.48 -6.55
CA ILE C 732 24.40 -10.54 -6.89
C ILE C 732 24.72 -9.71 -5.65
N HIS C 733 25.90 -9.93 -5.09
CA HIS C 733 26.29 -9.34 -3.83
C HIS C 733 27.61 -8.59 -3.98
N CYS C 734 27.67 -7.74 -5.01
CA CYS C 734 28.87 -6.96 -5.28
C CYS C 734 28.50 -5.49 -5.46
N ALA C 735 29.46 -4.68 -5.91
CA ALA C 735 29.20 -3.27 -6.17
C ALA C 735 28.35 -3.09 -7.42
N LEU C 736 27.67 -1.94 -7.50
CA LEU C 736 26.90 -1.62 -8.69
C LEU C 736 27.79 -1.55 -9.92
N GLU C 737 28.96 -0.93 -9.78
CA GLU C 737 29.88 -0.79 -10.91
C GLU C 737 30.44 -2.14 -11.34
N ILE C 738 30.77 -3.00 -10.38
CA ILE C 738 31.29 -4.33 -10.71
C ILE C 738 30.22 -5.16 -11.43
N ALA C 739 28.98 -5.09 -10.95
CA ALA C 739 27.89 -5.80 -11.62
C ALA C 739 27.66 -5.28 -13.02
N LYS C 740 27.81 -3.96 -13.22
CA LYS C 740 27.67 -3.38 -14.54
C LYS C 740 28.75 -3.88 -15.48
N VAL C 741 29.99 -3.99 -15.00
CA VAL C 741 31.07 -4.54 -15.81
C VAL C 741 30.77 -5.98 -16.21
N MET C 742 30.30 -6.79 -15.26
CA MET C 742 29.94 -8.18 -15.59
C MET C 742 28.80 -8.24 -16.59
N LYS C 743 27.85 -7.31 -16.49
CA LYS C 743 26.76 -7.27 -17.46
C LYS C 743 27.27 -7.01 -18.88
N GLU C 744 28.21 -6.07 -19.04
CA GLU C 744 28.79 -5.82 -20.36
C GLU C 744 29.47 -7.07 -20.91
N GLU C 745 30.26 -7.74 -20.08
CA GLU C 745 30.98 -8.94 -20.53
C GLU C 745 30.02 -10.07 -20.86
N MET C 746 28.94 -10.20 -20.10
CA MET C 746 27.94 -11.22 -20.40
C MET C 746 27.28 -10.98 -21.74
N LYS C 747 26.93 -9.72 -22.02
CA LYS C 747 26.31 -9.39 -23.30
C LYS C 747 27.26 -9.68 -24.45
N ARG C 748 28.54 -9.32 -24.29
CA ARG C 748 29.54 -9.59 -25.32
C ARG C 748 29.78 -11.09 -25.48
N ILE C 749 29.61 -11.86 -24.40
CA ILE C 749 29.63 -13.31 -24.50
C ILE C 749 28.47 -13.79 -25.36
N LYS C 750 27.29 -13.23 -25.15
CA LYS C 750 26.11 -13.66 -25.88
C LYS C 750 26.15 -13.23 -27.34
N GLU C 751 26.94 -12.22 -27.68
CA GLU C 751 27.07 -11.81 -29.07
C GLU C 751 27.94 -12.77 -29.87
N ASN C 752 29.02 -13.28 -29.27
CA ASN C 752 29.93 -14.20 -29.93
C ASN C 752 30.08 -15.43 -29.04
N PRO C 753 29.12 -16.37 -29.13
CA PRO C 753 29.16 -17.53 -28.25
C PRO C 753 30.33 -18.43 -28.58
N PRO C 754 30.87 -19.15 -27.60
CA PRO C 754 31.95 -20.11 -27.88
C PRO C 754 31.44 -21.25 -28.74
N SER C 755 32.35 -21.86 -29.49
CA SER C 755 32.02 -22.91 -30.44
C SER C 755 32.14 -24.33 -29.89
N ASN C 756 32.46 -24.50 -28.61
CA ASN C 756 32.65 -25.84 -28.06
C ASN C 756 31.39 -26.41 -27.40
N MET C 757 30.29 -25.66 -27.36
CA MET C 757 29.08 -26.11 -26.70
C MET C 757 27.87 -25.47 -27.35
N SER C 758 26.71 -26.08 -27.13
CA SER C 758 25.48 -25.53 -27.67
C SER C 758 25.12 -24.24 -26.95
N PRO C 759 24.65 -23.22 -27.68
CA PRO C 759 24.27 -21.95 -27.05
C PRO C 759 22.94 -21.97 -26.31
N ASP C 760 22.31 -23.15 -26.21
CA ASP C 760 21.02 -23.25 -25.54
C ASP C 760 21.14 -22.87 -24.07
N THR C 761 22.25 -23.26 -23.42
CA THR C 761 22.42 -22.96 -22.01
C THR C 761 22.61 -21.46 -21.78
N LEU C 762 23.27 -20.76 -22.71
CA LEU C 762 23.50 -19.34 -22.54
C LEU C 762 22.28 -18.51 -22.87
N ALA C 763 21.25 -19.13 -23.44
CA ALA C 763 20.00 -18.44 -23.75
C ALA C 763 19.08 -18.33 -22.54
N LEU C 764 19.44 -18.90 -21.40
CA LEU C 764 18.65 -18.82 -20.19
C LEU C 764 19.02 -17.61 -19.34
N PHE C 765 19.96 -16.79 -19.80
CA PHE C 765 20.45 -15.65 -19.04
C PHE C 765 19.97 -14.38 -19.74
N SER C 766 19.01 -13.69 -19.12
CA SER C 766 18.44 -12.48 -19.68
C SER C 766 19.08 -11.24 -19.05
N GLU C 767 19.35 -10.23 -19.87
CA GLU C 767 20.03 -9.05 -19.37
C GLU C 767 19.11 -8.19 -18.52
N THR C 768 17.82 -8.14 -18.88
CA THR C 768 16.88 -7.34 -18.10
C THR C 768 16.76 -7.88 -16.69
N ALA C 769 16.69 -9.21 -16.54
CA ALA C 769 16.62 -9.80 -15.21
C ALA C 769 17.88 -9.52 -14.41
N TYR C 770 19.05 -9.59 -15.06
CA TYR C 770 20.29 -9.30 -14.37
C TYR C 770 20.36 -7.85 -13.92
N GLU C 771 19.90 -6.93 -14.77
CA GLU C 771 19.83 -5.52 -14.39
C GLU C 771 18.88 -5.30 -13.21
N GLU C 772 17.71 -5.96 -13.23
CA GLU C 772 16.77 -5.81 -12.12
C GLU C 772 17.37 -6.35 -10.82
N ALA C 773 18.03 -7.50 -10.90
CA ALA C 773 18.68 -8.07 -9.73
C ALA C 773 19.79 -7.18 -9.21
N THR C 774 20.60 -6.62 -10.10
CA THR C 774 21.69 -5.75 -9.69
C THR C 774 21.18 -4.51 -8.95
N SER C 775 20.13 -3.89 -9.47
CA SER C 775 19.53 -2.74 -8.79
C SER C 775 18.92 -3.14 -7.44
N ALA C 776 18.33 -4.33 -7.36
CA ALA C 776 17.67 -4.74 -6.12
C ALA C 776 18.65 -5.01 -4.99
N GLN C 777 19.84 -5.52 -5.29
CA GLN C 777 20.75 -6.00 -4.24
C GLN C 777 22.07 -5.26 -4.16
N ALA C 778 22.69 -4.91 -5.29
CA ALA C 778 24.05 -4.39 -5.26
C ALA C 778 24.09 -2.97 -4.67
N LEU C 779 25.25 -2.62 -4.13
CA LEU C 779 25.51 -1.36 -3.45
C LEU C 779 26.61 -0.57 -4.16
N PRO C 780 26.64 0.75 -4.03
CA PRO C 780 27.66 1.54 -4.73
C PRO C 780 29.08 1.16 -4.34
N GLY C 781 29.97 1.20 -5.32
CA GLY C 781 31.36 0.83 -5.11
C GLY C 781 32.32 1.48 -6.09
N VAL C 782 33.47 0.85 -6.32
CA VAL C 782 34.54 1.39 -7.13
C VAL C 782 34.95 0.36 -8.18
N CYS C 783 35.04 0.79 -9.44
CA CYS C 783 35.55 -0.06 -10.51
C CYS C 783 36.28 0.84 -11.51
N GLU C 784 37.61 0.82 -11.47
CA GLU C 784 38.45 1.65 -12.32
C GLU C 784 39.37 0.79 -13.17
N THR C 785 39.54 1.18 -14.43
CA THR C 785 40.39 0.47 -15.38
C THR C 785 41.52 1.39 -15.82
N LYS C 786 42.75 0.87 -15.80
CA LYS C 786 43.92 1.60 -16.26
C LYS C 786 44.68 0.74 -17.24
N THR C 787 45.23 1.37 -18.28
CA THR C 787 45.89 0.66 -19.36
C THR C 787 47.24 1.29 -19.65
N ASN C 788 48.09 0.51 -20.33
CA ASN C 788 49.39 0.97 -20.81
C ASN C 788 50.29 1.42 -19.66
N LEU C 789 50.57 0.47 -18.77
CA LEU C 789 51.43 0.71 -17.62
C LEU C 789 52.49 -0.38 -17.58
N THR C 790 53.73 0.01 -17.32
CA THR C 790 54.78 -0.99 -17.16
C THR C 790 54.71 -1.56 -15.73
N THR C 791 55.58 -2.52 -15.43
CA THR C 791 55.52 -3.17 -14.13
C THR C 791 55.69 -2.18 -12.99
N GLU C 792 56.61 -1.21 -13.13
CA GLU C 792 56.88 -0.28 -12.04
C GLU C 792 55.68 0.60 -11.76
N GLN C 793 55.02 1.10 -12.81
CA GLN C 793 53.83 1.95 -12.61
C GLN C 793 52.69 1.16 -11.99
N ILE C 794 52.47 -0.08 -12.43
CA ILE C 794 51.42 -0.90 -11.84
C ILE C 794 51.71 -1.16 -10.37
N ALA C 795 52.96 -1.52 -10.07
CA ALA C 795 53.32 -1.80 -8.67
C ALA C 795 53.16 -0.56 -7.80
N ASN C 796 53.59 0.60 -8.30
CA ASN C 796 53.45 1.82 -7.52
C ASN C 796 51.97 2.19 -7.33
N TYR C 797 51.16 2.01 -8.38
CA TYR C 797 49.74 2.32 -8.26
C TYR C 797 49.07 1.45 -7.21
N VAL C 798 49.37 0.14 -7.20
CA VAL C 798 48.79 -0.74 -6.20
C VAL C 798 49.26 -0.34 -4.81
N ALA C 799 50.55 -0.02 -4.66
CA ALA C 799 51.09 0.35 -3.35
C ALA C 799 50.45 1.63 -2.83
N ARG C 800 50.32 2.64 -3.68
CA ARG C 800 49.70 3.89 -3.24
C ARG C 800 48.23 3.70 -2.89
N LYS C 801 47.51 2.92 -3.69
CA LYS C 801 46.11 2.64 -3.39
C LYS C 801 45.96 1.88 -2.09
N CYS C 802 46.82 0.89 -1.85
CA CYS C 802 46.75 0.12 -0.61
C CYS C 802 47.05 0.99 0.59
N HIS C 803 48.04 1.89 0.48
CA HIS C 803 48.34 2.80 1.57
C HIS C 803 47.16 3.71 1.86
N SER C 804 46.51 4.22 0.82
CA SER C 804 45.35 5.08 1.00
C SER C 804 44.21 4.32 1.67
N LEU C 805 43.99 3.07 1.27
CA LEU C 805 42.94 2.26 1.90
C LEU C 805 43.29 1.97 3.35
N PHE C 806 44.56 1.69 3.64
CA PHE C 806 44.96 1.40 5.01
C PHE C 806 44.83 2.62 5.91
N GLN C 807 45.02 3.82 5.37
CA GLN C 807 44.79 5.03 6.15
C GLN C 807 43.31 5.21 6.47
N SER C 808 42.42 4.80 5.56
CA SER C 808 40.99 4.91 5.76
C SER C 808 40.42 3.84 6.69
N GLY C 809 41.24 2.89 7.12
CA GLY C 809 40.80 1.84 8.02
C GLY C 809 40.63 0.48 7.40
N TYR C 810 40.96 0.31 6.12
CA TYR C 810 40.86 -1.00 5.49
C TYR C 810 41.92 -1.94 6.05
N LEU C 811 41.55 -3.17 6.19
CA LEU C 811 42.51 -4.14 6.71
C LEU C 811 43.22 -4.84 5.56
N PRO C 812 44.44 -5.32 5.79
CA PRO C 812 45.16 -6.05 4.73
C PRO C 812 44.43 -7.30 4.27
N LYS C 813 43.56 -7.86 5.12
CA LYS C 813 42.75 -9.02 4.74
C LYS C 813 41.63 -8.67 3.79
N ASP C 814 41.42 -7.39 3.50
CA ASP C 814 40.41 -6.96 2.55
C ASP C 814 40.92 -6.87 1.12
N ILE C 815 42.22 -6.98 0.91
CA ILE C 815 42.84 -6.72 -0.39
C ILE C 815 43.42 -8.01 -0.96
N ALA C 816 43.10 -8.29 -2.21
CA ALA C 816 43.68 -9.42 -2.95
C ALA C 816 44.21 -8.91 -4.29
N ILE C 817 45.44 -9.29 -4.62
CA ILE C 817 46.08 -8.94 -5.89
C ILE C 817 46.16 -10.22 -6.71
N LEU C 818 45.48 -10.23 -7.86
CA LEU C 818 45.34 -11.41 -8.69
C LEU C 818 45.93 -11.16 -10.07
N CYS C 819 46.84 -12.04 -10.48
CA CYS C 819 47.47 -11.96 -11.79
C CYS C 819 46.83 -12.97 -12.74
N ARG C 820 46.69 -12.57 -14.01
CA ARG C 820 46.17 -13.50 -15.01
C ARG C 820 47.09 -14.69 -15.18
N ARG C 821 48.40 -14.44 -15.23
CA ARG C 821 49.39 -15.47 -15.51
C ARG C 821 50.09 -15.85 -14.22
N GLY C 822 50.18 -17.16 -13.97
CA GLY C 822 50.87 -17.65 -12.78
C GLY C 822 52.36 -17.44 -12.80
N GLU C 823 52.96 -17.30 -13.99
CA GLU C 823 54.40 -17.07 -14.09
C GLU C 823 54.78 -15.65 -13.71
N ASP C 824 53.83 -14.71 -13.73
CA ASP C 824 54.11 -13.34 -13.35
C ASP C 824 54.08 -13.13 -11.85
N ARG C 825 53.76 -14.17 -11.08
CA ARG C 825 53.61 -14.03 -9.64
C ARG C 825 54.90 -13.55 -8.99
N GLY C 826 56.03 -14.18 -9.33
CA GLY C 826 57.29 -13.80 -8.70
C GLY C 826 57.75 -12.40 -9.05
N ARG C 827 57.67 -12.03 -10.33
CA ARG C 827 58.10 -10.70 -10.73
C ARG C 827 57.19 -9.63 -10.13
N TYR C 828 55.88 -9.86 -10.12
CA TYR C 828 54.95 -8.93 -9.49
C TYR C 828 55.20 -8.84 -7.99
N ARG C 829 55.50 -9.97 -7.36
CA ARG C 829 55.77 -9.95 -5.92
C ARG C 829 57.00 -9.12 -5.60
N LEU C 830 58.07 -9.26 -6.37
CA LEU C 830 59.27 -8.46 -6.14
C LEU C 830 58.98 -6.98 -6.33
N ALA C 831 58.27 -6.64 -7.41
CA ALA C 831 57.96 -5.24 -7.69
C ALA C 831 57.08 -4.63 -6.60
N LEU C 832 56.07 -5.38 -6.15
CA LEU C 832 55.19 -4.89 -5.10
C LEU C 832 55.90 -4.73 -3.77
N LEU C 833 56.77 -5.68 -3.42
CA LEU C 833 57.54 -5.55 -2.18
C LEU C 833 58.42 -4.32 -2.21
N LYS C 834 59.08 -4.07 -3.34
CA LYS C 834 59.90 -2.86 -3.46
C LYS C 834 59.04 -1.60 -3.33
N ALA C 835 57.87 -1.59 -3.97
CA ALA C 835 57.02 -0.40 -3.95
C ALA C 835 56.50 -0.06 -2.55
N MET C 836 56.00 -1.07 -1.83
CA MET C 836 55.47 -0.79 -0.49
C MET C 836 56.56 -0.50 0.53
N GLU C 837 57.74 -1.09 0.36
CA GLU C 837 58.87 -0.69 1.22
C GLU C 837 59.28 0.74 0.92
N LEU C 838 59.21 1.16 -0.34
CA LEU C 838 59.57 2.52 -0.69
C LEU C 838 58.55 3.51 -0.14
N ILE C 839 57.28 3.14 -0.12
CA ILE C 839 56.22 4.07 0.29
C ILE C 839 55.95 4.05 1.80
N GLU C 840 56.37 3.01 2.50
CA GLU C 840 56.16 2.91 3.95
C GLU C 840 57.33 3.50 4.73
N THR C 841 57.56 4.80 4.51
CA THR C 841 58.63 5.52 5.18
C THR C 841 58.28 5.95 6.59
N HIS C 842 57.01 5.83 7.00
CA HIS C 842 56.59 6.24 8.34
C HIS C 842 56.47 5.08 9.31
N ARG C 843 56.31 3.85 8.82
CA ARG C 843 56.10 2.69 9.67
C ARG C 843 56.71 1.45 9.02
N PRO C 844 57.74 0.84 9.62
CA PRO C 844 58.43 -0.29 8.99
C PRO C 844 57.76 -1.64 9.27
N SER C 845 56.48 -1.73 8.95
CA SER C 845 55.76 -2.99 9.09
C SER C 845 56.27 -4.01 8.07
N GLU C 846 56.42 -5.25 8.51
CA GLU C 846 56.89 -6.33 7.64
C GLU C 846 55.71 -6.79 6.80
N VAL C 847 55.66 -6.33 5.55
CA VAL C 847 54.56 -6.67 4.65
C VAL C 847 54.81 -8.07 4.10
N VAL C 848 53.91 -8.99 4.41
CA VAL C 848 54.02 -10.39 4.01
C VAL C 848 52.86 -10.71 3.09
N PHE C 849 53.16 -11.30 1.93
CA PHE C 849 52.15 -11.69 0.97
C PHE C 849 51.80 -13.16 1.18
N SER C 850 50.55 -13.44 1.28
CA SER C 850 50.04 -14.77 1.50
C SER C 850 49.53 -15.36 0.18
N PRO C 851 49.65 -16.68 -0.01
CA PRO C 851 49.12 -17.29 -1.22
C PRO C 851 47.61 -17.39 -1.18
N ALA C 852 47.02 -17.99 -2.22
CA ALA C 852 45.57 -18.15 -2.28
C ALA C 852 45.06 -19.11 -1.21
N THR C 853 45.93 -19.86 -0.55
CA THR C 853 45.51 -20.71 0.56
C THR C 853 45.34 -19.96 1.87
N GLY C 854 45.76 -18.69 1.92
CA GLY C 854 45.67 -17.93 3.15
C GLY C 854 44.58 -16.89 3.15
N VAL C 855 43.40 -17.26 2.63
CA VAL C 855 42.30 -16.32 2.54
C VAL C 855 41.79 -15.96 3.93
N TRP C 856 41.82 -16.91 4.87
CA TRP C 856 41.38 -16.63 6.22
C TRP C 856 42.45 -15.91 7.04
N GLY C 857 43.64 -15.75 6.48
CA GLY C 857 44.70 -15.04 7.16
C GLY C 857 44.50 -13.54 7.16
N SER C 858 45.38 -12.85 7.88
CA SER C 858 45.32 -11.41 8.02
C SER C 858 46.26 -10.69 7.08
N HIS C 859 46.80 -11.38 6.08
CA HIS C 859 47.74 -10.78 5.13
C HIS C 859 47.04 -10.45 3.82
N ILE C 860 47.79 -9.80 2.93
CA ILE C 860 47.31 -9.52 1.59
C ILE C 860 47.54 -10.75 0.73
N VAL C 861 46.51 -11.20 0.02
CA VAL C 861 46.63 -12.37 -0.85
C VAL C 861 47.23 -11.94 -2.18
N LEU C 862 48.31 -12.61 -2.57
CA LEU C 862 48.94 -12.37 -3.87
C LEU C 862 49.10 -13.72 -4.55
N ASP C 863 48.27 -13.97 -5.56
CA ASP C 863 48.31 -15.21 -6.32
C ASP C 863 47.69 -14.95 -7.69
N SER C 864 47.38 -16.02 -8.41
CA SER C 864 46.77 -15.92 -9.72
C SER C 864 45.25 -15.98 -9.60
N ILE C 865 44.57 -15.63 -10.69
CA ILE C 865 43.12 -15.68 -10.73
C ILE C 865 42.63 -17.12 -10.61
N GLN C 866 43.38 -18.07 -11.19
CA GLN C 866 42.98 -19.48 -11.15
C GLN C 866 42.98 -20.00 -9.72
N GLN C 867 44.00 -19.68 -8.93
CA GLN C 867 44.10 -20.19 -7.57
C GLN C 867 43.10 -19.53 -6.63
N PHE C 868 42.45 -18.44 -7.05
CA PHE C 868 41.52 -17.70 -6.21
C PHE C 868 40.06 -17.99 -6.55
N SER C 869 39.79 -19.01 -7.37
CA SER C 869 38.43 -19.30 -7.77
C SER C 869 37.57 -19.70 -6.57
N GLY C 870 36.32 -19.23 -6.57
CA GLY C 870 35.41 -19.49 -5.49
C GLY C 870 35.61 -18.60 -4.28
N LEU C 871 36.56 -17.68 -4.32
CA LEU C 871 36.91 -16.84 -3.18
C LEU C 871 36.70 -15.38 -3.54
N GLU C 872 36.39 -14.57 -2.52
CA GLU C 872 36.11 -13.16 -2.71
C GLU C 872 36.86 -12.34 -1.67
N ARG C 873 37.21 -11.11 -2.06
CA ARG C 873 37.74 -10.12 -1.15
C ARG C 873 37.10 -8.78 -1.49
N THR C 874 37.12 -7.87 -0.52
CA THR C 874 36.47 -6.57 -0.72
C THR C 874 37.12 -5.78 -1.84
N VAL C 875 38.45 -5.78 -1.88
CA VAL C 875 39.22 -5.05 -2.88
C VAL C 875 40.07 -6.05 -3.65
N VAL C 876 40.02 -5.97 -4.98
CA VAL C 876 40.79 -6.84 -5.86
C VAL C 876 41.54 -6.01 -6.87
N PHE C 877 42.85 -6.25 -6.98
CA PHE C 877 43.67 -5.67 -8.03
C PHE C 877 43.94 -6.74 -9.09
N GLY C 878 43.46 -6.50 -10.31
CA GLY C 878 43.68 -7.44 -11.38
C GLY C 878 44.81 -7.00 -12.29
N LEU C 879 45.96 -7.67 -12.21
CA LEU C 879 47.12 -7.33 -13.03
C LEU C 879 47.18 -8.30 -14.20
N SER C 880 46.99 -7.78 -15.41
CA SER C 880 46.87 -8.60 -16.60
C SER C 880 47.72 -8.03 -17.72
N PRO C 881 48.24 -8.87 -18.60
CA PRO C 881 48.99 -8.37 -19.75
C PRO C 881 48.07 -7.83 -20.83
N GLU C 882 48.63 -7.50 -22.00
CA GLU C 882 47.84 -7.09 -23.16
C GLU C 882 47.20 -8.35 -23.78
N CYS C 883 46.18 -8.86 -23.10
CA CYS C 883 45.51 -10.08 -23.50
C CYS C 883 44.26 -9.81 -24.34
N ASP C 884 44.14 -8.62 -24.90
CA ASP C 884 43.02 -8.30 -25.78
C ASP C 884 43.08 -9.13 -27.06
N GLN C 885 41.92 -9.58 -27.52
CA GLN C 885 41.77 -10.40 -28.72
C GLN C 885 42.49 -11.74 -28.63
N SER C 886 42.94 -12.14 -27.42
CA SER C 886 43.54 -13.43 -27.18
C SER C 886 42.65 -14.31 -26.32
N GLU C 887 42.20 -13.80 -25.18
CA GLU C 887 41.21 -14.47 -24.34
C GLU C 887 40.14 -13.45 -23.98
N GLU C 888 38.98 -13.96 -23.54
CA GLU C 888 37.82 -13.12 -23.30
C GLU C 888 37.10 -13.42 -22.00
N PHE C 889 37.66 -14.25 -21.14
CA PHE C 889 37.08 -14.53 -19.83
C PHE C 889 37.69 -13.70 -18.72
N HIS C 890 38.76 -12.95 -19.01
CA HIS C 890 39.57 -12.34 -17.95
C HIS C 890 38.77 -11.32 -17.13
N LYS C 891 38.00 -10.48 -17.80
CA LYS C 891 37.31 -9.40 -17.08
C LYS C 891 36.20 -9.95 -16.21
N LEU C 892 35.44 -10.92 -16.73
CA LEU C 892 34.38 -11.55 -15.94
C LEU C 892 34.93 -12.27 -14.72
N CYS C 893 36.03 -13.01 -14.88
CA CYS C 893 36.63 -13.71 -13.74
C CYS C 893 37.16 -12.75 -12.69
N PHE C 894 37.82 -11.67 -13.11
CA PHE C 894 38.32 -10.70 -12.14
C PHE C 894 37.18 -10.03 -11.38
N ALA C 895 36.10 -9.70 -12.07
CA ALA C 895 34.97 -9.05 -11.41
C ALA C 895 34.25 -9.99 -10.45
N SER C 896 34.25 -11.28 -10.76
CA SER C 896 33.56 -12.25 -9.91
C SER C 896 34.24 -12.40 -8.54
N ARG C 897 35.50 -11.99 -8.41
CA ARG C 897 36.24 -12.14 -7.18
C ARG C 897 36.24 -10.88 -6.33
N ALA C 898 35.66 -9.79 -6.81
CA ALA C 898 35.68 -8.51 -6.11
C ALA C 898 34.29 -8.18 -5.58
N ILE C 899 34.22 -7.69 -4.35
CA ILE C 899 32.96 -7.34 -3.73
C ILE C 899 32.66 -5.85 -3.89
N LYS C 900 33.59 -4.98 -3.51
CA LYS C 900 33.32 -3.55 -3.52
C LYS C 900 34.23 -2.75 -4.43
N HIS C 901 35.51 -3.10 -4.51
CA HIS C 901 36.48 -2.37 -5.32
C HIS C 901 37.11 -3.31 -6.33
N LEU C 902 37.15 -2.88 -7.60
CA LEU C 902 37.80 -3.63 -8.66
C LEU C 902 38.71 -2.70 -9.43
N TYR C 903 40.01 -2.99 -9.43
CA TYR C 903 41.01 -2.17 -10.10
C TYR C 903 41.70 -3.03 -11.16
N LEU C 904 41.37 -2.79 -12.42
CA LEU C 904 41.93 -3.56 -13.54
C LEU C 904 43.11 -2.80 -14.13
N LEU C 905 44.31 -3.36 -14.00
CA LEU C 905 45.53 -2.77 -14.51
C LEU C 905 46.09 -3.63 -15.63
N TYR C 906 46.59 -2.99 -16.68
CA TYR C 906 47.13 -3.69 -17.84
C TYR C 906 48.59 -3.32 -18.07
N GLU C 907 49.34 -4.28 -18.60
CA GLU C 907 50.78 -4.22 -18.74
C GLU C 907 51.19 -3.92 -20.18
N LYS C 908 52.41 -3.38 -20.32
CA LYS C 908 53.02 -3.12 -21.60
C LYS C 908 54.01 -4.25 -21.94
N ARG C 909 54.59 -4.18 -23.14
CA ARG C 909 55.57 -5.15 -23.61
C ARG C 909 56.95 -4.87 -23.05
N ALA C 910 57.27 -5.48 -21.91
CA ALA C 910 58.56 -5.27 -21.27
C ALA C 910 59.56 -6.33 -21.77
N ALA C 911 60.82 -5.91 -21.86
CA ALA C 911 61.89 -6.81 -22.29
C ALA C 911 62.21 -7.82 -21.18
N TYR C 912 62.87 -8.90 -21.59
CA TYR C 912 63.27 -9.97 -20.67
C TYR C 912 64.20 -9.42 -19.59
#